data_8P3V
#
_entry.id   8P3V
#
loop_
_entity.id
_entity.type
_entity.pdbx_description
1 polymer 'Glutamate receptor 1 flip isoform'
2 polymer 'Voltage-dependent calcium channel gamma-3 subunit'
#
loop_
_entity_poly.entity_id
_entity_poly.type
_entity_poly.pdbx_seq_one_letter_code
_entity_poly.pdbx_strand_id
1 'polypeptide(L)'
;MPYIFAFFCTGFLGAVVGADYKDDDDKNFPNNIQIGGLFPNQQSQEHAAFRFALSQLTEPPKLLPQIDIVNISDSFEMTY
RFCSQFSKGVYAIFGFYERRTVNMLTSFCGALHVCFITPSFPVDTSNQFVLQLRPELQEALISIIDHYKWQTFVYIYDAD
RGLSVLQRVLDTAAEKNWQVTAVNILTTTEEGYRMLFQDLEKKKERLVVVDCESERLNAILGQIVKLEKNGIGYHYILAN
LGFMDIDLNKFKESGANVTGFQLVNYTDTIPARIMQQWRTSDSRDHTRVDWKRPKYTSALTYDGVKVMAEAFQSLRRQRI
DISRRGNAGDCLANPAVPWGQGIDIQRALQQVRFEGLTGNVQFNEKGRRTNYTLHVIEMKHDGIRKIGYWNEDDKFVPAA
TDAQAGGDNSSVQNRTYIVTTILEDPYVMLKKNANQFEGNDRYEGYCVELAAEIAKHVGYSYRLEIVSDGKYGARDPDTK
AWNGMVGELVYGRADVAVAPLTITLVREEVIDFSKPFMSLGISIMIKKPQKSKPGVFSFLDPLAYEIWMCIVFAYIGVSV
VLFLVSRFSPYEWHSEEFEEGRDQTTSDQSNEFGIFNSLWFSLGAFMQQGCDISPRSLSGRIVGGVWWFFTLIIISSYTA
NLAAFLTVERMVSPIESAEDLAKQTEIAYGTLEAGSTKEFFRRSKIAVFEKMWTYMKSAEPSVFVRTTEEGMIRVRKSKG
KYAYLLESTMNEYIEQRKPCDTMKVGGNLDSKGYGIATPKGSALRGPVNLAVLKLSEQGVLDKLKSKWWYDKGECGSKDS
GSKDKTSALSLSNVAGVFYILIGGLGLAMLVALIEFCYKSRSESKRMKGFCLIPQQSINEAIRTSTLPRNSGAGASGGGG
SGENGRVVSQDFPKSMQSIPCMSHSSGMPLGATGL
;
A,B,C,D
2 'polypeptide(L)'
;RMCDRGIQMLITTVGAFAAFSLMTIAVGTDYWLYSRGVCRTKSTSDNETSRKNEEVMTHSGLWRTCCLEGAFRGVCKKID
HFPEDADYEQDTAEYLLRAVRASSVFPILSVTLLFFGGLCVAASEFHRSRHSVILSAGIFFVSAGLSNIIGIIVYISANA
GDPGQRDSKKSYSYGWSFYFGAFSFIIAEIVGVVAVHIYIEKHQQLRARSHSELLKKSTFARLPPYRYRFRRRSSSRSTE
PRSRDLSPISKGFHTIPSTDISMFTLSRDPSKLTMGTLLNSDRDHAFLQFHNSTPKEFKESLHNNPANRRTTPV
;
E,F,G,H
#
# COMPACT_ATOMS: atom_id res chain seq x y z
N THR A 416 26.29 -43.42 46.98
CA THR A 416 25.19 -42.56 46.46
C THR A 416 25.80 -41.47 45.59
N TYR A 417 25.32 -41.36 44.35
CA TYR A 417 25.88 -40.37 43.40
C TYR A 417 25.06 -39.09 43.43
N ILE A 418 25.72 -37.97 43.17
CA ILE A 418 25.02 -36.66 43.16
C ILE A 418 24.66 -36.35 41.72
N VAL A 419 23.36 -36.34 41.43
CA VAL A 419 22.91 -36.06 40.03
C VAL A 419 22.45 -34.60 39.95
N THR A 420 23.29 -33.77 39.34
CA THR A 420 22.94 -32.34 39.22
C THR A 420 21.77 -32.16 38.24
N THR A 421 20.94 -31.17 38.51
CA THR A 421 19.75 -30.92 37.66
C THR A 421 19.42 -29.42 37.71
N ILE A 422 18.39 -29.00 36.97
CA ILE A 422 18.00 -27.57 36.96
C ILE A 422 16.47 -27.50 37.00
N LEU A 423 15.94 -26.44 37.60
CA LEU A 423 14.47 -26.27 37.66
C LEU A 423 13.98 -25.79 36.30
N GLU A 424 13.14 -26.60 35.66
CA GLU A 424 12.60 -26.23 34.34
C GLU A 424 11.34 -27.06 34.05
N ASP A 425 10.24 -26.38 33.78
CA ASP A 425 8.98 -27.08 33.46
C ASP A 425 9.09 -27.63 32.04
N PRO A 426 8.65 -28.88 31.75
CA PRO A 426 8.20 -29.85 32.75
C PRO A 426 9.26 -30.90 33.09
N TYR A 427 10.53 -30.57 32.87
CA TYR A 427 11.60 -31.58 33.06
C TYR A 427 11.74 -31.89 34.55
N VAL A 428 11.92 -30.86 35.36
CA VAL A 428 12.04 -31.06 36.83
C VAL A 428 11.26 -29.95 37.49
N MET A 429 10.37 -30.33 38.40
CA MET A 429 9.51 -29.32 39.05
C MET A 429 9.33 -29.67 40.52
N LEU A 430 9.08 -28.66 41.35
CA LEU A 430 8.78 -28.92 42.78
C LEU A 430 7.32 -29.34 42.89
N LYS A 431 7.10 -30.52 43.48
CA LYS A 431 5.73 -31.07 43.63
C LYS A 431 4.82 -30.10 44.39
N LYS A 432 3.54 -30.10 44.06
CA LYS A 432 2.57 -29.24 44.78
C LYS A 432 2.61 -29.62 46.26
N ASN A 433 2.93 -28.66 47.14
CA ASN A 433 3.14 -28.95 48.59
C ASN A 433 4.38 -29.84 48.70
N ALA A 434 5.53 -29.32 48.27
CA ALA A 434 6.81 -30.07 48.35
C ALA A 434 7.27 -30.14 49.80
N ASN A 435 6.75 -29.25 50.66
CA ASN A 435 7.15 -29.20 52.09
C ASN A 435 6.86 -30.53 52.77
N GLN A 436 5.79 -31.22 52.34
CA GLN A 436 5.41 -32.53 52.95
C GLN A 436 6.45 -33.60 52.58
N PHE A 437 7.25 -33.35 51.52
CA PHE A 437 8.25 -34.34 51.08
C PHE A 437 9.66 -33.77 51.22
N GLU A 438 10.66 -34.65 51.18
CA GLU A 438 12.07 -34.17 51.33
C GLU A 438 13.02 -34.99 50.46
N GLY A 439 14.00 -34.30 49.84
CA GLY A 439 15.02 -34.99 49.03
C GLY A 439 14.61 -35.11 47.58
N ASN A 440 15.08 -36.18 46.92
CA ASN A 440 14.77 -36.38 45.47
C ASN A 440 13.26 -36.54 45.27
N ASP A 441 12.54 -36.87 46.35
CA ASP A 441 11.08 -37.09 46.23
C ASP A 441 10.34 -35.77 46.33
N ARG A 442 11.07 -34.65 46.48
CA ARG A 442 10.41 -33.32 46.51
C ARG A 442 10.06 -32.87 45.09
N TYR A 443 10.63 -33.52 44.06
CA TYR A 443 10.44 -33.02 42.67
C TYR A 443 9.68 -33.99 41.77
N GLU A 444 9.14 -33.45 40.68
CA GLU A 444 8.45 -34.27 39.66
C GLU A 444 8.86 -33.74 38.27
N GLY A 445 8.51 -34.48 37.22
CA GLY A 445 8.79 -34.00 35.86
C GLY A 445 9.45 -35.05 35.00
N TYR A 446 9.57 -34.77 33.71
CA TYR A 446 10.12 -35.76 32.75
C TYR A 446 11.48 -36.26 33.22
N CYS A 447 12.38 -35.34 33.56
CA CYS A 447 13.78 -35.75 33.88
C CYS A 447 13.84 -36.48 35.22
N VAL A 448 12.88 -36.22 36.09
CA VAL A 448 12.86 -36.94 37.39
C VAL A 448 12.60 -38.43 37.12
N GLU A 449 11.57 -38.72 36.32
CA GLU A 449 11.25 -40.13 36.01
C GLU A 449 12.39 -40.73 35.17
N LEU A 450 13.00 -39.92 34.30
CA LEU A 450 14.11 -40.46 33.47
C LEU A 450 15.28 -40.84 34.38
N ALA A 451 15.59 -40.00 35.37
CA ALA A 451 16.69 -40.31 36.31
C ALA A 451 16.34 -41.57 37.10
N ALA A 452 15.08 -41.70 37.51
CA ALA A 452 14.65 -42.90 38.25
C ALA A 452 14.88 -44.13 37.38
N GLU A 453 14.46 -44.09 36.12
CA GLU A 453 14.56 -45.28 35.24
C GLU A 453 16.03 -45.59 34.94
N ILE A 454 16.84 -44.55 34.74
CA ILE A 454 18.28 -44.76 34.48
C ILE A 454 18.91 -45.39 35.71
N ALA A 455 18.57 -44.88 36.90
CA ALA A 455 19.13 -45.43 38.14
C ALA A 455 18.73 -46.90 38.27
N LYS A 456 17.48 -47.21 37.95
CA LYS A 456 17.00 -48.62 38.02
C LYS A 456 17.87 -49.47 37.09
N HIS A 457 18.04 -49.02 35.84
CA HIS A 457 18.76 -49.87 34.85
C HIS A 457 20.24 -49.98 35.21
N VAL A 458 20.84 -48.88 35.67
CA VAL A 458 22.30 -48.91 35.92
C VAL A 458 22.57 -49.55 37.28
N GLY A 459 21.62 -49.45 38.21
CA GLY A 459 21.80 -50.03 39.55
C GLY A 459 22.64 -49.12 40.43
N TYR A 460 22.15 -47.92 40.72
CA TYR A 460 22.88 -47.03 41.67
C TYR A 460 21.85 -46.18 42.42
N SER A 461 22.27 -45.66 43.59
CA SER A 461 21.39 -44.73 44.35
C SER A 461 21.86 -43.31 44.06
N TYR A 462 20.95 -42.34 44.13
CA TYR A 462 21.32 -40.97 43.71
C TYR A 462 20.52 -39.93 44.48
N ARG A 463 21.10 -38.74 44.61
CA ARG A 463 20.39 -37.61 45.26
C ARG A 463 20.32 -36.48 44.23
N LEU A 464 19.09 -36.03 43.91
CA LEU A 464 18.91 -34.96 42.89
C LEU A 464 19.28 -33.62 43.51
N GLU A 465 20.48 -33.14 43.17
CA GLU A 465 20.92 -31.82 43.67
C GLU A 465 20.65 -30.77 42.58
N ILE A 466 19.88 -29.76 42.93
CA ILE A 466 19.65 -28.68 41.93
C ILE A 466 20.93 -27.86 41.82
N VAL A 467 21.30 -27.52 40.58
CA VAL A 467 22.50 -26.66 40.39
C VAL A 467 22.29 -25.35 41.14
N SER A 468 23.36 -24.85 41.75
CA SER A 468 23.27 -23.63 42.58
C SER A 468 23.15 -22.38 41.70
N ASP A 469 23.96 -22.32 40.63
CA ASP A 469 23.99 -21.12 39.75
C ASP A 469 22.63 -20.94 39.08
N GLY A 470 21.91 -22.04 38.85
CA GLY A 470 20.63 -21.96 38.11
C GLY A 470 20.88 -21.76 36.63
N LYS A 471 22.12 -22.01 36.18
CA LYS A 471 22.49 -21.85 34.76
C LYS A 471 22.81 -23.23 34.18
N TYR A 472 22.57 -23.39 32.87
CA TYR A 472 22.78 -24.72 32.25
C TYR A 472 24.28 -25.01 32.22
N GLY A 473 25.06 -24.11 31.63
CA GLY A 473 26.48 -24.41 31.50
C GLY A 473 27.15 -23.61 30.41
N ALA A 474 28.30 -23.03 30.73
CA ALA A 474 29.04 -22.22 29.75
C ALA A 474 30.44 -21.95 30.29
N ARG A 475 31.40 -21.78 29.38
CA ARG A 475 32.78 -21.47 29.77
C ARG A 475 32.93 -19.96 29.62
N ASP A 476 33.11 -19.25 30.74
CA ASP A 476 33.29 -17.78 30.69
C ASP A 476 34.60 -17.52 29.94
N PRO A 477 34.60 -16.82 28.79
CA PRO A 477 35.81 -16.68 27.97
C PRO A 477 36.99 -16.01 28.70
N ASP A 478 36.69 -15.18 29.70
CA ASP A 478 37.74 -14.44 30.45
C ASP A 478 38.37 -15.39 31.49
N THR A 479 37.57 -15.92 32.40
CA THR A 479 38.11 -16.75 33.51
C THR A 479 38.37 -18.19 33.04
N LYS A 480 37.73 -18.61 31.94
CA LYS A 480 37.85 -20.01 31.41
C LYS A 480 37.25 -20.98 32.44
N ALA A 481 36.30 -20.47 33.22
CA ALA A 481 35.64 -21.31 34.25
C ALA A 481 34.28 -21.78 33.73
N TRP A 482 34.02 -23.07 33.90
CA TRP A 482 32.69 -23.63 33.56
C TRP A 482 31.74 -23.38 34.73
N ASN A 483 30.54 -22.91 34.41
CA ASN A 483 29.55 -22.64 35.50
C ASN A 483 28.33 -23.52 35.27
N GLY A 484 27.44 -23.55 36.25
CA GLY A 484 26.19 -24.31 36.08
C GLY A 484 26.41 -25.80 36.18
N MET A 485 25.55 -26.56 35.50
CA MET A 485 25.61 -28.04 35.60
C MET A 485 26.91 -28.58 35.01
N VAL A 486 27.39 -27.99 33.92
CA VAL A 486 28.62 -28.51 33.28
C VAL A 486 29.78 -28.29 34.24
N GLY A 487 29.83 -27.12 34.87
CA GLY A 487 30.87 -26.86 35.87
C GLY A 487 30.76 -27.83 37.03
N GLU A 488 29.54 -28.07 37.51
CA GLU A 488 29.34 -29.04 38.62
C GLU A 488 29.88 -30.41 38.20
N LEU A 489 29.68 -30.80 36.94
CA LEU A 489 30.12 -32.14 36.50
C LEU A 489 31.64 -32.18 36.39
N VAL A 490 32.23 -31.18 35.75
CA VAL A 490 33.70 -31.22 35.49
C VAL A 490 34.49 -31.18 36.80
N TYR A 491 34.10 -30.31 37.72
CA TYR A 491 34.92 -30.11 38.95
C TYR A 491 34.76 -31.27 39.93
N GLY A 492 33.81 -32.18 39.68
CA GLY A 492 33.70 -33.38 40.54
C GLY A 492 32.57 -33.31 41.54
N ARG A 493 31.90 -32.15 41.65
CA ARG A 493 30.83 -31.97 42.67
C ARG A 493 29.62 -32.83 42.31
N ALA A 494 29.50 -33.23 41.03
CA ALA A 494 28.38 -34.08 40.60
C ALA A 494 28.89 -35.22 39.71
N ASP A 495 28.15 -36.32 39.70
CA ASP A 495 28.58 -37.53 38.94
C ASP A 495 27.73 -37.72 37.69
N VAL A 496 26.52 -37.17 37.67
CA VAL A 496 25.64 -37.26 36.47
C VAL A 496 24.84 -35.97 36.34
N ALA A 497 24.38 -35.67 35.12
CA ALA A 497 23.45 -34.53 34.93
C ALA A 497 22.26 -35.05 34.12
N VAL A 498 21.06 -34.97 34.69
CA VAL A 498 19.88 -35.55 33.97
C VAL A 498 18.93 -34.41 33.63
N ALA A 499 19.49 -33.25 33.29
CA ALA A 499 18.65 -32.11 32.93
C ALA A 499 18.48 -32.04 31.41
N PRO A 500 17.60 -31.17 30.87
CA PRO A 500 17.54 -30.97 29.43
C PRO A 500 18.82 -30.25 28.97
N LEU A 501 19.93 -30.98 28.98
CA LEU A 501 21.23 -30.36 28.66
C LEU A 501 21.57 -30.63 27.20
N THR A 502 21.67 -29.57 26.42
CA THR A 502 21.90 -29.75 24.97
C THR A 502 23.28 -30.33 24.70
N ILE A 503 23.35 -31.22 23.70
CA ILE A 503 24.67 -31.76 23.29
C ILE A 503 25.35 -30.73 22.40
N THR A 504 26.50 -30.22 22.84
CA THR A 504 27.23 -29.22 22.04
C THR A 504 28.70 -29.65 21.93
N LEU A 505 29.38 -29.14 20.92
CA LEU A 505 30.81 -29.53 20.69
C LEU A 505 31.65 -29.08 21.87
N VAL A 506 31.46 -27.85 22.34
CA VAL A 506 32.31 -27.30 23.44
C VAL A 506 32.12 -28.18 24.69
N ARG A 507 30.90 -28.61 24.93
CA ARG A 507 30.64 -29.41 26.15
C ARG A 507 31.19 -30.82 25.94
N GLU A 508 31.08 -31.34 24.73
CA GLU A 508 31.53 -32.74 24.48
C GLU A 508 33.06 -32.83 24.69
N GLU A 509 33.75 -31.70 24.57
CA GLU A 509 35.23 -31.69 24.77
C GLU A 509 35.58 -31.83 26.25
N VAL A 510 34.63 -31.59 27.16
CA VAL A 510 34.98 -31.56 28.61
C VAL A 510 34.14 -32.56 29.42
N ILE A 511 32.97 -32.95 28.89
CA ILE A 511 32.11 -33.94 29.59
C ILE A 511 31.64 -34.96 28.55
N ASP A 512 31.26 -36.14 29.03
CA ASP A 512 30.77 -37.18 28.10
C ASP A 512 29.25 -37.12 28.01
N PHE A 513 28.72 -37.29 26.80
CA PHE A 513 27.25 -37.33 26.63
C PHE A 513 26.81 -38.70 26.12
N SER A 514 25.62 -39.12 26.54
CA SER A 514 25.06 -40.37 25.99
C SER A 514 24.35 -40.05 24.67
N LYS A 515 23.74 -41.04 24.06
CA LYS A 515 22.94 -40.76 22.85
C LYS A 515 21.79 -39.83 23.25
N PRO A 516 21.34 -38.92 22.37
CA PRO A 516 20.28 -37.99 22.75
C PRO A 516 19.00 -38.73 23.13
N PHE A 517 18.32 -38.22 24.16
CA PHE A 517 17.04 -38.84 24.57
C PHE A 517 15.86 -37.94 24.16
N MET A 518 16.14 -36.85 23.46
CA MET A 518 15.03 -36.00 22.97
C MET A 518 15.57 -35.07 21.89
N SER A 519 14.79 -34.87 20.82
CA SER A 519 15.23 -33.97 19.72
C SER A 519 14.60 -32.59 19.91
N LEU A 520 15.20 -31.58 19.29
CA LEU A 520 14.66 -30.19 19.42
C LEU A 520 15.40 -29.26 18.48
N GLY A 521 15.01 -27.99 18.47
CA GLY A 521 15.75 -26.98 17.72
C GLY A 521 15.50 -25.61 18.33
N ILE A 522 16.30 -24.64 17.93
CA ILE A 522 16.02 -23.27 18.42
C ILE A 522 14.77 -22.77 17.70
N SER A 523 13.87 -22.16 18.46
CA SER A 523 12.60 -21.70 17.85
C SER A 523 12.21 -20.33 18.40
N ILE A 524 11.34 -19.63 17.66
CA ILE A 524 10.93 -18.26 18.05
C ILE A 524 9.58 -18.32 18.75
N MET A 525 9.48 -17.64 19.88
CA MET A 525 8.21 -17.57 20.63
C MET A 525 7.74 -16.12 20.61
N ILE A 526 6.50 -15.90 20.20
CA ILE A 526 5.95 -14.53 20.09
C ILE A 526 4.60 -14.50 20.79
N LYS A 527 4.29 -13.38 21.43
CA LYS A 527 2.94 -13.27 22.03
C LYS A 527 1.95 -13.67 20.92
N LYS A 528 1.13 -14.67 21.21
CA LYS A 528 0.09 -15.06 20.25
C LYS A 528 -0.92 -13.92 20.10
N PRO A 529 -1.12 -12.99 21.06
CA PRO A 529 -2.18 -11.98 20.94
C PRO A 529 -1.90 -11.24 19.62
N LYS A 533 -10.01 -4.84 18.86
CA LYS A 533 -11.40 -4.36 19.01
C LYS A 533 -11.55 -3.05 18.25
N PRO A 534 -12.65 -2.82 17.52
CA PRO A 534 -12.80 -1.62 16.71
C PRO A 534 -12.90 -0.35 17.56
N GLY A 535 -13.94 -0.23 18.38
CA GLY A 535 -14.14 1.01 19.15
C GLY A 535 -15.40 1.72 18.67
N VAL A 536 -16.47 1.66 19.45
CA VAL A 536 -17.77 2.22 19.00
C VAL A 536 -17.54 3.40 18.06
N PHE A 537 -16.80 4.43 18.48
CA PHE A 537 -16.72 5.64 17.63
C PHE A 537 -15.44 5.64 16.80
N SER A 538 -15.05 4.47 16.32
CA SER A 538 -13.82 4.36 15.50
C SER A 538 -13.97 5.06 14.16
N PHE A 539 -15.19 5.39 13.75
CA PHE A 539 -15.37 6.02 12.43
C PHE A 539 -14.85 7.46 12.46
N LEU A 540 -14.57 7.99 13.65
CA LEU A 540 -13.97 9.34 13.74
C LEU A 540 -12.45 9.28 13.63
N ASP A 541 -11.87 8.10 13.56
CA ASP A 541 -10.39 7.99 13.59
C ASP A 541 -9.71 8.74 12.45
N PRO A 542 -10.15 8.69 11.17
CA PRO A 542 -9.37 9.34 10.12
C PRO A 542 -9.04 10.82 10.38
N LEU A 543 -9.90 11.53 11.11
CA LEU A 543 -9.62 12.95 11.43
C LEU A 543 -9.45 13.08 12.94
N ALA A 544 -8.56 13.98 13.34
CA ALA A 544 -8.25 14.11 14.77
C ALA A 544 -9.37 14.82 15.51
N TYR A 545 -9.18 14.99 16.81
CA TYR A 545 -10.19 15.69 17.63
C TYR A 545 -10.32 17.13 17.15
N GLU A 546 -9.21 17.80 16.89
CA GLU A 546 -9.28 19.25 16.56
C GLU A 546 -10.08 19.49 15.29
N ILE A 547 -9.95 18.62 14.31
CA ILE A 547 -10.65 18.87 13.02
C ILE A 547 -12.15 18.74 13.25
N TRP A 548 -12.58 17.73 13.98
CA TRP A 548 -14.03 17.51 14.19
C TRP A 548 -14.63 18.70 14.94
N MET A 549 -13.93 19.20 15.94
CA MET A 549 -14.51 20.31 16.73
C MET A 549 -14.42 21.62 15.94
N CYS A 550 -13.43 21.76 15.07
CA CYS A 550 -13.33 22.98 14.26
C CYS A 550 -14.32 22.93 13.11
N ILE A 551 -14.71 21.75 12.65
CA ILE A 551 -15.76 21.66 11.61
C ILE A 551 -17.07 22.18 12.18
N VAL A 552 -17.37 21.84 13.42
CA VAL A 552 -18.62 22.34 14.04
C VAL A 552 -18.53 23.86 14.20
N PHE A 553 -17.38 24.36 14.64
CA PHE A 553 -17.22 25.82 14.79
C PHE A 553 -17.34 26.51 13.44
N ALA A 554 -16.75 25.94 12.41
CA ALA A 554 -16.91 26.51 11.06
C ALA A 554 -18.37 26.42 10.62
N TYR A 555 -19.04 25.36 10.98
CA TYR A 555 -20.45 25.20 10.60
C TYR A 555 -21.31 26.27 11.27
N ILE A 556 -21.04 26.58 12.52
CA ILE A 556 -21.81 27.65 13.21
C ILE A 556 -21.47 29.00 12.59
N GLY A 557 -20.21 29.26 12.33
CA GLY A 557 -19.83 30.57 11.79
C GLY A 557 -20.36 30.80 10.40
N VAL A 558 -20.31 29.78 9.55
CA VAL A 558 -20.77 29.94 8.16
C VAL A 558 -22.26 30.22 8.14
N SER A 559 -23.02 29.50 8.96
CA SER A 559 -24.49 29.68 8.96
C SER A 559 -24.86 31.09 9.41
N VAL A 560 -24.20 31.59 10.45
CA VAL A 560 -24.55 32.93 10.97
C VAL A 560 -24.12 34.01 9.96
N VAL A 561 -22.94 33.85 9.38
CA VAL A 561 -22.47 34.84 8.38
C VAL A 561 -23.40 34.83 7.17
N LEU A 562 -23.80 33.65 6.72
CA LEU A 562 -24.72 33.58 5.57
C LEU A 562 -26.06 34.22 5.92
N PHE A 563 -26.55 33.98 7.12
CA PHE A 563 -27.80 34.62 7.55
C PHE A 563 -27.63 36.13 7.64
N LEU A 564 -26.50 36.57 8.16
CA LEU A 564 -26.29 38.03 8.35
C LEU A 564 -26.27 38.74 7.00
N VAL A 565 -25.58 38.18 6.02
CA VAL A 565 -25.43 38.89 4.72
C VAL A 565 -26.67 38.73 3.85
N SER A 566 -27.57 37.81 4.21
CA SER A 566 -28.76 37.55 3.37
C SER A 566 -30.02 38.14 3.99
N ARG A 567 -29.92 38.80 5.13
CA ARG A 567 -31.15 39.30 5.79
C ARG A 567 -31.02 40.77 6.14
N PHE A 568 -29.82 41.22 6.48
CA PHE A 568 -29.69 42.62 6.97
C PHE A 568 -29.85 43.63 5.83
N SER A 569 -29.85 43.19 4.59
CA SER A 569 -29.95 44.15 3.46
C SER A 569 -31.42 44.48 3.20
N PRO A 570 -31.90 45.72 3.40
CA PRO A 570 -33.27 46.07 3.02
C PRO A 570 -33.64 45.75 1.56
N TYR A 571 -32.67 45.86 0.64
CA TYR A 571 -32.97 45.61 -0.78
C TYR A 571 -33.38 44.16 -0.98
N GLU A 572 -32.66 43.24 -0.33
CA GLU A 572 -33.02 41.80 -0.42
C GLU A 572 -34.24 41.48 0.45
N TRP A 573 -34.31 42.05 1.66
CA TRP A 573 -35.43 41.75 2.56
C TRP A 573 -35.50 42.80 3.68
N GLU A 592 -35.91 34.16 2.82
CA GLU A 592 -35.95 32.68 2.93
C GLU A 592 -34.73 32.22 3.71
N PHE A 593 -33.69 33.03 3.75
CA PHE A 593 -32.44 32.64 4.42
C PHE A 593 -32.43 33.13 5.86
N GLY A 594 -33.41 32.69 6.63
CA GLY A 594 -33.41 33.02 8.05
C GLY A 594 -32.34 32.27 8.80
N ILE A 595 -32.43 32.29 10.11
CA ILE A 595 -31.41 31.58 10.93
C ILE A 595 -31.63 30.08 10.78
N PHE A 596 -32.87 29.64 10.68
CA PHE A 596 -33.13 28.18 10.63
C PHE A 596 -32.69 27.61 9.28
N ASN A 597 -33.04 28.27 8.19
CA ASN A 597 -32.70 27.72 6.87
C ASN A 597 -31.20 27.83 6.59
N SER A 598 -30.55 28.86 7.14
CA SER A 598 -29.09 28.99 6.95
C SER A 598 -28.37 27.79 7.59
N LEU A 599 -28.83 27.39 8.77
CA LEU A 599 -28.23 26.20 9.42
C LEU A 599 -28.55 24.95 8.59
N TRP A 600 -29.74 24.87 8.04
CA TRP A 600 -30.13 23.69 7.25
C TRP A 600 -29.35 23.65 5.94
N PHE A 601 -29.20 24.77 5.28
CA PHE A 601 -28.46 24.79 4.00
C PHE A 601 -27.00 24.43 4.22
N SER A 602 -26.40 24.96 5.27
CA SER A 602 -24.98 24.68 5.55
C SER A 602 -24.78 23.19 5.83
N LEU A 603 -25.68 22.60 6.62
CA LEU A 603 -25.54 21.15 6.93
C LEU A 603 -25.73 20.34 5.65
N GLY A 604 -26.68 20.71 4.83
CA GLY A 604 -26.91 19.96 3.58
C GLY A 604 -25.73 20.06 2.64
N ALA A 605 -25.10 21.23 2.59
CA ALA A 605 -23.94 21.40 1.68
C ALA A 605 -22.77 20.57 2.18
N PHE A 606 -22.60 20.48 3.49
CA PHE A 606 -21.46 19.72 4.04
C PHE A 606 -21.65 18.23 3.80
N MET A 607 -22.88 17.75 3.84
CA MET A 607 -23.13 16.31 3.57
C MET A 607 -23.31 16.06 2.08
N GLN A 608 -23.16 17.08 1.25
CA GLN A 608 -23.24 16.94 -0.22
C GLN A 608 -24.59 16.36 -0.65
N GLN A 609 -25.64 16.69 0.10
CA GLN A 609 -26.98 16.15 -0.21
C GLN A 609 -27.88 17.20 -0.85
N GLY A 610 -27.32 18.35 -1.22
CA GLY A 610 -28.15 19.37 -1.86
C GLY A 610 -29.02 20.11 -0.87
N CYS A 611 -29.82 21.04 -1.36
CA CYS A 611 -30.67 21.83 -0.45
C CYS A 611 -31.87 22.37 -1.23
N ASP A 612 -32.90 22.78 -0.51
CA ASP A 612 -34.13 23.28 -1.15
C ASP A 612 -33.86 24.59 -1.89
N ILE A 613 -32.98 25.43 -1.35
CA ILE A 613 -32.73 26.76 -1.96
C ILE A 613 -31.22 27.00 -2.05
N SER A 614 -30.85 27.95 -2.90
CA SER A 614 -29.42 28.29 -3.08
C SER A 614 -29.27 29.79 -2.97
N PRO A 615 -28.15 30.30 -2.43
CA PRO A 615 -28.00 31.72 -2.28
C PRO A 615 -28.04 32.44 -3.63
N ARG A 616 -28.62 33.63 -3.64
CA ARG A 616 -28.77 34.38 -4.91
C ARG A 616 -27.92 35.64 -4.95
N SER A 617 -27.73 36.29 -3.82
CA SER A 617 -26.94 37.54 -3.79
C SER A 617 -25.46 37.25 -3.99
N LEU A 618 -24.70 38.26 -4.37
CA LEU A 618 -23.24 38.07 -4.52
C LEU A 618 -22.60 37.80 -3.16
N SER A 619 -23.05 38.50 -2.13
CA SER A 619 -22.49 38.30 -0.78
C SER A 619 -22.81 36.88 -0.31
N GLY A 620 -24.03 36.44 -0.53
CA GLY A 620 -24.42 35.10 -0.07
C GLY A 620 -23.73 34.02 -0.86
N ARG A 621 -23.55 34.23 -2.16
CA ARG A 621 -22.96 33.17 -3.00
C ARG A 621 -21.48 32.99 -2.68
N ILE A 622 -20.82 34.03 -2.21
CA ILE A 622 -19.40 33.88 -1.81
C ILE A 622 -19.31 32.95 -0.61
N VAL A 623 -20.20 33.12 0.37
CA VAL A 623 -20.16 32.23 1.56
C VAL A 623 -20.42 30.78 1.14
N GLY A 624 -21.39 30.58 0.27
CA GLY A 624 -21.65 29.21 -0.20
C GLY A 624 -20.48 28.67 -1.00
N GLY A 625 -19.79 29.52 -1.73
CA GLY A 625 -18.69 29.05 -2.57
C GLY A 625 -17.54 28.50 -1.75
N VAL A 626 -17.14 29.23 -0.71
CA VAL A 626 -15.99 28.75 0.09
C VAL A 626 -16.43 27.56 0.93
N TRP A 627 -17.67 27.56 1.40
CA TRP A 627 -18.17 26.41 2.18
C TRP A 627 -18.21 25.16 1.30
N TRP A 628 -18.59 25.30 0.04
CA TRP A 628 -18.57 24.15 -0.88
C TRP A 628 -17.14 23.66 -1.07
N PHE A 629 -16.21 24.56 -1.26
CA PHE A 629 -14.81 24.16 -1.44
C PHE A 629 -14.27 23.54 -0.15
N PHE A 630 -14.65 24.08 0.99
CA PHE A 630 -14.20 23.51 2.27
C PHE A 630 -14.73 22.09 2.43
N THR A 631 -15.97 21.88 2.06
CA THR A 631 -16.57 20.54 2.19
C THR A 631 -15.85 19.56 1.27
N LEU A 632 -15.52 19.98 0.08
CA LEU A 632 -14.90 19.05 -0.90
C LEU A 632 -13.54 18.59 -0.39
N ILE A 633 -12.77 19.50 0.20
CA ILE A 633 -11.42 19.13 0.67
C ILE A 633 -11.53 18.23 1.90
N ILE A 634 -12.43 18.54 2.81
CA ILE A 634 -12.50 17.77 4.07
C ILE A 634 -13.02 16.36 3.79
N ILE A 635 -14.09 16.25 3.02
CA ILE A 635 -14.68 14.91 2.78
C ILE A 635 -13.69 14.06 1.97
N SER A 636 -13.02 14.65 0.99
CA SER A 636 -12.01 13.90 0.24
C SER A 636 -10.88 13.46 1.18
N SER A 637 -10.52 14.32 2.11
CA SER A 637 -9.46 13.98 3.07
C SER A 637 -9.91 12.81 3.95
N TYR A 638 -11.16 12.81 4.36
CA TYR A 638 -11.65 11.73 5.25
C TYR A 638 -11.66 10.40 4.50
N THR A 639 -12.13 10.40 3.26
CA THR A 639 -12.16 9.15 2.48
C THR A 639 -10.73 8.69 2.18
N ALA A 640 -9.85 9.63 1.83
CA ALA A 640 -8.47 9.23 1.46
C ALA A 640 -7.74 8.71 2.69
N ASN A 641 -7.89 9.36 3.82
CA ASN A 641 -7.20 8.90 5.04
C ASN A 641 -7.75 7.55 5.50
N LEU A 642 -9.05 7.34 5.35
CA LEU A 642 -9.61 6.02 5.73
C LEU A 642 -9.04 4.93 4.83
N ALA A 643 -8.85 5.22 3.55
CA ALA A 643 -8.27 4.23 2.63
C ALA A 643 -6.84 3.90 3.07
N ALA A 644 -6.07 4.91 3.43
CA ALA A 644 -4.70 4.65 3.93
C ALA A 644 -4.78 3.92 5.27
N PHE A 645 -5.77 4.24 6.07
CA PHE A 645 -5.93 3.59 7.38
C PHE A 645 -6.22 2.10 7.20
N LEU A 646 -6.97 1.74 6.16
CA LEU A 646 -7.39 0.33 6.04
C LEU A 646 -6.48 -0.40 5.05
N THR A 647 -5.48 0.28 4.50
CA THR A 647 -4.53 -0.45 3.62
C THR A 647 -3.36 -0.86 4.47
N VAL A 648 -2.69 0.11 5.10
CA VAL A 648 -1.50 -0.21 5.91
C VAL A 648 -1.94 -1.14 7.04
N GLU A 649 -3.22 -1.13 7.40
CA GLU A 649 -3.69 -2.10 8.42
C GLU A 649 -3.60 -3.46 7.76
N ARG A 650 -4.02 -3.56 6.50
CA ARG A 650 -3.78 -4.82 5.75
C ARG A 650 -2.30 -4.75 5.40
N MET A 651 -1.84 -5.58 4.48
CA MET A 651 -0.41 -5.41 4.10
C MET A 651 0.42 -5.12 5.35
N VAL A 652 0.19 -5.86 6.44
CA VAL A 652 1.03 -5.68 7.66
C VAL A 652 2.07 -6.79 7.71
N SER A 653 1.64 -8.03 7.43
CA SER A 653 2.57 -9.20 7.42
C SER A 653 2.87 -9.66 8.85
N PRO A 654 2.77 -10.97 9.17
CA PRO A 654 3.11 -11.45 10.50
C PRO A 654 4.64 -11.50 10.65
N ILE A 655 5.24 -12.69 10.59
CA ILE A 655 6.71 -12.81 10.83
C ILE A 655 7.23 -14.12 10.20
N GLU A 656 6.69 -15.26 10.61
CA GLU A 656 7.20 -16.55 10.11
C GLU A 656 8.72 -16.46 9.99
N SER A 657 9.42 -16.45 11.13
CA SER A 657 10.90 -16.38 11.13
C SER A 657 11.36 -15.02 10.62
N ALA A 658 10.69 -13.95 11.07
CA ALA A 658 11.14 -12.57 10.72
C ALA A 658 12.66 -12.50 10.87
N GLU A 659 13.26 -13.44 11.61
CA GLU A 659 14.74 -13.51 11.69
C GLU A 659 15.29 -13.16 10.32
N ASP A 660 14.54 -13.44 9.25
CA ASP A 660 14.97 -12.99 7.90
C ASP A 660 15.55 -11.60 8.09
N LEU A 661 14.73 -10.67 8.58
CA LEU A 661 15.25 -9.33 8.92
C LEU A 661 15.38 -9.30 10.43
N ALA A 662 15.59 -10.49 11.01
CA ALA A 662 15.75 -10.60 12.47
C ALA A 662 14.60 -9.85 13.13
N LYS A 663 14.86 -9.22 14.27
CA LYS A 663 13.79 -8.42 14.94
C LYS A 663 13.10 -7.60 13.85
N GLN A 664 13.89 -6.96 12.98
CA GLN A 664 13.30 -6.05 11.96
C GLN A 664 12.38 -5.08 12.70
N THR A 665 12.44 -5.04 14.03
CA THR A 665 11.48 -4.21 14.78
C THR A 665 11.71 -4.33 16.29
N GLU A 666 10.79 -3.76 17.07
CA GLU A 666 10.95 -3.74 18.55
C GLU A 666 10.39 -5.03 19.18
N ILE A 667 10.53 -6.17 18.49
CA ILE A 667 10.11 -7.43 19.14
C ILE A 667 11.31 -7.91 19.96
N ALA A 668 12.16 -6.97 20.38
CA ALA A 668 13.37 -7.30 21.19
C ALA A 668 13.51 -8.82 21.34
N TYR A 669 14.27 -9.45 20.46
CA TYR A 669 14.48 -10.91 20.61
C TYR A 669 15.67 -11.13 21.54
N GLY A 670 15.47 -12.01 22.51
CA GLY A 670 16.56 -12.34 23.45
C GLY A 670 16.79 -13.83 23.55
N THR A 671 17.65 -14.22 24.49
CA THR A 671 17.92 -15.66 24.70
C THR A 671 18.12 -15.85 26.20
N LEU A 672 18.32 -17.09 26.64
CA LEU A 672 18.63 -17.31 28.06
C LEU A 672 20.13 -17.19 28.23
N GLU A 673 20.55 -16.57 29.33
CA GLU A 673 22.01 -16.37 29.58
C GLU A 673 22.65 -17.69 30.00
N ALA A 674 23.83 -17.97 29.46
CA ALA A 674 24.58 -19.20 29.79
C ALA A 674 23.79 -20.44 29.36
N GLY A 675 23.25 -20.39 28.14
CA GLY A 675 22.55 -21.56 27.59
C GLY A 675 23.13 -21.95 26.23
N SER A 676 22.73 -23.11 25.72
CA SER A 676 23.29 -23.57 24.43
C SER A 676 22.84 -22.64 23.30
N THR A 677 21.69 -22.00 23.46
CA THR A 677 21.18 -21.11 22.39
C THR A 677 22.06 -19.86 22.32
N LYS A 678 22.41 -19.29 23.47
CA LYS A 678 23.30 -18.11 23.49
C LYS A 678 24.64 -18.49 22.85
N GLU A 679 25.17 -19.65 23.24
CA GLU A 679 26.48 -20.11 22.71
C GLU A 679 26.35 -20.38 21.21
N PHE A 680 25.20 -20.89 20.79
CA PHE A 680 24.98 -21.18 19.35
C PHE A 680 25.03 -19.87 18.58
N PHE A 681 24.40 -18.83 19.13
CA PHE A 681 24.36 -17.53 18.44
C PHE A 681 25.73 -16.88 18.47
N ARG A 682 26.44 -17.01 19.59
CA ARG A 682 27.77 -16.37 19.72
C ARG A 682 28.71 -16.93 18.67
N ARG A 683 28.78 -18.27 18.55
CA ARG A 683 29.78 -18.90 17.67
C ARG A 683 29.24 -19.13 16.26
N SER A 684 28.17 -18.43 15.88
CA SER A 684 27.59 -18.71 14.54
C SER A 684 28.36 -17.95 13.46
N LYS A 685 28.34 -18.48 12.23
CA LYS A 685 29.03 -17.82 11.09
C LYS A 685 28.02 -17.64 9.96
N ILE A 686 26.75 -17.99 10.19
CA ILE A 686 25.70 -17.76 9.16
C ILE A 686 25.36 -16.26 9.19
N ALA A 687 25.16 -15.67 8.02
CA ALA A 687 24.95 -14.20 7.93
C ALA A 687 23.83 -13.76 8.88
N VAL A 688 22.68 -14.40 8.78
CA VAL A 688 21.50 -14.00 9.61
C VAL A 688 21.86 -14.15 11.08
N PHE A 689 22.50 -15.27 11.44
CA PHE A 689 22.76 -15.53 12.86
C PHE A 689 23.85 -14.58 13.36
N GLU A 690 24.83 -14.28 12.52
CA GLU A 690 25.89 -13.32 12.92
C GLU A 690 25.25 -11.96 13.14
N LYS A 691 24.34 -11.55 12.25
CA LYS A 691 23.63 -10.26 12.39
C LYS A 691 22.86 -10.28 13.72
N MET A 692 22.19 -11.39 13.99
CA MET A 692 21.36 -11.48 15.22
C MET A 692 22.28 -11.37 16.44
N TRP A 693 23.44 -12.03 16.38
CA TRP A 693 24.33 -12.03 17.56
C TRP A 693 24.90 -10.64 17.77
N THR A 694 25.31 -9.99 16.69
CA THR A 694 25.92 -8.65 16.82
C THR A 694 24.87 -7.73 17.45
N TYR A 695 23.61 -7.90 17.05
CA TYR A 695 22.54 -7.09 17.67
C TYR A 695 22.38 -7.47 19.13
N MET A 696 22.28 -8.78 19.42
CA MET A 696 21.94 -9.21 20.80
C MET A 696 23.04 -8.82 21.78
N LYS A 697 24.29 -8.94 21.36
CA LYS A 697 25.40 -8.67 22.31
C LYS A 697 25.43 -7.18 22.66
N SER A 698 25.17 -6.32 21.66
CA SER A 698 25.33 -4.86 21.90
C SER A 698 24.04 -4.22 22.40
N ALA A 699 22.90 -4.85 22.13
CA ALA A 699 21.61 -4.21 22.48
C ALA A 699 21.52 -3.90 23.96
N GLU A 700 20.95 -2.73 24.28
CA GLU A 700 20.79 -2.30 25.70
C GLU A 700 19.36 -1.75 25.86
N PRO A 701 18.56 -2.15 26.87
CA PRO A 701 18.99 -3.04 27.94
C PRO A 701 19.20 -4.49 27.46
N SER A 702 19.87 -5.30 28.29
CA SER A 702 20.16 -6.70 27.92
C SER A 702 18.88 -7.40 27.46
N VAL A 703 18.91 -7.94 26.25
CA VAL A 703 17.73 -8.70 25.73
C VAL A 703 17.70 -10.04 26.46
N PHE A 704 18.85 -10.49 26.93
CA PHE A 704 18.95 -11.84 27.55
C PHE A 704 18.15 -11.89 28.84
N VAL A 705 17.88 -13.13 29.26
CA VAL A 705 17.08 -13.32 30.50
C VAL A 705 17.83 -14.31 31.38
N ARG A 706 17.35 -14.51 32.61
CA ARG A 706 18.08 -15.37 33.57
C ARG A 706 17.44 -16.76 33.63
N THR A 707 16.16 -16.85 33.30
CA THR A 707 15.47 -18.17 33.33
C THR A 707 14.42 -18.22 32.22
N THR A 708 13.99 -19.42 31.85
CA THR A 708 12.98 -19.54 30.78
C THR A 708 11.69 -18.86 31.22
N GLU A 709 11.29 -19.07 32.48
CA GLU A 709 10.06 -18.42 33.01
C GLU A 709 10.20 -16.90 32.85
N GLU A 710 11.41 -16.39 33.05
CA GLU A 710 11.62 -14.92 32.96
C GLU A 710 11.36 -14.48 31.52
N GLY A 711 11.87 -15.22 30.54
CA GLY A 711 11.64 -14.86 29.13
C GLY A 711 10.19 -15.02 28.76
N MET A 712 9.55 -16.06 29.28
CA MET A 712 8.12 -16.29 29.00
C MET A 712 7.32 -15.09 29.51
N ILE A 713 7.62 -14.65 30.74
CA ILE A 713 6.83 -13.52 31.29
C ILE A 713 7.23 -12.25 30.53
N ARG A 714 8.47 -12.17 30.06
CA ARG A 714 8.91 -10.96 29.33
C ARG A 714 8.11 -10.85 28.02
N VAL A 715 7.91 -11.97 27.32
CA VAL A 715 7.10 -11.93 26.07
C VAL A 715 5.64 -11.67 26.44
N ARG A 716 5.16 -12.27 27.53
CA ARG A 716 3.73 -12.13 27.88
C ARG A 716 3.46 -10.69 28.35
N LYS A 717 4.45 -10.06 28.97
CA LYS A 717 4.25 -8.70 29.53
C LYS A 717 4.88 -7.65 28.63
N SER A 718 5.46 -8.06 27.48
CA SER A 718 5.94 -7.05 26.51
C SER A 718 4.83 -6.80 25.48
N LYS A 719 3.73 -7.56 25.56
CA LYS A 719 2.54 -7.32 24.70
C LYS A 719 2.96 -7.32 23.23
N GLY A 720 3.83 -8.26 22.85
CA GLY A 720 4.33 -8.30 21.47
C GLY A 720 5.56 -7.41 21.30
N LYS A 721 6.41 -7.35 22.33
CA LYS A 721 7.63 -6.49 22.25
C LYS A 721 8.87 -7.33 22.54
N TYR A 722 8.70 -8.62 22.90
CA TYR A 722 9.86 -9.47 23.23
C TYR A 722 9.74 -10.81 22.49
N ALA A 723 10.87 -11.49 22.27
CA ALA A 723 10.84 -12.83 21.64
C ALA A 723 11.94 -13.69 22.27
N TYR A 724 11.56 -14.68 23.07
CA TYR A 724 12.60 -15.45 23.78
C TYR A 724 13.06 -16.64 22.94
N LEU A 725 13.86 -16.38 21.91
CA LEU A 725 14.46 -17.53 21.17
C LEU A 725 14.75 -18.64 22.19
N LEU A 726 14.01 -19.73 22.09
CA LEU A 726 14.19 -20.81 23.08
C LEU A 726 14.11 -22.17 22.37
N GLU A 727 14.22 -23.24 23.14
CA GLU A 727 14.21 -24.59 22.52
C GLU A 727 12.79 -24.98 22.17
N SER A 728 12.64 -25.70 21.06
CA SER A 728 11.29 -26.02 20.55
C SER A 728 10.48 -26.81 21.57
N THR A 729 11.13 -27.67 22.34
CA THR A 729 10.38 -28.53 23.28
C THR A 729 9.73 -27.63 24.35
N MET A 730 10.52 -26.72 24.90
CA MET A 730 9.96 -25.80 25.94
C MET A 730 8.91 -24.91 25.28
N ASN A 731 9.19 -24.44 24.06
CA ASN A 731 8.24 -23.55 23.37
C ASN A 731 6.90 -24.27 23.21
N GLU A 732 6.96 -25.52 22.76
CA GLU A 732 5.71 -26.30 22.52
C GLU A 732 5.00 -26.49 23.86
N TYR A 733 5.74 -26.88 24.89
CA TYR A 733 5.09 -27.14 26.20
C TYR A 733 4.39 -25.87 26.68
N ILE A 734 5.06 -24.73 26.56
CA ILE A 734 4.45 -23.46 27.06
C ILE A 734 3.20 -23.17 26.24
N GLU A 735 3.31 -23.25 24.92
CA GLU A 735 2.15 -22.88 24.04
C GLU A 735 0.97 -23.82 24.32
N GLN A 736 1.21 -24.97 24.96
CA GLN A 736 0.10 -25.90 25.26
C GLN A 736 -0.55 -25.60 26.61
N ARG A 737 -0.14 -24.51 27.26
CA ARG A 737 -0.69 -24.28 28.63
C ARG A 737 -1.19 -22.83 28.79
N LYS A 738 -2.22 -22.66 29.61
CA LYS A 738 -2.78 -21.32 29.89
C LYS A 738 -1.80 -20.53 30.77
N PRO A 739 -1.67 -19.19 30.63
CA PRO A 739 -2.43 -18.36 29.69
C PRO A 739 -1.90 -18.49 28.26
N CYS A 740 -2.52 -19.36 27.48
CA CYS A 740 -2.06 -19.68 26.10
C CYS A 740 -2.17 -18.43 25.22
N ASP A 741 -1.35 -17.41 25.50
CA ASP A 741 -1.34 -16.21 24.64
C ASP A 741 -0.01 -16.14 23.89
N THR A 742 0.74 -17.25 23.87
CA THR A 742 2.06 -17.25 23.21
C THR A 742 2.03 -18.30 22.10
N MET A 743 2.90 -18.12 21.11
CA MET A 743 2.83 -19.07 19.97
C MET A 743 4.20 -19.20 19.30
N LYS A 744 4.47 -20.39 18.77
CA LYS A 744 5.73 -20.63 18.05
C LYS A 744 5.60 -20.10 16.63
N VAL A 745 6.63 -19.42 16.16
CA VAL A 745 6.58 -18.82 14.81
C VAL A 745 7.63 -19.49 13.92
N GLY A 746 7.22 -19.99 12.75
CA GLY A 746 8.18 -20.53 11.79
C GLY A 746 8.70 -21.92 12.14
N GLY A 747 9.76 -22.34 11.47
CA GLY A 747 10.35 -23.66 11.74
C GLY A 747 11.43 -23.59 12.81
N ASN A 748 12.27 -24.61 12.86
CA ASN A 748 13.39 -24.63 13.85
C ASN A 748 14.66 -24.11 13.18
N LEU A 749 15.42 -23.28 13.90
CA LEU A 749 16.64 -22.67 13.30
C LEU A 749 17.70 -23.74 13.10
N ASP A 750 17.70 -24.78 13.94
CA ASP A 750 18.67 -25.89 13.77
C ASP A 750 18.10 -27.17 14.36
N SER A 751 18.91 -28.23 14.37
CA SER A 751 18.47 -29.53 14.91
C SER A 751 19.50 -30.04 15.90
N LYS A 752 19.05 -30.42 17.09
CA LYS A 752 19.99 -30.97 18.10
C LYS A 752 19.21 -31.83 19.08
N GLY A 753 19.83 -32.17 20.21
CA GLY A 753 19.16 -33.08 21.16
C GLY A 753 19.78 -33.01 22.54
N TYR A 754 19.02 -33.39 23.56
CA TYR A 754 19.57 -33.41 24.93
C TYR A 754 20.27 -34.74 25.19
N GLY A 755 21.28 -34.69 26.04
CA GLY A 755 21.99 -35.94 26.39
C GLY A 755 22.19 -36.05 27.89
N ILE A 756 22.40 -37.26 28.38
CA ILE A 756 22.73 -37.44 29.82
C ILE A 756 24.24 -37.25 29.94
N ALA A 757 24.65 -36.26 30.72
CA ALA A 757 26.09 -35.95 30.79
C ALA A 757 26.76 -36.67 31.96
N THR A 758 28.07 -36.84 31.85
CA THR A 758 28.85 -37.43 32.96
C THR A 758 30.23 -36.78 32.92
N PRO A 759 30.99 -36.74 34.04
CA PRO A 759 32.34 -36.21 34.01
C PRO A 759 33.21 -37.03 33.05
N LYS A 760 34.11 -36.33 32.36
CA LYS A 760 35.04 -37.03 31.44
C LYS A 760 35.82 -38.09 32.22
N GLY A 761 35.88 -39.30 31.67
CA GLY A 761 36.60 -40.40 32.33
C GLY A 761 35.75 -41.06 33.41
N SER A 762 34.45 -40.78 33.43
CA SER A 762 33.55 -41.41 34.43
C SER A 762 33.28 -42.86 34.03
N ALA A 763 33.01 -43.69 35.04
CA ALA A 763 32.72 -45.12 34.78
C ALA A 763 31.23 -45.31 34.50
N LEU A 764 30.45 -44.23 34.63
CA LEU A 764 28.98 -44.32 34.45
C LEU A 764 28.64 -44.08 32.97
N ARG A 765 29.62 -43.66 32.17
CA ARG A 765 29.36 -43.30 30.75
C ARG A 765 28.75 -44.47 29.98
N GLY A 766 29.36 -45.64 30.05
CA GLY A 766 28.89 -46.78 29.25
C GLY A 766 27.52 -47.24 29.67
N PRO A 767 27.29 -47.58 30.96
CA PRO A 767 25.98 -47.99 31.44
C PRO A 767 24.89 -46.97 31.12
N VAL A 768 25.20 -45.67 31.22
CA VAL A 768 24.13 -44.66 30.99
C VAL A 768 23.74 -44.70 29.51
N ASN A 769 24.73 -44.83 28.63
CA ASN A 769 24.43 -44.92 27.18
C ASN A 769 23.55 -46.13 26.92
N LEU A 770 23.92 -47.28 27.48
CA LEU A 770 23.13 -48.52 27.26
C LEU A 770 21.74 -48.35 27.86
N ALA A 771 21.64 -47.68 29.02
CA ALA A 771 20.32 -47.47 29.65
C ALA A 771 19.45 -46.62 28.73
N VAL A 772 20.04 -45.59 28.12
CA VAL A 772 19.24 -44.69 27.25
C VAL A 772 18.78 -45.48 26.03
N LEU A 773 19.65 -46.29 25.45
CA LEU A 773 19.24 -47.13 24.29
C LEU A 773 18.11 -48.06 24.72
N LYS A 774 18.24 -48.69 25.88
CA LYS A 774 17.17 -49.60 26.37
C LYS A 774 15.87 -48.80 26.53
N LEU A 775 15.96 -47.64 27.17
CA LEU A 775 14.72 -46.85 27.44
C LEU A 775 14.10 -46.40 26.11
N SER A 776 14.94 -46.07 25.13
CA SER A 776 14.42 -45.63 23.81
C SER A 776 13.76 -46.81 23.09
N GLU A 777 14.41 -47.98 23.11
CA GLU A 777 13.87 -49.13 22.35
C GLU A 777 12.61 -49.68 23.02
N GLN A 778 12.39 -49.36 24.29
CA GLN A 778 11.23 -49.93 25.03
C GLN A 778 10.05 -48.95 25.04
N GLY A 779 10.20 -47.78 24.40
CA GLY A 779 9.08 -46.82 24.31
C GLY A 779 8.94 -45.98 25.56
N VAL A 780 9.88 -46.11 26.51
CA VAL A 780 9.76 -45.37 27.79
C VAL A 780 9.88 -43.88 27.52
N LEU A 781 10.86 -43.49 26.71
CA LEU A 781 11.07 -42.04 26.42
C LEU A 781 9.84 -41.50 25.68
N ASP A 782 9.30 -42.29 24.76
CA ASP A 782 8.10 -41.85 24.00
C ASP A 782 6.94 -41.62 24.97
N LYS A 783 6.72 -42.58 25.87
CA LYS A 783 5.59 -42.49 26.83
C LYS A 783 5.80 -41.28 27.74
N LEU A 784 7.02 -41.08 28.22
CA LEU A 784 7.29 -39.95 29.14
C LEU A 784 7.03 -38.63 28.40
N LYS A 785 7.49 -38.55 27.15
CA LYS A 785 7.27 -37.31 26.36
C LYS A 785 5.76 -37.10 26.21
N SER A 786 5.04 -38.14 25.78
CA SER A 786 3.59 -37.99 25.54
C SER A 786 2.90 -37.60 26.84
N LYS A 787 3.34 -38.16 27.95
CA LYS A 787 2.69 -37.88 29.26
C LYS A 787 2.92 -36.42 29.62
N TRP A 788 4.17 -35.97 29.58
CA TRP A 788 4.48 -34.62 30.12
C TRP A 788 4.21 -33.50 29.12
N TRP A 789 3.97 -33.83 27.85
CA TRP A 789 3.78 -32.74 26.85
C TRP A 789 2.36 -32.74 26.32
N TYR A 790 1.92 -33.85 25.72
CA TYR A 790 0.59 -33.88 25.06
C TYR A 790 -0.53 -33.91 26.10
N ASP A 791 -0.37 -34.77 27.11
CA ASP A 791 -1.46 -34.96 28.11
C ASP A 791 -1.63 -33.71 28.97
N LYS A 792 -0.64 -32.81 28.96
CA LYS A 792 -0.78 -31.51 29.70
C LYS A 792 -2.03 -30.81 29.18
N GLY A 793 -2.09 -30.50 27.88
CA GLY A 793 -3.28 -29.89 27.25
C GLY A 793 -4.14 -29.02 28.16
N SER A 807 -10.29 -8.48 4.21
CA SER A 807 -11.59 -8.92 4.78
C SER A 807 -12.57 -7.74 4.81
N ALA A 808 -13.86 -8.06 4.80
CA ALA A 808 -14.90 -7.02 4.79
C ALA A 808 -14.94 -6.27 6.12
N LEU A 809 -15.34 -5.00 6.04
CA LEU A 809 -15.53 -4.22 7.28
C LEU A 809 -16.66 -4.85 8.10
N SER A 810 -16.42 -4.99 9.39
CA SER A 810 -17.43 -5.64 10.26
C SER A 810 -18.36 -4.60 10.84
N LEU A 811 -19.50 -5.05 11.36
CA LEU A 811 -20.44 -4.12 11.99
C LEU A 811 -19.82 -3.49 13.23
N SER A 812 -18.84 -4.13 13.84
CA SER A 812 -18.18 -3.53 15.01
C SER A 812 -17.38 -2.29 14.60
N ASN A 813 -16.92 -2.26 13.35
CA ASN A 813 -16.14 -1.10 12.89
C ASN A 813 -17.02 0.14 12.80
N VAL A 814 -18.26 -0.02 12.35
CA VAL A 814 -19.12 1.17 12.11
C VAL A 814 -20.35 1.11 13.01
N ALA A 815 -20.20 0.51 14.18
CA ALA A 815 -21.37 0.36 15.07
C ALA A 815 -21.76 1.72 15.65
N GLY A 816 -20.80 2.63 15.76
CA GLY A 816 -21.12 3.94 16.36
C GLY A 816 -22.09 4.75 15.53
N VAL A 817 -21.96 4.67 14.21
CA VAL A 817 -22.84 5.48 13.33
C VAL A 817 -24.26 4.91 13.35
N PHE A 818 -24.43 3.66 13.74
CA PHE A 818 -25.80 3.12 13.85
C PHE A 818 -26.46 3.60 15.14
N TYR A 819 -25.69 3.69 16.21
CA TYR A 819 -26.24 4.21 17.48
C TYR A 819 -26.64 5.67 17.33
N ILE A 820 -25.84 6.43 16.60
CA ILE A 820 -26.16 7.86 16.39
C ILE A 820 -27.46 7.97 15.59
N LEU A 821 -27.62 7.15 14.57
CA LEU A 821 -28.83 7.26 13.73
C LEU A 821 -30.07 6.93 14.57
N ILE A 822 -30.02 5.85 15.34
CA ILE A 822 -31.20 5.49 16.15
C ILE A 822 -31.39 6.54 17.26
N GLY A 823 -30.30 6.99 17.86
CA GLY A 823 -30.43 8.05 18.87
C GLY A 823 -30.98 9.32 18.26
N GLY A 824 -30.58 9.63 17.05
CA GLY A 824 -31.15 10.80 16.37
C GLY A 824 -32.62 10.61 16.04
N LEU A 825 -33.00 9.41 15.62
CA LEU A 825 -34.42 9.14 15.31
C LEU A 825 -35.26 9.28 16.58
N GLY A 826 -34.76 8.79 17.69
CA GLY A 826 -35.54 8.86 18.94
C GLY A 826 -35.69 10.29 19.41
N LEU A 827 -34.63 11.08 19.26
CA LEU A 827 -34.70 12.49 19.69
C LEU A 827 -35.71 13.24 18.83
N ALA A 828 -35.73 12.97 17.53
CA ALA A 828 -36.67 13.67 16.63
C ALA A 828 -38.11 13.34 17.01
N MET A 829 -38.38 12.09 17.38
CA MET A 829 -39.75 11.72 17.80
C MET A 829 -40.11 12.47 19.09
N LEU A 830 -39.17 12.60 20.01
CA LEU A 830 -39.45 13.36 21.25
C LEU A 830 -39.67 14.84 20.92
N VAL A 831 -38.88 15.38 20.00
CA VAL A 831 -39.04 16.81 19.63
C VAL A 831 -40.41 17.02 19.00
N ALA A 832 -40.84 16.08 18.14
CA ALA A 832 -42.14 16.22 17.46
C ALA A 832 -43.26 16.27 18.49
N LEU A 833 -43.17 15.45 19.53
CA LEU A 833 -44.25 15.42 20.53
C LEU A 833 -44.25 16.75 21.29
N ILE A 834 -43.08 17.31 21.53
CA ILE A 834 -43.02 18.59 22.28
C ILE A 834 -43.71 19.69 21.48
N GLU A 835 -43.45 19.77 20.18
CA GLU A 835 -44.12 20.78 19.35
C GLU A 835 -45.62 20.50 19.29
N PHE A 836 -46.02 19.24 19.35
CA PHE A 836 -47.46 18.92 19.35
C PHE A 836 -48.14 19.51 20.58
N CYS A 837 -47.50 19.37 21.75
CA CYS A 837 -48.10 19.94 22.97
C CYS A 837 -48.01 21.47 22.94
N TYR A 838 -46.89 21.99 22.47
CA TYR A 838 -46.71 23.45 22.46
C TYR A 838 -47.71 24.11 21.49
N LYS A 839 -47.87 23.53 20.31
CA LYS A 839 -48.82 24.10 19.34
C LYS A 839 -50.26 23.98 19.84
N SER A 840 -50.59 22.85 20.46
CA SER A 840 -51.99 22.62 20.90
C SER A 840 -52.33 23.44 22.15
N ARG A 841 -51.33 24.07 22.77
CA ARG A 841 -51.62 24.90 23.96
C ARG A 841 -51.48 26.38 23.62
N THR B 416 60.75 18.80 35.43
CA THR B 416 59.35 18.93 34.97
C THR B 416 59.26 18.47 33.52
N TYR B 417 58.37 17.52 33.23
CA TYR B 417 58.15 17.08 31.82
C TYR B 417 57.03 17.90 31.20
N ILE B 418 57.17 18.18 29.90
CA ILE B 418 56.09 18.93 29.19
C ILE B 418 55.20 17.87 28.53
N VAL B 419 53.97 17.77 29.00
CA VAL B 419 53.02 16.78 28.41
C VAL B 419 52.14 17.51 27.40
N THR B 420 52.50 17.33 26.13
CA THR B 420 51.75 18.00 25.05
C THR B 420 50.34 17.40 24.95
N THR B 421 49.39 18.25 24.58
CA THR B 421 47.99 17.78 24.52
C THR B 421 47.24 18.61 23.47
N ILE B 422 45.93 18.39 23.34
CA ILE B 422 45.11 19.15 22.37
C ILE B 422 43.77 19.44 23.02
N LEU B 423 43.08 20.47 22.54
CA LEU B 423 41.71 20.72 23.06
C LEU B 423 40.74 19.83 22.30
N GLU B 424 40.05 18.96 23.04
CA GLU B 424 39.03 18.09 22.40
C GLU B 424 38.06 17.60 23.47
N ASP B 425 36.77 17.88 23.28
CA ASP B 425 35.78 17.42 24.26
C ASP B 425 35.56 15.92 24.09
N PRO B 426 35.37 15.12 25.15
CA PRO B 426 35.51 15.56 26.55
C PRO B 426 36.87 15.21 27.16
N TYR B 427 37.91 15.25 26.33
CA TYR B 427 39.25 14.84 26.81
C TYR B 427 39.93 15.99 27.55
N VAL B 428 39.96 17.18 26.93
CA VAL B 428 40.70 18.33 27.54
C VAL B 428 39.86 19.59 27.34
N MET B 429 38.86 19.76 28.19
CA MET B 429 38.02 20.97 28.09
C MET B 429 38.65 22.11 28.88
N LEU B 430 38.45 23.33 28.41
CA LEU B 430 38.96 24.52 29.13
C LEU B 430 38.00 24.83 30.28
N LYS B 431 38.51 24.84 31.50
CA LYS B 431 37.61 24.97 32.68
C LYS B 431 36.80 26.27 32.65
N LYS B 432 35.53 26.16 33.03
CA LYS B 432 34.66 27.36 33.13
C LYS B 432 35.31 28.29 34.13
N ASN B 433 35.60 29.53 33.72
CA ASN B 433 36.37 30.49 34.58
C ASN B 433 37.79 29.92 34.72
N ALA B 434 38.47 29.77 33.58
CA ALA B 434 39.87 29.28 33.61
C ALA B 434 40.80 30.40 34.10
N ASN B 435 40.34 31.65 34.01
CA ASN B 435 41.16 32.82 34.40
C ASN B 435 41.56 32.71 35.88
N GLN B 436 40.71 32.11 36.70
CA GLN B 436 40.98 31.96 38.16
C GLN B 436 42.13 30.96 38.38
N PHE B 437 42.44 30.13 37.37
CA PHE B 437 43.47 29.08 37.53
C PHE B 437 44.62 29.31 36.55
N GLU B 438 45.75 28.61 36.79
CA GLU B 438 46.92 28.70 35.88
C GLU B 438 47.72 27.40 35.98
N GLY B 439 48.15 26.86 34.84
CA GLY B 439 48.90 25.60 34.79
C GLY B 439 48.01 24.40 34.50
N ASN B 440 48.46 23.21 34.91
CA ASN B 440 47.70 21.97 34.68
C ASN B 440 46.34 22.04 35.38
N ASP B 441 46.19 22.94 36.36
CA ASP B 441 44.95 23.03 37.14
C ASP B 441 43.90 23.85 36.36
N ARG B 442 44.28 24.40 35.22
CA ARG B 442 43.37 25.27 34.45
C ARG B 442 42.45 24.41 33.58
N TYR B 443 42.83 23.15 33.33
CA TYR B 443 42.10 22.31 32.34
C TYR B 443 41.30 21.18 33.00
N GLU B 444 40.35 20.63 32.26
CA GLU B 444 39.53 19.51 32.80
C GLU B 444 39.18 18.55 31.66
N GLY B 445 38.69 17.36 32.02
CA GLY B 445 38.32 16.37 30.99
C GLY B 445 38.98 15.03 31.20
N TYR B 446 38.61 14.06 30.36
CA TYR B 446 39.09 12.67 30.54
C TYR B 446 40.61 12.61 30.55
N CYS B 447 41.24 13.21 29.54
CA CYS B 447 42.71 13.07 29.44
C CYS B 447 43.42 13.84 30.56
N VAL B 448 42.76 14.85 31.10
CA VAL B 448 43.37 15.60 32.23
C VAL B 448 43.50 14.66 33.43
N GLU B 449 42.41 14.00 33.79
CA GLU B 449 42.47 13.06 34.94
C GLU B 449 43.37 11.88 34.61
N LEU B 450 43.39 11.44 33.35
CA LEU B 450 44.30 10.34 32.97
C LEU B 450 45.75 10.77 33.17
N ALA B 451 46.10 11.99 32.74
CA ALA B 451 47.48 12.49 32.92
C ALA B 451 47.80 12.59 34.41
N ALA B 452 46.84 13.05 35.21
CA ALA B 452 47.05 13.15 36.67
C ALA B 452 47.37 11.78 37.22
N GLU B 453 46.54 10.78 36.90
CA GLU B 453 46.72 9.44 37.50
C GLU B 453 47.99 8.77 36.98
N ILE B 454 48.30 8.97 35.70
CA ILE B 454 49.51 8.29 35.15
C ILE B 454 50.74 8.94 35.79
N ALA B 455 50.72 10.27 35.92
CA ALA B 455 51.85 10.99 36.55
C ALA B 455 52.01 10.48 37.99
N LYS B 456 50.90 10.29 38.69
CA LYS B 456 50.97 9.77 40.09
C LYS B 456 51.63 8.38 40.06
N HIS B 457 51.15 7.49 39.20
CA HIS B 457 51.66 6.09 39.20
C HIS B 457 53.14 6.05 38.82
N VAL B 458 53.55 6.85 37.85
CA VAL B 458 54.98 6.84 37.42
C VAL B 458 55.80 7.64 38.44
N GLY B 459 55.16 8.60 39.11
CA GLY B 459 55.88 9.47 40.06
C GLY B 459 56.68 10.53 39.32
N TYR B 460 55.99 11.45 38.63
CA TYR B 460 56.73 12.56 37.97
C TYR B 460 55.92 13.86 38.04
N SER B 461 56.58 14.99 37.78
CA SER B 461 55.89 16.29 37.71
C SER B 461 55.75 16.68 36.24
N TYR B 462 54.66 17.36 35.88
CA TYR B 462 54.40 17.63 34.45
C TYR B 462 53.63 18.93 34.28
N ARG B 463 53.77 19.56 33.10
CA ARG B 463 52.99 20.78 32.80
C ARG B 463 52.20 20.50 31.51
N LEU B 464 50.86 20.56 31.58
CA LEU B 464 50.01 20.26 30.41
C LEU B 464 50.09 21.44 29.42
N GLU B 465 50.87 21.26 28.35
CA GLU B 465 50.97 22.32 27.32
C GLU B 465 50.09 21.94 26.13
N ILE B 466 49.07 22.77 25.87
CA ILE B 466 48.21 22.51 24.68
C ILE B 466 49.04 22.81 23.44
N VAL B 467 48.95 21.92 22.46
CA VAL B 467 49.71 22.12 21.20
C VAL B 467 49.24 23.42 20.56
N SER B 468 50.18 24.14 19.96
CA SER B 468 49.85 25.45 19.32
C SER B 468 49.14 25.22 17.99
N ASP B 469 49.61 24.23 17.21
CA ASP B 469 49.06 23.99 15.85
C ASP B 469 47.59 23.60 15.94
N GLY B 470 47.18 22.95 17.04
CA GLY B 470 45.79 22.45 17.15
C GLY B 470 45.61 21.24 16.25
N LYS B 471 46.72 20.59 15.87
CA LYS B 471 46.66 19.42 14.97
C LYS B 471 47.10 18.19 15.74
N TYR B 472 46.79 17.00 15.22
CA TYR B 472 47.16 15.76 15.93
C TYR B 472 48.54 15.31 15.45
N GLY B 473 48.75 15.29 14.14
CA GLY B 473 50.09 14.94 13.64
C GLY B 473 50.07 14.14 12.36
N ALA B 474 50.91 14.56 11.41
CA ALA B 474 51.03 13.85 10.13
C ALA B 474 52.27 14.40 9.44
N ARG B 475 52.96 13.55 8.68
CA ARG B 475 54.11 14.05 7.91
C ARG B 475 53.58 14.86 6.73
N ASP B 476 54.08 16.09 6.59
CA ASP B 476 53.74 16.89 5.38
C ASP B 476 54.39 16.15 4.21
N PRO B 477 53.64 15.62 3.22
CA PRO B 477 54.24 14.76 2.18
C PRO B 477 55.37 15.41 1.38
N ASP B 478 55.37 16.74 1.30
CA ASP B 478 56.41 17.48 0.54
C ASP B 478 57.66 17.61 1.42
N THR B 479 57.54 18.21 2.60
CA THR B 479 58.71 18.48 3.47
C THR B 479 59.10 17.24 4.29
N LYS B 480 58.16 16.30 4.49
CA LYS B 480 58.38 15.09 5.34
C LYS B 480 58.61 15.53 6.80
N ALA B 481 57.95 16.61 7.22
CA ALA B 481 58.11 17.16 8.58
C ALA B 481 56.86 16.87 9.40
N TRP B 482 57.07 16.50 10.67
CA TRP B 482 55.93 16.20 11.57
C TRP B 482 55.40 17.49 12.20
N ASN B 483 54.07 17.59 12.29
CA ASN B 483 53.44 18.77 12.92
C ASN B 483 52.57 18.31 14.09
N GLY B 484 52.13 19.26 14.91
CA GLY B 484 51.24 18.92 16.03
C GLY B 484 51.94 18.15 17.13
N MET B 485 51.18 17.31 17.83
CA MET B 485 51.73 16.59 19.01
C MET B 485 52.85 15.64 18.57
N VAL B 486 52.66 14.94 17.45
CA VAL B 486 53.69 13.96 17.02
C VAL B 486 54.97 14.72 16.69
N GLY B 487 54.84 15.86 16.02
CA GLY B 487 56.03 16.70 15.74
C GLY B 487 56.70 17.14 17.01
N GLU B 488 55.90 17.58 17.99
CA GLU B 488 56.48 18.05 19.28
C GLU B 488 57.24 16.89 19.95
N LEU B 489 56.67 15.68 19.88
CA LEU B 489 57.34 14.53 20.56
C LEU B 489 58.63 14.19 19.81
N VAL B 490 58.59 14.23 18.48
CA VAL B 490 59.79 13.86 17.69
C VAL B 490 60.88 14.92 17.91
N TYR B 491 60.50 16.20 17.91
CA TYR B 491 61.52 17.29 17.95
C TYR B 491 61.85 17.70 19.39
N GLY B 492 61.38 16.96 20.38
CA GLY B 492 61.81 17.21 21.78
C GLY B 492 61.12 18.36 22.51
N ARG B 493 60.13 19.00 21.87
CA ARG B 493 59.38 20.07 22.56
C ARG B 493 58.56 19.49 23.73
N ALA B 494 58.28 18.19 23.69
CA ALA B 494 57.51 17.54 24.77
C ALA B 494 58.08 16.17 25.10
N ASP B 495 57.68 15.61 26.26
CA ASP B 495 58.20 14.29 26.68
C ASP B 495 57.08 13.24 26.66
N VAL B 496 55.81 13.68 26.72
CA VAL B 496 54.67 12.73 26.71
C VAL B 496 53.49 13.40 25.98
N ALA B 497 52.63 12.58 25.38
CA ALA B 497 51.39 13.13 24.78
C ALA B 497 50.22 12.34 25.38
N VAL B 498 49.33 13.01 26.10
CA VAL B 498 48.22 12.28 26.76
C VAL B 498 46.91 12.78 26.13
N ALA B 499 46.95 13.02 24.81
CA ALA B 499 45.72 13.42 24.11
C ALA B 499 45.07 12.19 23.48
N PRO B 500 43.85 12.27 22.91
CA PRO B 500 43.28 11.14 22.17
C PRO B 500 44.09 10.94 20.87
N LEU B 501 45.33 10.48 21.02
CA LEU B 501 46.22 10.29 19.84
C LEU B 501 46.04 8.85 19.34
N THR B 502 45.72 8.72 18.06
CA THR B 502 45.43 7.37 17.55
C THR B 502 46.74 6.61 17.30
N ILE B 503 46.74 5.32 17.63
CA ILE B 503 47.92 4.47 17.35
C ILE B 503 47.91 4.11 15.87
N THR B 504 48.93 4.55 15.15
CA THR B 504 49.02 4.24 13.70
C THR B 504 50.43 3.80 13.37
N LEU B 505 50.59 3.08 12.27
CA LEU B 505 51.92 2.54 11.88
C LEU B 505 52.91 3.68 11.64
N VAL B 506 52.50 4.70 10.88
CA VAL B 506 53.45 5.80 10.53
C VAL B 506 53.93 6.49 11.81
N ARG B 507 53.03 6.68 12.77
CA ARG B 507 53.42 7.40 14.01
C ARG B 507 54.24 6.44 14.89
N GLU B 508 53.88 5.16 14.88
CA GLU B 508 54.57 4.17 15.74
C GLU B 508 56.05 4.06 15.34
N GLU B 509 56.38 4.44 14.10
CA GLU B 509 57.80 4.28 13.65
C GLU B 509 58.65 5.43 14.18
N VAL B 510 58.03 6.49 14.72
CA VAL B 510 58.82 7.68 15.14
C VAL B 510 58.56 7.99 16.61
N ILE B 511 57.46 7.48 17.17
CA ILE B 511 57.21 7.64 18.63
C ILE B 511 56.77 6.29 19.18
N ASP B 512 56.94 6.12 20.49
CA ASP B 512 56.57 4.83 21.12
C ASP B 512 55.20 5.00 21.78
N PHE B 513 54.24 4.20 21.33
CA PHE B 513 52.90 4.27 21.95
C PHE B 513 52.77 3.27 23.08
N SER B 514 51.90 3.59 24.02
CA SER B 514 51.59 2.67 25.14
C SER B 514 50.54 1.68 24.64
N LYS B 515 50.16 0.73 25.49
CA LYS B 515 49.00 -0.11 25.11
C LYS B 515 47.80 0.84 25.08
N PRO B 516 46.83 0.65 24.18
CA PRO B 516 45.72 1.60 24.07
C PRO B 516 44.91 1.69 25.35
N PHE B 517 44.48 2.91 25.69
CA PHE B 517 43.65 3.09 26.91
C PHE B 517 42.18 3.32 26.50
N MET B 518 41.91 3.24 25.20
CA MET B 518 40.52 3.43 24.73
C MET B 518 40.40 2.87 23.32
N SER B 519 39.29 2.19 23.04
CA SER B 519 39.05 1.67 21.68
C SER B 519 38.13 2.64 20.92
N LEU B 520 38.18 2.57 19.58
CA LEU B 520 37.31 3.46 18.78
C LEU B 520 37.33 3.02 17.32
N GLY B 521 36.52 3.66 16.49
CA GLY B 521 36.58 3.39 15.04
C GLY B 521 36.09 4.60 14.28
N ILE B 522 36.39 4.65 12.98
CA ILE B 522 35.85 5.77 12.16
C ILE B 522 34.35 5.56 12.01
N SER B 523 33.60 6.65 12.15
CA SER B 523 32.13 6.52 12.11
C SER B 523 31.52 7.73 11.41
N ILE B 524 30.27 7.59 10.96
CA ILE B 524 29.64 8.69 10.17
C ILE B 524 28.65 9.46 11.05
N MET B 525 28.81 10.78 11.12
CA MET B 525 27.94 11.60 11.99
C MET B 525 27.19 12.63 11.13
N ILE B 526 25.90 12.38 10.87
CA ILE B 526 25.08 13.36 10.11
C ILE B 526 24.16 14.05 11.12
N LYS B 527 24.09 15.39 11.07
CA LYS B 527 23.02 16.10 11.80
C LYS B 527 21.74 15.29 11.67
N LYS B 528 21.35 14.53 12.70
CA LYS B 528 20.15 13.66 12.64
C LYS B 528 20.32 12.67 11.49
N LYS B 533 7.21 19.53 8.96
CA LYS B 533 5.87 20.13 9.25
C LYS B 533 5.13 20.34 7.94
N PRO B 534 3.86 19.92 7.87
CA PRO B 534 3.12 20.06 6.64
C PRO B 534 2.86 21.53 6.30
N GLY B 535 2.85 21.83 5.01
CA GLY B 535 2.60 23.21 4.59
C GLY B 535 1.17 23.63 4.85
N VAL B 536 0.97 24.94 4.89
CA VAL B 536 -0.40 25.46 5.13
C VAL B 536 -1.29 25.08 3.95
N PHE B 537 -0.80 25.26 2.73
CA PHE B 537 -1.62 24.95 1.54
C PHE B 537 -1.28 23.55 1.00
N SER B 538 -1.00 22.62 1.90
CA SER B 538 -0.62 21.25 1.48
C SER B 538 -1.78 20.50 0.86
N PHE B 539 -3.00 21.01 1.01
CA PHE B 539 -4.16 20.29 0.44
C PHE B 539 -4.14 20.38 -1.08
N LEU B 540 -3.33 21.27 -1.65
CA LEU B 540 -3.19 21.35 -3.11
C LEU B 540 -2.13 20.39 -3.63
N ASP B 541 -1.49 19.64 -2.75
CA ASP B 541 -0.41 18.72 -3.19
C ASP B 541 -0.91 17.65 -4.16
N PRO B 542 -2.06 16.97 -3.97
CA PRO B 542 -2.41 15.87 -4.87
C PRO B 542 -2.40 16.22 -6.36
N LEU B 543 -2.76 17.44 -6.72
CA LEU B 543 -2.74 17.86 -8.14
C LEU B 543 -1.68 18.93 -8.35
N ALA B 544 -1.00 18.86 -9.47
CA ALA B 544 0.12 19.77 -9.72
C ALA B 544 -0.36 21.21 -9.89
N TYR B 545 0.58 22.12 -9.99
CA TYR B 545 0.24 23.55 -10.14
C TYR B 545 -0.50 23.77 -11.46
N GLU B 546 -0.05 23.11 -12.52
CA GLU B 546 -0.66 23.37 -13.86
C GLU B 546 -2.11 22.91 -13.88
N ILE B 547 -2.41 21.79 -13.24
CA ILE B 547 -3.79 21.29 -13.24
C ILE B 547 -4.69 22.29 -12.52
N TRP B 548 -4.25 22.81 -11.39
CA TRP B 548 -5.07 23.79 -10.65
C TRP B 548 -5.25 25.07 -11.49
N MET B 549 -4.19 25.51 -12.16
CA MET B 549 -4.30 26.72 -12.99
C MET B 549 -5.21 26.45 -14.18
N CYS B 550 -5.12 25.27 -14.78
CA CYS B 550 -5.95 24.98 -15.96
C CYS B 550 -7.40 24.74 -15.53
N ILE B 551 -7.64 24.27 -14.32
CA ILE B 551 -9.02 24.06 -13.85
C ILE B 551 -9.72 25.41 -13.75
N VAL B 552 -9.05 26.40 -13.20
CA VAL B 552 -9.65 27.76 -13.13
C VAL B 552 -9.82 28.29 -14.55
N PHE B 553 -8.82 28.07 -15.40
CA PHE B 553 -8.91 28.55 -16.79
C PHE B 553 -10.07 27.87 -17.52
N ALA B 554 -10.25 26.57 -17.31
CA ALA B 554 -11.38 25.87 -17.95
C ALA B 554 -12.70 26.31 -17.32
N TYR B 555 -12.67 26.69 -16.06
CA TYR B 555 -13.92 27.11 -15.38
C TYR B 555 -14.44 28.39 -16.01
N ILE B 556 -13.55 29.32 -16.32
CA ILE B 556 -13.98 30.59 -16.95
C ILE B 556 -14.52 30.30 -18.34
N GLY B 557 -13.85 29.46 -19.10
CA GLY B 557 -14.31 29.18 -20.47
C GLY B 557 -15.66 28.48 -20.47
N VAL B 558 -15.85 27.54 -19.57
CA VAL B 558 -17.15 26.80 -19.54
C VAL B 558 -18.26 27.77 -19.18
N SER B 559 -18.04 28.63 -18.19
CA SER B 559 -19.08 29.57 -17.76
C SER B 559 -19.42 30.54 -18.90
N VAL B 560 -18.41 31.02 -19.61
CA VAL B 560 -18.69 32.01 -20.69
C VAL B 560 -19.41 31.32 -21.84
N VAL B 561 -18.95 30.13 -22.22
CA VAL B 561 -19.58 29.43 -23.38
C VAL B 561 -21.02 29.05 -23.02
N LEU B 562 -21.23 28.60 -21.79
CA LEU B 562 -22.61 28.24 -21.38
C LEU B 562 -23.51 29.48 -21.41
N PHE B 563 -22.98 30.62 -20.97
CA PHE B 563 -23.78 31.87 -21.04
C PHE B 563 -24.04 32.26 -22.48
N LEU B 564 -23.05 32.11 -23.36
CA LEU B 564 -23.22 32.58 -24.75
C LEU B 564 -24.31 31.77 -25.45
N VAL B 565 -24.26 30.44 -25.34
CA VAL B 565 -25.23 29.61 -26.11
C VAL B 565 -26.60 29.65 -25.45
N SER B 566 -26.68 30.06 -24.19
CA SER B 566 -27.97 30.09 -23.50
C SER B 566 -28.67 31.44 -23.68
N ARG B 567 -28.00 32.43 -24.24
CA ARG B 567 -28.62 33.76 -24.36
C ARG B 567 -29.13 33.99 -25.77
N PHE B 568 -28.31 33.72 -26.79
CA PHE B 568 -28.79 33.86 -28.17
C PHE B 568 -29.41 32.55 -28.68
N SER B 569 -30.24 31.94 -27.84
CA SER B 569 -30.95 30.69 -28.23
C SER B 569 -32.43 30.86 -27.90
N PRO B 570 -33.34 30.25 -28.68
CA PRO B 570 -34.77 30.44 -28.45
C PRO B 570 -35.21 30.00 -27.05
N TYR B 571 -34.91 28.75 -26.70
CA TYR B 571 -35.35 28.23 -25.38
C TYR B 571 -34.59 26.94 -25.07
N GLU B 592 -32.79 31.39 -16.70
CA GLU B 592 -32.12 32.70 -16.52
C GLU B 592 -30.61 32.49 -16.46
N PHE B 593 -30.02 32.18 -17.60
CA PHE B 593 -28.58 31.86 -17.65
C PHE B 593 -27.78 33.09 -18.03
N GLY B 594 -27.69 34.01 -17.09
CA GLY B 594 -26.84 35.17 -17.32
C GLY B 594 -25.38 34.81 -17.15
N ILE B 595 -24.51 35.79 -17.38
CA ILE B 595 -23.06 35.53 -17.18
C ILE B 595 -22.81 35.22 -15.71
N PHE B 596 -23.45 35.96 -14.81
N PHE B 596 -23.47 35.94 -14.82
CA PHE B 596 -23.28 35.72 -13.37
CA PHE B 596 -23.26 35.71 -13.38
C PHE B 596 -23.88 34.36 -12.99
C PHE B 596 -23.90 34.39 -12.95
N ASN B 597 -25.03 34.03 -13.55
CA ASN B 597 -25.69 32.77 -13.19
C ASN B 597 -24.88 31.59 -13.71
N SER B 598 -24.28 31.74 -14.90
CA SER B 598 -23.45 30.66 -15.46
C SER B 598 -22.25 30.39 -14.54
N LEU B 599 -21.65 31.45 -14.00
CA LEU B 599 -20.50 31.26 -13.10
C LEU B 599 -20.94 30.52 -11.83
N TRP B 600 -22.14 30.82 -11.34
CA TRP B 600 -22.62 30.14 -10.13
C TRP B 600 -22.92 28.66 -10.44
N PHE B 601 -23.56 28.39 -11.56
CA PHE B 601 -23.89 26.99 -11.89
C PHE B 601 -22.63 26.19 -12.14
N SER B 602 -21.69 26.75 -12.89
CA SER B 602 -20.45 26.02 -13.21
C SER B 602 -19.66 25.75 -11.93
N LEU B 603 -19.63 26.71 -11.01
CA LEU B 603 -18.96 26.46 -9.71
C LEU B 603 -19.69 25.37 -8.95
N GLY B 604 -21.02 25.37 -8.99
CA GLY B 604 -21.78 24.35 -8.26
C GLY B 604 -21.52 22.96 -8.78
N ALA B 605 -21.36 22.84 -10.08
CA ALA B 605 -21.15 21.51 -10.68
C ALA B 605 -19.77 20.97 -10.28
N PHE B 606 -18.78 21.85 -10.18
CA PHE B 606 -17.43 21.37 -9.87
C PHE B 606 -17.35 20.88 -8.42
N MET B 607 -18.11 21.50 -7.53
CA MET B 607 -18.15 21.04 -6.13
C MET B 607 -19.16 19.90 -5.94
N GLN B 608 -19.84 19.49 -7.02
N GLN B 608 -19.83 19.49 -7.03
CA GLN B 608 -20.85 18.41 -6.93
CA GLN B 608 -20.87 18.42 -6.96
C GLN B 608 -21.95 18.78 -5.93
C GLN B 608 -21.91 18.79 -5.91
N GLN B 609 -22.29 20.06 -5.87
CA GLN B 609 -23.31 20.52 -4.90
C GLN B 609 -24.65 20.79 -5.56
N GLY B 610 -24.66 21.19 -6.83
CA GLY B 610 -25.95 21.37 -7.51
C GLY B 610 -26.52 22.75 -7.31
N CYS B 611 -27.29 23.22 -8.29
CA CYS B 611 -27.85 24.59 -8.23
C CYS B 611 -29.35 24.53 -8.57
N ASP B 612 -30.06 25.58 -8.19
CA ASP B 612 -31.53 25.60 -8.41
C ASP B 612 -31.88 25.68 -9.90
N ILE B 613 -30.92 26.06 -10.74
CA ILE B 613 -31.19 26.25 -12.17
C ILE B 613 -30.29 25.34 -12.98
N SER B 614 -30.83 24.79 -14.07
CA SER B 614 -30.07 23.84 -14.91
C SER B 614 -30.33 24.17 -16.37
N PRO B 615 -29.40 23.85 -17.29
CA PRO B 615 -29.63 24.15 -18.69
C PRO B 615 -30.82 23.39 -19.27
N ARG B 616 -31.45 23.98 -20.28
CA ARG B 616 -32.66 23.36 -20.89
C ARG B 616 -32.54 23.20 -22.40
N SER B 617 -31.54 23.80 -23.03
CA SER B 617 -31.40 23.67 -24.50
C SER B 617 -30.38 22.59 -24.81
N LEU B 618 -30.38 22.12 -26.05
CA LEU B 618 -29.43 21.06 -26.45
C LEU B 618 -28.00 21.60 -26.38
N SER B 619 -27.79 22.82 -26.84
CA SER B 619 -26.44 23.42 -26.75
C SER B 619 -26.06 23.66 -25.29
N GLY B 620 -26.99 24.13 -24.49
CA GLY B 620 -26.69 24.34 -23.06
C GLY B 620 -26.43 23.04 -22.34
N ARG B 621 -27.12 21.98 -22.73
CA ARG B 621 -26.96 20.69 -22.01
C ARG B 621 -25.66 20.03 -22.39
N ILE B 622 -25.18 20.22 -23.60
CA ILE B 622 -23.87 19.64 -23.99
C ILE B 622 -22.78 20.25 -23.12
N VAL B 623 -22.82 21.56 -22.89
CA VAL B 623 -21.79 22.20 -22.04
C VAL B 623 -21.86 21.64 -20.63
N GLY B 624 -23.06 21.49 -20.09
CA GLY B 624 -23.20 20.92 -18.75
C GLY B 624 -22.78 19.46 -18.73
N GLY B 625 -23.01 18.73 -19.80
CA GLY B 625 -22.64 17.31 -19.82
C GLY B 625 -21.14 17.12 -19.75
N VAL B 626 -20.40 17.85 -20.58
CA VAL B 626 -18.92 17.67 -20.58
C VAL B 626 -18.32 18.24 -19.31
N TRP B 627 -18.84 19.36 -18.83
CA TRP B 627 -18.30 19.98 -17.60
C TRP B 627 -18.50 19.04 -16.42
N TRP B 628 -19.60 18.30 -16.42
CA TRP B 628 -19.80 17.32 -15.34
C TRP B 628 -18.75 16.20 -15.45
N PHE B 629 -18.46 15.76 -16.66
CA PHE B 629 -17.49 14.66 -16.82
C PHE B 629 -16.10 15.12 -16.38
N PHE B 630 -15.75 16.35 -16.70
CA PHE B 630 -14.43 16.88 -16.26
C PHE B 630 -14.39 16.92 -14.75
N THR B 631 -15.48 17.35 -14.13
CA THR B 631 -15.52 17.41 -12.66
C THR B 631 -15.42 16.01 -12.06
N LEU B 632 -16.12 15.06 -12.64
CA LEU B 632 -16.13 13.70 -12.03
C LEU B 632 -14.74 13.08 -12.07
N ILE B 633 -14.03 13.23 -13.17
CA ILE B 633 -12.68 12.64 -13.28
C ILE B 633 -11.73 13.40 -12.36
N ILE B 634 -11.83 14.72 -12.31
CA ILE B 634 -10.84 15.50 -11.52
C ILE B 634 -11.03 15.24 -10.03
N ILE B 635 -12.27 15.23 -9.57
CA ILE B 635 -12.51 15.00 -8.12
C ILE B 635 -12.04 13.59 -7.75
N SER B 636 -12.31 12.61 -8.61
CA SER B 636 -11.86 11.24 -8.32
C SER B 636 -10.33 11.18 -8.32
N SER B 637 -9.70 11.92 -9.21
CA SER B 637 -8.22 11.94 -9.25
C SER B 637 -7.67 12.54 -7.97
N TYR B 638 -8.30 13.58 -7.46
CA TYR B 638 -7.79 14.23 -6.24
C TYR B 638 -7.91 13.28 -5.07
N THR B 639 -9.03 12.59 -4.95
CA THR B 639 -9.22 11.65 -3.83
C THR B 639 -8.28 10.46 -3.98
N ALA B 640 -8.09 9.97 -5.20
CA ALA B 640 -7.25 8.78 -5.39
C ALA B 640 -5.79 9.11 -5.14
N ASN B 641 -5.32 10.25 -5.65
CA ASN B 641 -3.90 10.60 -5.46
C ASN B 641 -3.63 10.94 -4.00
N LEU B 642 -4.58 11.54 -3.31
CA LEU B 642 -4.38 11.83 -1.87
C LEU B 642 -4.32 10.53 -1.08
N ALA B 643 -5.12 9.54 -1.44
CA ALA B 643 -5.07 8.24 -0.75
C ALA B 643 -3.70 7.60 -0.96
N ALA B 644 -3.17 7.67 -2.17
CA ALA B 644 -1.83 7.13 -2.42
C ALA B 644 -0.78 7.95 -1.66
N PHE B 645 -0.99 9.27 -1.60
N PHE B 645 -0.98 9.26 -1.61
CA PHE B 645 -0.02 10.15 -0.92
CA PHE B 645 -0.03 10.14 -0.91
C PHE B 645 0.04 9.83 0.58
C PHE B 645 0.04 9.78 0.57
N LEU B 646 -1.12 9.57 1.19
CA LEU B 646 -1.14 9.25 2.63
C LEU B 646 -0.69 7.81 2.87
N THR B 647 -0.98 6.91 1.95
CA THR B 647 -0.63 5.48 2.18
C THR B 647 0.88 5.29 2.14
N VAL B 648 1.58 5.95 1.22
CA VAL B 648 3.02 5.68 1.03
C VAL B 648 3.80 6.07 2.28
N GLU B 649 3.56 7.25 2.83
CA GLU B 649 4.34 7.67 4.01
C GLU B 649 3.95 6.84 5.24
N ARG B 650 2.73 6.32 5.29
CA ARG B 650 2.35 5.44 6.41
C ARG B 650 3.20 4.17 6.38
N MET B 651 3.43 3.62 5.18
CA MET B 651 4.24 2.38 5.06
C MET B 651 5.70 2.68 5.44
N SER B 657 24.52 3.69 5.83
CA SER B 657 25.70 2.81 5.56
C SER B 657 26.86 3.63 5.01
N ALA B 658 28.03 3.00 4.90
CA ALA B 658 29.21 3.68 4.33
C ALA B 658 29.13 3.57 2.80
N GLU B 659 28.81 2.36 2.30
CA GLU B 659 28.63 2.15 0.84
C GLU B 659 27.60 3.15 0.34
N ASP B 660 26.48 3.28 1.08
CA ASP B 660 25.40 4.22 0.70
C ASP B 660 25.97 5.64 0.59
N LEU B 661 26.83 6.03 1.53
CA LEU B 661 27.42 7.39 1.51
C LEU B 661 28.37 7.51 0.31
N ALA B 662 29.04 6.42 -0.05
CA ALA B 662 30.02 6.46 -1.16
C ALA B 662 29.30 6.53 -2.50
N LYS B 663 28.19 5.81 -2.65
CA LYS B 663 27.50 5.74 -3.96
C LYS B 663 26.89 7.08 -4.33
N GLN B 664 26.28 7.76 -3.36
CA GLN B 664 25.57 9.03 -3.67
C GLN B 664 26.57 10.19 -3.77
N THR B 665 26.10 11.36 -4.21
CA THR B 665 26.98 12.56 -4.26
C THR B 665 26.19 13.79 -3.79
N GLU B 666 24.93 13.62 -3.41
CA GLU B 666 24.10 14.77 -2.95
C GLU B 666 24.61 15.26 -1.58
N ILE B 667 25.05 14.33 -0.74
CA ILE B 667 25.61 14.69 0.60
C ILE B 667 27.14 14.67 0.52
N ALA B 668 27.75 15.78 0.93
CA ALA B 668 29.23 15.89 0.94
C ALA B 668 29.74 15.34 2.28
N TYR B 669 30.85 14.61 2.24
CA TYR B 669 31.38 14.04 3.50
C TYR B 669 32.86 14.36 3.61
N GLY B 670 33.29 14.76 4.81
CA GLY B 670 34.70 15.15 4.98
C GLY B 670 35.31 14.59 6.25
N THR B 671 36.57 14.92 6.48
CA THR B 671 37.29 14.43 7.68
C THR B 671 38.01 15.60 8.35
N LEU B 672 38.79 15.35 9.40
CA LEU B 672 39.60 16.42 10.01
C LEU B 672 40.94 16.45 9.27
N GLU B 673 41.49 17.65 9.05
CA GLU B 673 42.78 17.78 8.32
C GLU B 673 43.94 17.48 9.28
N ALA B 674 44.98 16.80 8.78
CA ALA B 674 46.14 16.39 9.60
C ALA B 674 45.66 15.50 10.76
N GLY B 675 44.79 14.54 10.44
CA GLY B 675 44.29 13.61 11.47
C GLY B 675 44.44 12.16 11.04
N SER B 676 44.25 11.24 11.99
CA SER B 676 44.41 9.79 11.69
C SER B 676 43.38 9.36 10.65
N THR B 677 42.18 9.94 10.67
CA THR B 677 41.11 9.47 9.75
C THR B 677 41.48 9.84 8.31
N LYS B 678 42.01 11.05 8.11
CA LYS B 678 42.46 11.46 6.77
C LYS B 678 43.56 10.50 6.31
N GLU B 679 44.51 10.21 7.20
CA GLU B 679 45.63 9.29 6.86
C GLU B 679 45.08 7.90 6.55
N PHE B 680 44.05 7.47 7.29
CA PHE B 680 43.43 6.15 7.05
C PHE B 680 42.87 6.12 5.64
N PHE B 681 42.16 7.16 5.24
CA PHE B 681 41.50 7.16 3.91
C PHE B 681 42.56 7.29 2.81
N ARG B 682 43.58 8.12 3.07
CA ARG B 682 44.62 8.34 2.03
C ARG B 682 45.33 7.02 1.73
N ARG B 683 45.71 6.28 2.78
CA ARG B 683 46.53 5.06 2.56
C ARG B 683 45.63 3.82 2.40
N SER B 684 44.33 3.98 2.19
CA SER B 684 43.46 2.78 2.14
C SER B 684 43.48 2.17 0.75
N LYS B 685 43.25 0.86 0.69
CA LYS B 685 43.22 0.14 -0.61
C LYS B 685 41.91 -0.64 -0.72
N ILE B 686 41.00 -0.45 0.25
CA ILE B 686 39.66 -1.08 0.14
C ILE B 686 38.85 -0.29 -0.88
N ALA B 687 38.10 -0.98 -1.74
CA ALA B 687 37.37 -0.33 -2.84
C ALA B 687 36.54 0.86 -2.35
N VAL B 688 35.72 0.64 -1.33
CA VAL B 688 34.79 1.71 -0.87
C VAL B 688 35.62 2.90 -0.38
N PHE B 689 36.66 2.62 0.41
CA PHE B 689 37.42 3.75 1.01
C PHE B 689 38.30 4.41 -0.05
N GLU B 690 38.78 3.64 -1.03
CA GLU B 690 39.54 4.26 -2.14
C GLU B 690 38.61 5.21 -2.91
N LYS B 691 37.38 4.77 -3.17
CA LYS B 691 36.40 5.64 -3.86
C LYS B 691 36.12 6.88 -3.00
N MET B 692 35.98 6.68 -1.69
CA MET B 692 35.68 7.82 -0.78
C MET B 692 36.84 8.81 -0.84
N TRP B 693 38.06 8.30 -0.83
CA TRP B 693 39.24 9.20 -0.82
C TRP B 693 39.33 9.94 -2.15
N THR B 694 39.10 9.21 -3.26
CA THR B 694 39.18 9.86 -4.59
C THR B 694 38.16 11.01 -4.62
N TYR B 695 36.97 10.79 -4.06
CA TYR B 695 35.98 11.89 -3.99
C TYR B 695 36.50 12.99 -3.08
N MET B 696 36.96 12.64 -1.88
CA MET B 696 37.32 13.67 -0.88
C MET B 696 38.48 14.55 -1.35
N LYS B 697 39.47 13.95 -2.01
CA LYS B 697 40.68 14.72 -2.44
C LYS B 697 40.26 15.78 -3.46
N SER B 698 39.30 15.45 -4.34
CA SER B 698 38.92 16.39 -5.43
C SER B 698 37.84 17.38 -4.99
N ALA B 699 37.05 17.04 -3.97
CA ALA B 699 35.88 17.89 -3.60
C ALA B 699 36.28 19.35 -3.39
N GLU B 700 35.47 20.26 -3.93
CA GLU B 700 35.71 21.73 -3.76
C GLU B 700 34.35 22.39 -3.51
N PRO B 701 34.13 23.18 -2.43
CA PRO B 701 35.17 23.53 -1.46
C PRO B 701 35.63 22.33 -0.62
N SER B 702 36.78 22.49 0.04
CA SER B 702 37.37 21.37 0.82
C SER B 702 36.33 20.80 1.78
N VAL B 703 36.18 19.48 1.75
CA VAL B 703 35.24 18.79 2.69
C VAL B 703 35.94 18.68 4.05
N PHE B 704 37.25 18.91 4.09
CA PHE B 704 38.01 18.72 5.35
C PHE B 704 37.80 19.90 6.29
N VAL B 705 38.08 19.67 7.57
CA VAL B 705 37.90 20.73 8.58
C VAL B 705 39.17 20.85 9.41
N ARG B 706 39.25 21.88 10.24
CA ARG B 706 40.46 22.12 11.05
C ARG B 706 40.23 21.59 12.47
N THR B 707 38.96 21.40 12.84
CA THR B 707 38.64 20.95 14.22
C THR B 707 37.36 20.13 14.21
N THR B 708 37.19 19.30 15.24
CA THR B 708 35.95 18.51 15.37
C THR B 708 34.76 19.47 15.51
N GLU B 709 34.92 20.55 16.28
CA GLU B 709 33.84 21.55 16.45
C GLU B 709 33.44 22.07 15.07
N GLU B 710 34.41 22.30 14.20
CA GLU B 710 34.11 22.83 12.85
C GLU B 710 33.25 21.82 12.09
N GLY B 711 33.62 20.54 12.16
CA GLY B 711 32.84 19.50 11.46
C GLY B 711 31.45 19.37 12.04
N MET B 712 31.35 19.48 13.37
CA MET B 712 30.03 19.38 14.04
C MET B 712 29.15 20.55 13.57
N ILE B 713 29.71 21.75 13.54
CA ILE B 713 28.92 22.93 13.11
C ILE B 713 28.56 22.76 11.63
N ARG B 714 29.48 22.18 10.85
CA ARG B 714 29.22 22.05 9.40
C ARG B 714 28.08 21.07 9.18
N VAL B 715 28.03 19.97 9.94
CA VAL B 715 26.90 19.01 9.78
C VAL B 715 25.61 19.67 10.26
N ARG B 716 25.70 20.46 11.33
CA ARG B 716 24.46 21.04 11.90
C ARG B 716 23.93 22.14 10.98
N LYS B 717 24.81 22.88 10.32
CA LYS B 717 24.35 24.05 9.53
C LYS B 717 24.31 23.72 8.03
N SER B 718 24.63 22.49 7.63
CA SER B 718 24.47 22.13 6.19
C SER B 718 23.08 21.56 5.94
N LYS B 719 22.23 21.52 6.97
CA LYS B 719 20.82 21.06 6.81
C LYS B 719 20.82 19.67 6.18
N GLY B 720 21.62 18.76 6.74
CA GLY B 720 21.59 17.36 6.27
C GLY B 720 22.22 17.19 4.90
N LYS B 721 23.16 18.06 4.55
CA LYS B 721 23.87 17.92 3.26
C LYS B 721 25.36 17.62 3.51
N TYR B 722 25.73 17.48 4.79
CA TYR B 722 27.15 17.18 5.13
C TYR B 722 27.23 16.02 6.12
N ALA B 723 28.05 15.03 5.81
CA ALA B 723 28.25 13.87 6.70
C ALA B 723 29.70 13.86 7.18
N TYR B 724 29.90 13.98 8.48
CA TYR B 724 31.28 14.10 9.02
C TYR B 724 31.81 12.72 9.42
N LEU B 725 33.01 12.40 8.94
CA LEU B 725 33.64 11.11 9.33
C LEU B 725 34.60 11.36 10.49
N LEU B 726 34.22 10.88 11.67
CA LEU B 726 35.06 11.15 12.86
C LEU B 726 35.16 9.88 13.70
N GLU B 727 35.83 9.98 14.84
CA GLU B 727 36.02 8.77 15.69
C GLU B 727 34.74 8.51 16.46
N SER B 728 34.47 7.23 16.69
CA SER B 728 33.20 6.83 17.34
C SER B 728 33.09 7.45 18.73
N THR B 729 34.20 7.64 19.42
CA THR B 729 34.11 8.15 20.82
C THR B 729 33.60 9.59 20.79
N MET B 730 34.21 10.42 19.95
CA MET B 730 33.75 11.83 19.84
C MET B 730 32.34 11.84 19.27
N ASN B 731 32.06 10.96 18.32
CA ASN B 731 30.72 10.90 17.70
C ASN B 731 29.68 10.62 18.80
N GLU B 732 29.95 9.63 19.64
CA GLU B 732 28.95 9.26 20.68
C GLU B 732 28.80 10.43 21.65
N TYR B 733 29.93 11.00 22.08
CA TYR B 733 29.87 12.15 23.00
C TYR B 733 29.02 13.26 22.39
N ILE B 734 29.29 13.60 21.12
CA ILE B 734 28.56 14.74 20.50
C ILE B 734 27.08 14.39 20.41
N GLU B 735 26.75 13.17 19.96
CA GLU B 735 25.32 12.82 19.75
C GLU B 735 24.55 12.91 21.08
N GLN B 736 25.25 12.95 22.22
CA GLN B 736 24.56 13.10 23.53
C GLN B 736 24.47 14.58 23.94
N ARG B 737 25.26 15.45 23.32
CA ARG B 737 25.30 16.88 23.72
C ARG B 737 24.10 17.63 23.16
N LYS B 738 23.64 18.66 23.89
CA LYS B 738 22.53 19.50 23.36
C LYS B 738 23.06 20.33 22.18
N PRO B 739 22.28 20.56 21.10
CA PRO B 739 20.86 20.20 21.03
C PRO B 739 20.64 18.76 20.55
N CYS B 740 21.70 17.95 20.52
CA CYS B 740 21.63 16.55 20.02
C CYS B 740 20.79 16.52 18.74
N ASP B 741 21.24 17.27 17.72
CA ASP B 741 20.55 17.24 16.41
C ASP B 741 21.47 16.51 15.43
N THR B 742 22.37 15.70 15.97
CA THR B 742 23.26 14.89 15.10
C THR B 742 23.03 13.42 15.44
N MET B 743 23.41 12.54 14.53
CA MET B 743 23.15 11.11 14.77
C MET B 743 24.27 10.29 14.12
N LYS B 744 24.77 9.30 14.85
CA LYS B 744 25.75 8.36 14.25
C LYS B 744 24.97 7.38 13.38
N VAL B 745 25.45 7.16 12.16
CA VAL B 745 24.72 6.27 11.23
C VAL B 745 25.60 5.09 10.83
N GLY B 746 25.05 3.88 10.95
CA GLY B 746 25.81 2.67 10.59
C GLY B 746 26.78 2.26 11.67
N GLY B 747 27.67 1.32 11.35
CA GLY B 747 28.62 0.81 12.35
C GLY B 747 29.95 1.55 12.26
N ASN B 748 31.03 0.87 12.68
CA ASN B 748 32.37 1.50 12.63
C ASN B 748 33.10 1.00 11.38
N LEU B 749 33.83 1.91 10.73
CA LEU B 749 34.55 1.54 9.47
C LEU B 749 35.77 0.69 9.82
N ASP B 750 36.35 0.89 11.00
CA ASP B 750 37.50 0.05 11.41
C ASP B 750 37.61 -0.03 12.93
N SER B 751 38.70 -0.61 13.42
CA SER B 751 38.94 -0.73 14.88
C SER B 751 40.34 -0.22 15.19
N LYS B 752 40.45 0.63 16.20
CA LYS B 752 41.78 1.13 16.61
C LYS B 752 41.69 1.62 18.06
N GLY B 753 42.72 2.31 18.52
CA GLY B 753 42.73 2.72 19.93
C GLY B 753 43.66 3.89 20.16
N TYR B 754 43.46 4.59 21.28
CA TYR B 754 44.35 5.72 21.62
C TYR B 754 45.47 5.22 22.53
N GLY B 755 46.70 5.63 22.21
CA GLY B 755 47.84 5.25 23.06
C GLY B 755 48.53 6.47 23.64
N ILE B 756 49.13 6.30 24.81
CA ILE B 756 49.95 7.41 25.37
C ILE B 756 51.30 7.37 24.67
N ALA B 757 51.68 8.48 24.04
CA ALA B 757 52.91 8.48 23.25
C ALA B 757 54.11 8.97 24.06
N THR B 758 55.31 8.61 23.61
CA THR B 758 56.56 9.05 24.25
C THR B 758 57.58 9.18 23.10
N PRO B 759 58.60 10.05 23.16
CA PRO B 759 59.61 10.11 22.12
C PRO B 759 60.34 8.78 22.01
N LYS B 760 60.66 8.38 20.78
CA LYS B 760 61.37 7.10 20.56
C LYS B 760 62.69 7.11 21.33
N GLY B 761 62.94 6.05 22.10
CA GLY B 761 64.17 5.97 22.91
C GLY B 761 64.04 6.70 24.23
N SER B 762 62.81 7.04 24.64
CA SER B 762 62.63 7.69 25.97
C SER B 762 62.71 6.63 27.08
N ALA B 763 63.09 7.08 28.28
CA ALA B 763 63.19 6.15 29.44
C ALA B 763 61.86 6.09 30.17
N LEU B 764 60.88 6.90 29.74
CA LEU B 764 59.57 6.96 30.43
C LEU B 764 58.59 5.99 29.75
N ARG B 765 59.00 5.38 28.63
CA ARG B 765 58.11 4.50 27.84
C ARG B 765 57.60 3.33 28.70
N GLY B 766 58.49 2.63 29.39
CA GLY B 766 58.08 1.42 30.14
C GLY B 766 57.16 1.73 31.31
N PRO B 767 57.52 2.66 32.21
CA PRO B 767 56.62 3.03 33.31
C PRO B 767 55.24 3.47 32.82
N VAL B 768 55.18 4.18 31.68
CA VAL B 768 53.87 4.65 31.14
C VAL B 768 53.03 3.43 30.74
N ASN B 769 53.66 2.46 30.08
CA ASN B 769 52.96 1.22 29.68
C ASN B 769 52.42 0.53 30.93
N LEU B 770 53.26 0.39 31.95
CA LEU B 770 52.83 -0.31 33.17
C LEU B 770 51.75 0.50 33.88
N ALA B 771 51.84 1.83 33.85
CA ALA B 771 50.81 2.68 34.48
C ALA B 771 49.47 2.44 33.79
N VAL B 772 49.49 2.37 32.46
CA VAL B 772 48.22 2.17 31.71
C VAL B 772 47.67 0.79 32.05
N LEU B 773 48.53 -0.23 32.12
CA LEU B 773 48.06 -1.58 32.48
C LEU B 773 47.45 -1.58 33.88
N LYS B 774 48.11 -0.91 34.82
CA LYS B 774 47.56 -0.83 36.20
C LYS B 774 46.22 -0.09 36.17
N LEU B 775 46.14 1.03 35.46
CA LEU B 775 44.89 1.83 35.43
C LEU B 775 43.77 1.00 34.80
N SER B 776 44.11 0.19 33.80
CA SER B 776 43.08 -0.66 33.14
C SER B 776 42.66 -1.79 34.08
N GLU B 777 43.62 -2.41 34.76
CA GLU B 777 43.27 -3.57 35.63
C GLU B 777 42.55 -3.10 36.89
N GLN B 778 42.68 -1.82 37.25
CA GLN B 778 42.07 -1.32 38.52
C GLN B 778 40.71 -0.66 38.24
N GLY B 779 40.24 -0.71 37.00
CA GLY B 779 38.90 -0.17 36.65
C GLY B 779 38.89 1.35 36.54
N VAL B 780 40.07 1.98 36.58
CA VAL B 780 40.13 3.46 36.56
C VAL B 780 39.68 3.96 35.18
N LEU B 781 40.15 3.35 34.11
CA LEU B 781 39.82 3.82 32.74
C LEU B 781 38.32 3.69 32.51
N ASP B 782 37.72 2.59 32.96
CA ASP B 782 36.26 2.38 32.78
C ASP B 782 35.50 3.48 33.53
N LYS B 783 35.91 3.76 34.76
CA LYS B 783 35.20 4.78 35.59
C LYS B 783 35.35 6.15 34.93
N LEU B 784 36.54 6.47 34.46
CA LEU B 784 36.77 7.79 33.80
C LEU B 784 35.86 7.87 32.56
N LYS B 785 35.82 6.81 31.76
CA LYS B 785 34.96 6.81 30.55
C LYS B 785 33.50 7.01 30.97
N SER B 786 33.04 6.22 31.94
CA SER B 786 31.61 6.30 32.36
C SER B 786 31.31 7.71 32.89
N LYS B 787 32.27 8.30 33.58
CA LYS B 787 32.03 9.64 34.17
C LYS B 787 31.95 10.68 33.07
N TRP B 788 32.88 10.63 32.11
CA TRP B 788 32.98 11.72 31.11
C TRP B 788 32.07 11.52 29.89
N TRP B 789 31.49 10.33 29.70
CA TRP B 789 30.60 10.18 28.52
C TRP B 789 29.15 9.98 28.97
N TYR B 790 28.90 8.93 29.76
CA TYR B 790 27.52 8.58 30.14
C TYR B 790 26.91 9.63 31.06
N ASP B 791 27.66 10.07 32.08
CA ASP B 791 27.09 11.00 33.10
C ASP B 791 26.81 12.37 32.49
N LYS B 792 27.45 12.71 31.36
CA LYS B 792 27.13 13.98 30.68
C LYS B 792 25.70 13.90 30.16
N GLY B 793 25.45 13.06 29.14
CA GLY B 793 24.10 12.82 28.57
C GLY B 793 23.15 14.00 28.63
N SER B 807 -2.10 7.89 13.19
CA SER B 807 -1.95 8.45 11.82
C SER B 807 -3.15 9.32 11.46
N ALA B 808 -3.91 9.79 12.44
CA ALA B 808 -5.09 10.62 12.15
C ALA B 808 -4.64 11.93 11.52
N LEU B 809 -5.42 12.42 10.58
CA LEU B 809 -5.08 13.71 9.94
C LEU B 809 -5.14 14.82 10.99
N SER B 810 -4.11 15.64 11.00
CA SER B 810 -4.03 16.73 12.01
C SER B 810 -4.63 18.01 11.47
N LEU B 811 -4.76 19.01 12.34
CA LEU B 811 -5.29 20.31 11.89
C LEU B 811 -4.23 21.06 11.11
N SER B 812 -2.96 20.68 11.24
CA SER B 812 -1.89 21.45 10.59
C SER B 812 -2.01 21.32 9.07
N ASN B 813 -2.36 20.14 8.56
CA ASN B 813 -2.34 19.92 7.10
C ASN B 813 -3.72 20.09 6.48
N VAL B 814 -4.69 20.59 7.24
CA VAL B 814 -5.99 20.95 6.62
C VAL B 814 -6.28 22.39 7.05
N ALA B 815 -5.30 23.07 7.63
CA ALA B 815 -5.51 24.44 8.11
C ALA B 815 -5.61 25.41 6.94
N GLY B 816 -5.06 25.06 5.79
CA GLY B 816 -5.12 25.98 4.65
C GLY B 816 -6.54 26.22 4.19
N VAL B 817 -7.35 25.18 4.19
CA VAL B 817 -8.76 25.34 3.78
C VAL B 817 -9.54 26.05 4.90
N PHE B 818 -9.04 26.05 6.12
CA PHE B 818 -9.75 26.77 7.20
C PHE B 818 -9.52 28.27 7.08
N TYR B 819 -8.30 28.68 6.78
CA TYR B 819 -8.03 30.13 6.62
C TYR B 819 -8.81 30.67 5.43
N ILE B 820 -8.86 29.90 4.36
CA ILE B 820 -9.57 30.37 3.13
C ILE B 820 -11.06 30.55 3.47
N LEU B 821 -11.62 29.63 4.21
CA LEU B 821 -13.07 29.73 4.52
C LEU B 821 -13.32 31.00 5.33
N ILE B 822 -12.50 31.25 6.35
CA ILE B 822 -12.70 32.48 7.16
C ILE B 822 -12.34 33.70 6.31
N GLY B 823 -11.33 33.59 5.47
CA GLY B 823 -11.00 34.70 4.58
C GLY B 823 -12.14 35.02 3.63
N GLY B 824 -12.81 33.99 3.13
CA GLY B 824 -13.99 34.23 2.29
C GLY B 824 -15.13 34.83 3.08
N LEU B 825 -15.31 34.38 4.31
CA LEU B 825 -16.40 34.93 5.14
C LEU B 825 -16.14 36.41 5.41
N GLY B 826 -14.91 36.79 5.67
CA GLY B 826 -14.62 38.22 5.89
C GLY B 826 -14.84 39.03 4.63
N LEU B 827 -14.51 38.46 3.49
CA LEU B 827 -14.72 39.17 2.21
C LEU B 827 -16.21 39.32 1.94
N ALA B 828 -16.99 38.29 2.24
CA ALA B 828 -18.43 38.35 1.98
C ALA B 828 -19.09 39.42 2.85
N MET B 829 -18.70 39.50 4.11
CA MET B 829 -19.26 40.55 4.99
C MET B 829 -18.84 41.93 4.47
N LEU B 830 -17.61 42.08 4.00
CA LEU B 830 -17.19 43.39 3.45
C LEU B 830 -18.01 43.72 2.21
N VAL B 831 -18.27 42.73 1.36
CA VAL B 831 -19.00 43.01 0.11
C VAL B 831 -20.43 43.44 0.44
N ALA B 832 -21.00 42.87 1.50
CA ALA B 832 -22.39 43.23 1.88
C ALA B 832 -22.47 44.70 2.24
N LEU B 833 -21.47 45.21 2.98
CA LEU B 833 -21.56 46.62 3.40
C LEU B 833 -21.41 47.55 2.19
N ILE B 834 -20.46 47.25 1.31
CA ILE B 834 -20.26 48.15 0.15
C ILE B 834 -21.46 48.02 -0.79
N GLU B 835 -22.13 46.88 -0.81
CA GLU B 835 -23.35 46.77 -1.63
C GLU B 835 -24.51 47.46 -0.92
N PHE B 836 -24.52 47.40 0.41
CA PHE B 836 -25.59 48.08 1.16
C PHE B 836 -25.47 49.60 1.00
N CYS B 837 -24.25 50.11 0.97
CA CYS B 837 -24.05 51.56 0.75
C CYS B 837 -24.34 51.92 -0.71
N TYR B 838 -24.12 50.99 -1.62
CA TYR B 838 -24.47 51.23 -3.04
C TYR B 838 -25.98 51.48 -3.15
N LYS B 839 -26.78 50.63 -2.50
CA LYS B 839 -28.25 50.76 -2.64
C LYS B 839 -28.75 52.00 -1.90
N SER B 840 -27.98 52.51 -0.94
CA SER B 840 -28.39 53.75 -0.25
C SER B 840 -28.43 54.93 -1.24
N ARG B 841 -27.45 55.00 -2.13
CA ARG B 841 -27.41 56.11 -3.11
C ARG B 841 -27.40 55.55 -4.53
N THR C 416 60.79 -9.69 -32.48
CA THR C 416 59.49 -9.00 -32.36
C THR C 416 58.48 -9.94 -31.70
N TYR C 417 57.84 -9.50 -30.62
CA TYR C 417 56.92 -10.38 -29.85
C TYR C 417 55.49 -10.20 -30.33
N ILE C 418 54.69 -11.25 -30.22
CA ILE C 418 53.27 -11.18 -30.64
C ILE C 418 52.44 -10.86 -29.40
N VAL C 419 51.80 -9.69 -29.38
CA VAL C 419 50.97 -9.28 -28.21
C VAL C 419 49.50 -9.50 -28.59
N THR C 420 48.91 -10.59 -28.09
CA THR C 420 47.49 -10.86 -28.42
C THR C 420 46.58 -9.87 -27.70
N THR C 421 45.47 -9.51 -28.33
CA THR C 421 44.47 -8.64 -27.63
C THR C 421 43.07 -8.96 -28.17
N ILE C 422 42.08 -8.20 -27.72
CA ILE C 422 40.67 -8.44 -28.12
C ILE C 422 40.04 -7.08 -28.34
N LEU C 423 39.11 -7.01 -29.29
CA LEU C 423 38.45 -5.72 -29.60
C LEU C 423 37.43 -5.42 -28.49
N GLU C 424 37.64 -4.30 -27.79
CA GLU C 424 36.72 -3.92 -26.70
C GLU C 424 36.89 -2.43 -26.40
N ASP C 425 35.79 -1.70 -26.47
CA ASP C 425 35.83 -0.25 -26.16
C ASP C 425 35.97 -0.09 -24.65
N PRO C 426 36.80 0.82 -24.11
CA PRO C 426 37.77 1.61 -24.91
C PRO C 426 39.20 1.07 -24.82
N TYR C 427 39.35 -0.21 -24.49
CA TYR C 427 40.70 -0.76 -24.27
C TYR C 427 41.45 -0.83 -25.60
N VAL C 428 40.85 -1.49 -26.59
CA VAL C 428 41.49 -1.52 -27.94
C VAL C 428 40.38 -1.29 -28.97
N MET C 429 40.62 -0.37 -29.88
CA MET C 429 39.57 -0.01 -30.86
C MET C 429 40.21 0.27 -32.22
N LEU C 430 39.48 -0.01 -33.30
CA LEU C 430 39.96 0.35 -34.65
C LEU C 430 39.63 1.84 -34.84
N LYS C 431 40.64 2.63 -35.17
CA LYS C 431 40.45 4.10 -35.30
C LYS C 431 39.39 4.42 -36.35
N LYS C 432 38.61 5.48 -36.10
CA LYS C 432 37.58 5.92 -37.08
C LYS C 432 38.28 6.21 -38.40
N ASN C 433 37.91 5.51 -39.47
CA ASN C 433 38.63 5.61 -40.78
C ASN C 433 40.01 5.00 -40.55
N ALA C 434 40.05 3.70 -40.22
CA ALA C 434 41.34 3.01 -39.96
C ALA C 434 42.06 2.76 -41.28
N ASN C 435 41.34 2.79 -42.40
CA ASN C 435 41.94 2.55 -43.74
C ASN C 435 43.05 3.56 -44.00
N GLN C 436 42.91 4.79 -43.48
CA GLN C 436 43.94 5.85 -43.70
C GLN C 436 45.21 5.51 -42.90
N PHE C 437 45.09 4.63 -41.90
CA PHE C 437 46.26 4.28 -41.05
C PHE C 437 46.64 2.82 -41.30
N GLU C 438 47.92 2.50 -41.08
CA GLU C 438 48.39 1.13 -41.39
C GLU C 438 49.48 0.69 -40.43
N GLY C 439 49.56 -0.62 -40.21
CA GLY C 439 50.59 -1.17 -39.30
C GLY C 439 50.08 -1.29 -37.88
N ASN C 440 51.00 -1.33 -36.92
CA ASN C 440 50.62 -1.50 -35.50
C ASN C 440 49.81 -0.30 -35.03
N ASP C 441 49.92 0.82 -35.74
CA ASP C 441 49.18 2.04 -35.36
C ASP C 441 47.80 2.02 -36.04
N ARG C 442 47.24 0.84 -36.26
CA ARG C 442 45.87 0.74 -36.85
C ARG C 442 44.82 0.92 -35.75
N TYR C 443 45.21 0.76 -34.48
CA TYR C 443 44.22 0.79 -33.37
C TYR C 443 44.43 1.93 -32.40
N GLU C 444 43.43 2.14 -31.55
CA GLU C 444 43.58 3.13 -30.45
C GLU C 444 42.94 2.51 -29.19
N GLY C 445 43.18 3.13 -28.05
CA GLY C 445 42.48 2.64 -26.83
C GLY C 445 43.41 2.57 -25.65
N TYR C 446 42.83 2.36 -24.48
CA TYR C 446 43.63 2.33 -23.23
C TYR C 446 44.73 1.29 -23.32
N CYS C 447 44.38 0.06 -23.70
CA CYS C 447 45.38 -1.03 -23.69
C CYS C 447 46.42 -0.83 -24.81
N VAL C 448 46.06 -0.09 -25.86
CA VAL C 448 47.05 0.21 -26.93
C VAL C 448 48.17 1.06 -26.34
N GLU C 449 47.82 2.15 -25.66
CA GLU C 449 48.85 3.03 -25.09
C GLU C 449 49.58 2.28 -23.96
N LEU C 450 48.85 1.44 -23.23
CA LEU C 450 49.50 0.68 -22.13
C LEU C 450 50.54 -0.28 -22.73
N ALA C 451 50.19 -0.93 -23.84
CA ALA C 451 51.16 -1.84 -24.50
C ALA C 451 52.36 -1.03 -24.99
N ALA C 452 52.11 0.15 -25.53
CA ALA C 452 53.22 1.01 -26.01
C ALA C 452 54.15 1.34 -24.83
N GLU C 453 53.58 1.75 -23.70
CA GLU C 453 54.40 2.17 -22.53
C GLU C 453 55.15 0.97 -21.96
N ILE C 454 54.50 -0.18 -21.89
CA ILE C 454 55.19 -1.41 -21.37
C ILE C 454 56.33 -1.76 -22.32
N ALA C 455 56.07 -1.70 -23.63
CA ALA C 455 57.14 -2.03 -24.62
C ALA C 455 58.32 -1.08 -24.42
N LYS C 456 58.04 0.21 -24.24
CA LYS C 456 59.12 1.20 -24.02
C LYS C 456 59.91 0.80 -22.77
N HIS C 457 59.22 0.53 -21.66
CA HIS C 457 59.93 0.27 -20.38
C HIS C 457 60.70 -1.04 -20.45
N VAL C 458 60.13 -2.08 -21.05
CA VAL C 458 60.80 -3.42 -21.04
C VAL C 458 61.88 -3.45 -22.12
N GLY C 459 61.69 -2.66 -23.19
CA GLY C 459 62.67 -2.67 -24.28
C GLY C 459 62.43 -3.84 -25.23
N TYR C 460 61.28 -3.85 -25.90
CA TYR C 460 61.02 -4.89 -26.92
C TYR C 460 60.15 -4.31 -28.02
N SER C 461 60.17 -4.94 -29.20
CA SER C 461 59.26 -4.54 -30.30
C SER C 461 58.12 -5.55 -30.34
N TYR C 462 56.94 -5.14 -30.81
CA TYR C 462 55.79 -6.07 -30.73
C TYR C 462 54.82 -5.83 -31.88
N ARG C 463 54.06 -6.87 -32.21
CA ARG C 463 53.02 -6.76 -33.27
C ARG C 463 51.67 -7.08 -32.61
N LEU C 464 50.71 -6.15 -32.71
CA LEU C 464 49.41 -6.34 -32.03
C LEU C 464 48.52 -7.27 -32.84
N GLU C 465 48.40 -8.52 -32.41
CA GLU C 465 47.52 -9.50 -33.10
C GLU C 465 46.20 -9.58 -32.35
N ILE C 466 45.08 -9.43 -33.05
CA ILE C 466 43.78 -9.62 -32.35
C ILE C 466 43.53 -11.12 -32.25
N VAL C 467 43.03 -11.56 -31.10
CA VAL C 467 42.69 -13.00 -30.93
C VAL C 467 41.68 -13.39 -32.01
N SER C 468 41.84 -14.59 -32.57
CA SER C 468 40.97 -15.04 -33.68
C SER C 468 39.59 -15.43 -33.15
N ASP C 469 39.55 -16.17 -32.04
CA ASP C 469 38.27 -16.68 -31.48
C ASP C 469 37.37 -15.50 -31.09
N GLY C 470 37.97 -14.36 -30.71
CA GLY C 470 37.18 -13.22 -30.23
C GLY C 470 36.67 -13.49 -28.81
N LYS C 471 37.29 -14.44 -28.12
CA LYS C 471 36.87 -14.79 -26.74
C LYS C 471 37.98 -14.41 -25.77
N TYR C 472 37.61 -14.08 -24.54
CA TYR C 472 38.65 -13.73 -23.54
C TYR C 472 39.44 -14.98 -23.18
N GLY C 473 38.72 -16.04 -22.79
CA GLY C 473 39.42 -17.28 -22.48
C GLY C 473 38.71 -18.13 -21.45
N ALA C 474 38.72 -19.45 -21.68
CA ALA C 474 38.05 -20.40 -20.78
C ALA C 474 38.46 -21.80 -21.25
N ARG C 475 38.44 -22.77 -20.35
CA ARG C 475 38.71 -24.14 -20.86
C ARG C 475 37.40 -24.91 -20.87
N ASP C 476 37.06 -25.45 -22.04
CA ASP C 476 35.86 -26.30 -22.18
C ASP C 476 36.04 -27.51 -21.27
N PRO C 477 35.17 -27.76 -20.26
CA PRO C 477 35.41 -28.83 -19.27
C PRO C 477 35.55 -30.23 -19.89
N ASP C 478 34.94 -30.44 -21.07
CA ASP C 478 35.00 -31.74 -21.76
C ASP C 478 36.36 -31.93 -22.42
N THR C 479 36.74 -31.02 -23.33
CA THR C 479 38.01 -31.17 -24.09
C THR C 479 39.20 -30.70 -23.25
N LYS C 480 38.95 -29.86 -22.23
CA LYS C 480 40.03 -29.26 -21.37
C LYS C 480 40.92 -28.37 -22.24
N ALA C 481 40.34 -27.79 -23.30
CA ALA C 481 41.12 -26.94 -24.22
C ALA C 481 40.85 -25.47 -23.92
N TRP C 482 41.92 -24.69 -23.82
CA TRP C 482 41.82 -23.23 -23.59
C TRP C 482 41.58 -22.53 -24.92
N ASN C 483 40.63 -21.60 -24.95
CA ASN C 483 40.36 -20.83 -26.18
C ASN C 483 40.64 -19.36 -25.92
N GLY C 484 40.58 -18.54 -26.97
CA GLY C 484 40.74 -17.09 -26.76
C GLY C 484 42.16 -16.70 -26.43
N MET C 485 42.30 -15.59 -25.73
CA MET C 485 43.66 -15.05 -25.44
C MET C 485 44.44 -16.00 -24.54
N VAL C 486 43.78 -16.62 -23.57
CA VAL C 486 44.52 -17.52 -22.64
C VAL C 486 45.03 -18.71 -23.46
N GLY C 487 44.20 -19.25 -24.36
CA GLY C 487 44.64 -20.34 -25.22
C GLY C 487 45.80 -19.90 -26.10
N GLU C 488 45.69 -18.70 -26.66
CA GLU C 488 46.77 -18.17 -27.54
C GLU C 488 48.07 -18.08 -26.73
N LEU C 489 47.98 -17.69 -25.46
CA LEU C 489 49.22 -17.53 -24.66
C LEU C 489 49.80 -18.89 -24.31
N VAL C 490 48.97 -19.82 -23.84
CA VAL C 490 49.50 -21.13 -23.36
C VAL C 490 50.14 -21.90 -24.50
N TYR C 491 49.48 -21.93 -25.66
CA TYR C 491 49.97 -22.80 -26.77
C TYR C 491 51.22 -22.22 -27.43
N GLY C 492 51.58 -20.97 -27.11
CA GLY C 492 52.85 -20.41 -27.62
C GLY C 492 52.66 -19.45 -28.80
N ARG C 493 51.43 -19.32 -29.29
CA ARG C 493 51.23 -18.49 -30.51
C ARG C 493 51.38 -17.00 -30.15
N ALA C 494 51.23 -16.66 -28.86
CA ALA C 494 51.45 -15.27 -28.43
C ALA C 494 52.39 -15.23 -27.23
N ASP C 495 53.06 -14.09 -27.05
CA ASP C 495 54.06 -13.95 -25.96
C ASP C 495 53.54 -13.04 -24.85
N VAL C 496 52.57 -12.17 -25.16
CA VAL C 496 51.97 -11.28 -24.12
C VAL C 496 50.48 -11.06 -24.45
N ALA C 497 49.68 -10.75 -23.43
CA ALA C 497 48.28 -10.34 -23.69
C ALA C 497 48.06 -9.03 -22.93
N VAL C 498 47.70 -7.96 -23.66
CA VAL C 498 47.54 -6.63 -22.99
C VAL C 498 46.07 -6.26 -23.13
N ALA C 499 45.18 -7.24 -23.01
CA ALA C 499 43.74 -6.93 -23.06
C ALA C 499 43.21 -6.78 -21.64
N PRO C 500 41.94 -6.33 -21.44
CA PRO C 500 41.33 -6.33 -20.11
C PRO C 500 41.08 -7.78 -19.68
N LEU C 501 42.16 -8.50 -19.37
CA LEU C 501 42.05 -9.93 -19.02
C LEU C 501 41.99 -10.05 -17.49
N THR C 502 40.86 -10.56 -17.00
CA THR C 502 40.67 -10.62 -15.54
C THR C 502 41.64 -11.61 -14.90
N ILE C 503 42.16 -11.24 -13.73
CA ILE C 503 43.03 -12.19 -12.99
C ILE C 503 42.12 -13.18 -12.27
N THR C 504 42.24 -14.45 -12.66
CA THR C 504 41.43 -15.50 -11.99
C THR C 504 42.35 -16.64 -11.56
N LEU C 505 41.89 -17.41 -10.59
CA LEU C 505 42.72 -18.52 -10.04
C LEU C 505 43.00 -19.55 -11.13
N VAL C 506 41.97 -19.92 -11.90
CA VAL C 506 42.13 -20.98 -12.94
C VAL C 506 43.15 -20.51 -13.98
N ARG C 507 43.14 -19.23 -14.31
CA ARG C 507 44.08 -18.72 -15.34
C ARG C 507 45.48 -18.62 -14.71
N GLU C 508 45.56 -18.25 -13.44
CA GLU C 508 46.89 -18.09 -12.78
C GLU C 508 47.61 -19.44 -12.73
N GLU C 509 46.85 -20.53 -12.83
CA GLU C 509 47.47 -21.89 -12.78
C GLU C 509 48.11 -22.24 -14.12
N VAL C 510 47.80 -21.49 -15.19
CA VAL C 510 48.31 -21.90 -16.54
C VAL C 510 49.13 -20.77 -17.18
N ILE C 511 48.90 -19.52 -16.75
CA ILE C 511 49.67 -18.37 -17.31
C ILE C 511 50.10 -17.48 -16.15
N ASP C 512 51.09 -16.62 -16.40
CA ASP C 512 51.54 -15.69 -15.35
C ASP C 512 50.85 -14.34 -15.51
N PHE C 513 50.50 -13.71 -14.39
CA PHE C 513 49.91 -12.36 -14.45
C PHE C 513 50.81 -11.35 -13.75
N SER C 514 50.78 -10.11 -14.21
CA SER C 514 51.51 -9.03 -13.49
C SER C 514 50.59 -8.49 -12.40
N LYS C 515 51.06 -7.50 -11.64
CA LYS C 515 50.15 -6.87 -10.66
C LYS C 515 49.01 -6.21 -11.44
N PRO C 516 47.78 -6.17 -10.90
CA PRO C 516 46.66 -5.61 -11.65
C PRO C 516 46.91 -4.14 -12.02
N PHE C 517 46.52 -3.79 -13.25
CA PHE C 517 46.70 -2.39 -13.68
C PHE C 517 45.34 -1.67 -13.64
N MET C 518 44.30 -2.37 -13.21
CA MET C 518 42.99 -1.70 -13.07
C MET C 518 42.11 -2.55 -12.17
N SER C 519 41.34 -1.90 -11.29
CA SER C 519 40.44 -2.63 -10.38
C SER C 519 39.02 -2.64 -10.97
N LEU C 520 38.20 -3.59 -10.53
CA LEU C 520 36.82 -3.67 -11.04
C LEU C 520 36.03 -4.70 -10.25
N GLY C 521 34.74 -4.82 -10.56
CA GLY C 521 33.92 -5.88 -9.95
C GLY C 521 32.80 -6.23 -10.90
N ILE C 522 32.15 -7.37 -10.64
CA ILE C 522 30.96 -7.70 -11.47
C ILE C 522 29.87 -6.71 -11.07
N SER C 523 29.17 -6.17 -12.06
CA SER C 523 28.14 -5.17 -11.74
C SER C 523 26.90 -5.39 -12.61
N ILE C 524 25.77 -4.87 -12.14
CA ILE C 524 24.50 -5.03 -12.90
C ILE C 524 24.24 -3.75 -13.70
N MET C 525 23.90 -3.86 -14.97
CA MET C 525 23.53 -2.56 -15.59
C MET C 525 22.03 -2.64 -15.80
N ILE C 526 21.38 -1.50 -15.93
CA ILE C 526 19.99 -1.57 -16.44
C ILE C 526 20.07 -0.68 -17.66
N LYS C 527 19.13 -0.88 -18.57
CA LYS C 527 19.01 0.12 -19.65
C LYS C 527 18.33 1.20 -18.81
N LYS C 528 19.15 2.00 -18.14
CA LYS C 528 18.57 3.04 -17.26
C LYS C 528 17.24 3.45 -17.87
N LYS C 533 5.43 7.54 -20.16
CA LYS C 533 4.76 8.78 -20.64
C LYS C 533 3.25 8.58 -20.54
N PRO C 534 2.61 8.97 -19.42
CA PRO C 534 1.17 8.83 -19.28
C PRO C 534 0.53 9.10 -20.63
N GLY C 535 -0.04 8.07 -21.27
CA GLY C 535 -0.60 8.24 -22.62
C GLY C 535 -1.93 8.97 -22.57
N VAL C 536 -2.29 9.70 -23.62
CA VAL C 536 -3.56 10.46 -23.50
C VAL C 536 -4.71 9.48 -23.31
N PHE C 537 -5.83 9.99 -22.79
CA PHE C 537 -7.00 9.13 -22.48
C PHE C 537 -6.61 8.03 -21.51
N SER C 538 -5.72 8.33 -20.57
CA SER C 538 -5.32 7.33 -19.56
C SER C 538 -6.24 7.36 -18.35
N PHE C 539 -7.14 8.34 -18.27
CA PHE C 539 -8.06 8.39 -17.13
C PHE C 539 -9.09 7.27 -17.21
N LEU C 540 -9.21 6.63 -18.37
CA LEU C 540 -10.15 5.49 -18.52
C LEU C 540 -9.49 4.17 -18.13
N ASP C 541 -8.23 4.20 -17.73
CA ASP C 541 -7.53 2.95 -17.37
C ASP C 541 -8.16 2.23 -16.18
N PRO C 542 -8.59 2.87 -15.08
CA PRO C 542 -9.10 2.11 -13.95
C PRO C 542 -10.23 1.12 -14.28
N LEU C 543 -11.06 1.45 -15.26
CA LEU C 543 -12.14 0.53 -15.68
C LEU C 543 -11.85 0.02 -17.08
N ALA C 544 -11.94 -1.29 -17.25
CA ALA C 544 -11.62 -1.89 -18.55
C ALA C 544 -12.55 -1.38 -19.64
N TYR C 545 -12.08 -1.45 -20.88
CA TYR C 545 -12.85 -0.91 -22.02
C TYR C 545 -14.19 -1.61 -22.16
N GLU C 546 -14.32 -2.83 -21.62
CA GLU C 546 -15.61 -3.52 -21.67
C GLU C 546 -16.63 -2.78 -20.81
N ILE C 547 -16.23 -2.31 -19.65
CA ILE C 547 -17.18 -1.60 -18.75
C ILE C 547 -17.60 -0.29 -19.41
N TRP C 548 -16.67 0.42 -20.03
CA TRP C 548 -17.03 1.73 -20.62
C TRP C 548 -18.06 1.53 -21.74
N MET C 549 -17.91 0.48 -22.52
CA MET C 549 -18.90 0.22 -23.59
C MET C 549 -20.25 -0.11 -22.96
N CYS C 550 -20.25 -0.95 -21.94
CA CYS C 550 -21.54 -1.39 -21.36
C CYS C 550 -22.17 -0.26 -20.54
N ILE C 551 -21.39 0.67 -20.03
CA ILE C 551 -21.99 1.82 -19.32
C ILE C 551 -22.78 2.67 -20.30
N VAL C 552 -22.25 2.88 -21.50
CA VAL C 552 -22.98 3.65 -22.52
C VAL C 552 -24.24 2.88 -22.91
N PHE C 553 -24.14 1.58 -23.09
CA PHE C 553 -25.33 0.79 -23.44
C PHE C 553 -26.35 0.80 -22.31
N ALA C 554 -25.89 0.71 -21.07
CA ALA C 554 -26.81 0.75 -19.93
C ALA C 554 -27.47 2.12 -19.82
N TYR C 555 -26.71 3.17 -20.09
CA TYR C 555 -27.27 4.53 -20.00
C TYR C 555 -28.36 4.73 -21.03
N ILE C 556 -28.14 4.25 -22.24
CA ILE C 556 -29.18 4.39 -23.29
C ILE C 556 -30.40 3.54 -22.93
N GLY C 557 -30.19 2.34 -22.44
CA GLY C 557 -31.31 1.47 -22.09
C GLY C 557 -32.15 2.04 -20.95
N VAL C 558 -31.50 2.58 -19.93
CA VAL C 558 -32.24 3.13 -18.78
C VAL C 558 -33.05 4.33 -19.24
N SER C 559 -32.45 5.19 -20.06
CA SER C 559 -33.15 6.40 -20.51
C SER C 559 -34.41 6.03 -21.31
N VAL C 560 -34.29 5.03 -22.19
CA VAL C 560 -35.47 4.66 -23.01
C VAL C 560 -36.55 4.07 -22.12
N VAL C 561 -36.16 3.20 -21.18
CA VAL C 561 -37.17 2.54 -20.33
C VAL C 561 -37.84 3.57 -19.44
N LEU C 562 -37.08 4.49 -18.89
CA LEU C 562 -37.66 5.52 -18.00
C LEU C 562 -38.64 6.37 -18.80
N PHE C 563 -38.31 6.69 -20.04
CA PHE C 563 -39.26 7.43 -20.88
C PHE C 563 -40.47 6.55 -21.20
N LEU C 564 -40.24 5.28 -21.43
CA LEU C 564 -41.36 4.38 -21.84
C LEU C 564 -42.40 4.29 -20.72
N VAL C 565 -41.97 4.07 -19.49
CA VAL C 565 -42.95 3.87 -18.40
C VAL C 565 -43.55 5.19 -17.93
N SER C 566 -42.93 6.31 -18.27
CA SER C 566 -43.43 7.61 -17.76
C SER C 566 -44.29 8.33 -18.79
N ARG C 567 -44.21 7.95 -20.06
CA ARG C 567 -44.94 8.71 -21.12
C ARG C 567 -46.07 7.89 -21.72
N PHE C 568 -45.93 6.57 -21.77
CA PHE C 568 -46.93 5.74 -22.50
C PHE C 568 -48.23 5.59 -21.71
N SER C 569 -48.24 5.92 -20.43
CA SER C 569 -49.44 5.66 -19.61
C SER C 569 -50.43 6.81 -19.73
N PRO C 570 -51.64 6.62 -20.26
CA PRO C 570 -52.67 7.65 -20.21
C PRO C 570 -52.90 8.24 -18.81
N TYR C 571 -52.85 7.42 -17.77
CA TYR C 571 -53.06 7.92 -16.39
C TYR C 571 -51.94 8.90 -16.02
N GLU C 572 -50.70 8.56 -16.37
CA GLU C 572 -49.56 9.46 -16.08
C GLU C 572 -49.61 10.70 -16.98
N TRP C 573 -50.01 10.54 -18.23
CA TRP C 573 -50.09 11.69 -19.15
C TRP C 573 -51.35 11.63 -20.01
N GLU C 592 -43.37 15.43 -17.85
CA GLU C 592 -42.16 16.23 -18.18
C GLU C 592 -41.01 15.30 -18.52
N PHE C 593 -41.23 14.00 -18.42
CA PHE C 593 -40.16 13.02 -18.67
C PHE C 593 -40.18 12.56 -20.13
N GLY C 594 -39.98 13.52 -21.01
CA GLY C 594 -39.89 13.18 -22.45
C GLY C 594 -38.58 12.49 -22.74
N ILE C 595 -38.40 12.11 -24.00
CA ILE C 595 -37.20 11.31 -24.35
C ILE C 595 -35.94 12.16 -24.13
N PHE C 596 -35.98 13.43 -24.50
CA PHE C 596 -34.80 14.29 -24.29
C PHE C 596 -34.59 14.58 -22.81
N ASN C 597 -35.67 14.73 -22.06
CA ASN C 597 -35.55 14.99 -20.61
C ASN C 597 -35.09 13.73 -19.88
N SER C 598 -35.54 12.56 -20.34
CA SER C 598 -35.15 11.31 -19.67
C SER C 598 -33.64 11.08 -19.85
N LEU C 599 -33.13 11.35 -21.03
CA LEU C 599 -31.68 11.19 -21.26
C LEU C 599 -30.91 12.18 -20.39
N TRP C 600 -31.44 13.37 -20.22
CA TRP C 600 -30.77 14.38 -19.37
C TRP C 600 -30.75 13.93 -17.92
N PHE C 601 -31.85 13.36 -17.45
CA PHE C 601 -31.91 12.92 -16.04
C PHE C 601 -30.98 11.73 -15.83
N SER C 602 -30.97 10.80 -16.77
CA SER C 602 -30.11 9.60 -16.64
C SER C 602 -28.64 10.03 -16.64
N LEU C 603 -28.28 10.96 -17.52
CA LEU C 603 -26.87 11.44 -17.54
C LEU C 603 -26.57 12.16 -16.22
N GLY C 604 -27.47 13.01 -15.77
CA GLY C 604 -27.21 13.76 -14.53
C GLY C 604 -27.07 12.84 -13.34
N ALA C 605 -27.88 11.79 -13.29
CA ALA C 605 -27.84 10.87 -12.13
C ALA C 605 -26.51 10.12 -12.14
N PHE C 606 -26.03 9.72 -13.30
CA PHE C 606 -24.80 8.90 -13.35
C PHE C 606 -23.59 9.68 -12.88
N MET C 607 -23.67 11.01 -12.91
CA MET C 607 -22.48 11.82 -12.58
C MET C 607 -22.68 12.51 -11.23
N GLN C 608 -23.66 12.07 -10.45
CA GLN C 608 -23.91 12.59 -9.09
C GLN C 608 -24.04 14.11 -9.10
N GLN C 609 -24.74 14.64 -10.10
CA GLN C 609 -24.96 16.10 -10.14
C GLN C 609 -26.44 16.44 -9.96
N GLY C 610 -27.29 15.44 -9.79
CA GLY C 610 -28.72 15.71 -9.64
C GLY C 610 -29.38 16.12 -10.96
N CYS C 611 -30.63 16.55 -10.87
CA CYS C 611 -31.36 16.94 -12.10
C CYS C 611 -32.52 17.84 -11.72
N ASP C 612 -33.09 18.49 -12.72
CA ASP C 612 -34.19 19.45 -12.44
C ASP C 612 -35.52 18.72 -12.24
N ILE C 613 -35.56 17.41 -12.53
CA ILE C 613 -36.82 16.64 -12.41
C ILE C 613 -36.52 15.33 -11.71
N SER C 614 -37.55 14.75 -11.12
CA SER C 614 -37.43 13.42 -10.47
C SER C 614 -38.67 12.61 -10.81
N PRO C 615 -38.57 11.27 -10.88
CA PRO C 615 -39.73 10.48 -11.17
C PRO C 615 -40.78 10.56 -10.06
N ARG C 616 -42.05 10.44 -10.44
CA ARG C 616 -43.15 10.48 -9.45
C ARG C 616 -43.93 9.16 -9.40
N SER C 617 -43.97 8.43 -10.50
CA SER C 617 -44.71 7.16 -10.52
C SER C 617 -43.87 6.07 -9.88
N LEU C 618 -44.52 4.96 -9.56
CA LEU C 618 -43.77 3.83 -8.96
C LEU C 618 -42.80 3.24 -9.99
N SER C 619 -43.25 3.12 -11.22
CA SER C 619 -42.39 2.55 -12.28
C SER C 619 -41.18 3.43 -12.51
N GLY C 620 -41.37 4.73 -12.54
CA GLY C 620 -40.23 5.64 -12.75
C GLY C 620 -39.27 5.61 -11.58
N ARG C 621 -39.79 5.46 -10.37
CA ARG C 621 -38.90 5.47 -9.19
C ARG C 621 -38.16 4.14 -9.07
N ILE C 622 -38.74 3.07 -9.58
CA ILE C 622 -38.00 1.78 -9.56
C ILE C 622 -36.82 1.88 -10.53
N VAL C 623 -37.02 2.46 -11.70
CA VAL C 623 -35.91 2.65 -12.66
C VAL C 623 -34.86 3.57 -12.05
N GLY C 624 -35.28 4.65 -11.42
CA GLY C 624 -34.32 5.57 -10.81
C GLY C 624 -33.54 4.91 -9.69
N GLY C 625 -34.19 4.04 -8.94
CA GLY C 625 -33.50 3.39 -7.82
C GLY C 625 -32.38 2.51 -8.29
N VAL C 626 -32.64 1.68 -9.30
CA VAL C 626 -31.58 0.74 -9.76
C VAL C 626 -30.53 1.51 -10.56
N TRP C 627 -30.94 2.51 -11.33
CA TRP C 627 -29.95 3.31 -12.08
C TRP C 627 -29.03 4.07 -11.13
N TRP C 628 -29.59 4.58 -10.05
CA TRP C 628 -28.73 5.26 -9.05
C TRP C 628 -27.76 4.25 -8.45
N PHE C 629 -28.24 3.05 -8.14
CA PHE C 629 -27.37 2.07 -7.47
C PHE C 629 -26.22 1.68 -8.39
N PHE C 630 -26.51 1.50 -9.66
CA PHE C 630 -25.44 1.21 -10.63
C PHE C 630 -24.46 2.37 -10.68
N THR C 631 -24.95 3.59 -10.52
CA THR C 631 -24.06 4.76 -10.54
C THR C 631 -23.18 4.75 -9.30
N LEU C 632 -23.75 4.49 -8.13
CA LEU C 632 -22.95 4.58 -6.89
C LEU C 632 -21.88 3.50 -6.87
N ILE C 633 -22.20 2.30 -7.34
CA ILE C 633 -21.21 1.20 -7.28
C ILE C 633 -20.09 1.47 -8.28
N ILE C 634 -20.44 1.91 -9.48
CA ILE C 634 -19.40 2.07 -10.54
C ILE C 634 -18.44 3.19 -10.17
N ILE C 635 -18.96 4.31 -9.72
CA ILE C 635 -18.07 5.47 -9.43
C ILE C 635 -17.15 5.12 -8.26
N SER C 636 -17.69 4.47 -7.24
CA SER C 636 -16.82 4.01 -6.13
C SER C 636 -15.78 3.01 -6.64
N SER C 637 -16.15 2.20 -7.63
CA SER C 637 -15.17 1.28 -8.23
C SER C 637 -14.10 2.07 -8.98
N TYR C 638 -14.49 3.13 -9.66
CA TYR C 638 -13.51 3.94 -10.41
C TYR C 638 -12.52 4.58 -9.44
N THR C 639 -13.03 5.18 -8.37
CA THR C 639 -12.14 5.83 -7.40
C THR C 639 -11.27 4.80 -6.69
N ALA C 640 -11.85 3.66 -6.32
CA ALA C 640 -11.07 2.65 -5.59
C ALA C 640 -9.97 2.08 -6.48
N ASN C 641 -10.29 1.76 -7.72
CA ASN C 641 -9.28 1.16 -8.60
C ASN C 641 -8.23 2.19 -8.99
N LEU C 642 -8.62 3.44 -9.19
CA LEU C 642 -7.63 4.48 -9.51
C LEU C 642 -6.68 4.68 -8.34
N ALA C 643 -7.19 4.63 -7.11
CA ALA C 643 -6.31 4.73 -5.94
C ALA C 643 -5.34 3.55 -5.91
N ALA C 644 -5.81 2.36 -6.24
CA ALA C 644 -4.91 1.20 -6.30
C ALA C 644 -3.89 1.40 -7.42
N PHE C 645 -4.32 1.95 -8.54
CA PHE C 645 -3.38 2.20 -9.66
C PHE C 645 -2.30 3.18 -9.23
N LEU C 646 -2.68 4.23 -8.50
CA LEU C 646 -1.69 5.29 -8.18
C LEU C 646 -0.79 4.86 -7.03
N THR C 647 -1.28 4.01 -6.14
CA THR C 647 -0.47 3.60 -4.96
C THR C 647 0.53 2.54 -5.37
N VAL C 648 0.06 1.39 -5.84
CA VAL C 648 0.97 0.26 -6.19
C VAL C 648 2.18 0.85 -6.89
N GLU C 649 1.97 1.78 -7.82
CA GLU C 649 3.07 2.41 -8.58
C GLU C 649 3.83 3.33 -7.69
N ARG C 650 4.16 2.62 -6.66
CA ARG C 650 5.16 3.36 -5.95
C ARG C 650 5.49 2.70 -4.61
N ILE C 655 16.13 -1.51 -7.99
CA ILE C 655 16.93 -2.77 -7.96
C ILE C 655 17.67 -2.85 -6.63
N GLU C 656 18.76 -2.07 -6.50
CA GLU C 656 19.44 -1.92 -5.19
C GLU C 656 20.34 -3.06 -4.72
N SER C 657 20.21 -4.25 -5.29
CA SER C 657 20.96 -5.35 -4.64
C SER C 657 21.18 -6.55 -5.56
N ALA C 658 21.77 -7.64 -5.06
CA ALA C 658 21.91 -8.87 -5.86
C ALA C 658 20.55 -9.58 -5.84
N GLU C 659 19.91 -9.62 -4.68
CA GLU C 659 18.66 -10.42 -4.53
C GLU C 659 17.60 -9.95 -5.51
N ASP C 660 17.38 -8.64 -5.64
CA ASP C 660 16.45 -8.04 -6.64
C ASP C 660 16.50 -8.75 -8.01
N LEU C 661 17.68 -9.10 -8.49
CA LEU C 661 17.67 -9.87 -9.75
C LEU C 661 17.34 -11.34 -9.56
N ALA C 662 18.02 -11.99 -8.62
CA ALA C 662 17.74 -13.41 -8.31
C ALA C 662 16.28 -13.60 -7.93
N LYS C 663 15.71 -12.62 -7.24
CA LYS C 663 14.39 -12.83 -6.61
C LYS C 663 13.26 -12.72 -7.62
N GLN C 664 13.35 -11.74 -8.52
CA GLN C 664 12.33 -11.64 -9.60
C GLN C 664 12.60 -12.66 -10.71
N THR C 665 11.69 -12.71 -11.69
CA THR C 665 11.92 -13.57 -12.88
C THR C 665 11.43 -12.84 -14.13
N GLU C 666 10.91 -11.62 -13.98
CA GLU C 666 10.36 -10.88 -15.13
C GLU C 666 11.51 -10.35 -15.99
N ILE C 667 12.62 -9.98 -15.35
CA ILE C 667 13.81 -9.48 -16.09
C ILE C 667 14.82 -10.61 -16.23
N ALA C 668 15.21 -10.91 -17.47
CA ALA C 668 16.23 -11.95 -17.71
C ALA C 668 17.61 -11.29 -17.65
N TYR C 669 18.56 -11.97 -17.02
CA TYR C 669 19.90 -11.38 -16.86
C TYR C 669 20.94 -12.38 -17.35
N GLY C 670 21.86 -11.88 -18.18
CA GLY C 670 22.86 -12.78 -18.77
C GLY C 670 24.28 -12.27 -18.62
N THR C 671 25.22 -13.00 -19.21
CA THR C 671 26.65 -12.63 -19.08
C THR C 671 27.31 -12.78 -20.46
N LEU C 672 28.60 -12.49 -20.55
CA LEU C 672 29.34 -12.69 -21.81
C LEU C 672 29.83 -14.14 -21.83
N GLU C 673 29.83 -14.76 -23.01
CA GLU C 673 30.23 -16.18 -23.13
C GLU C 673 31.75 -16.29 -23.13
N ALA C 674 32.29 -17.36 -22.51
CA ALA C 674 33.75 -17.60 -22.44
C ALA C 674 34.44 -16.42 -21.75
N GLY C 675 33.83 -15.93 -20.67
CA GLY C 675 34.40 -14.78 -19.95
C GLY C 675 34.59 -15.09 -18.47
N SER C 676 35.34 -14.24 -17.77
CA SER C 676 35.60 -14.45 -16.33
C SER C 676 34.30 -14.37 -15.53
N THR C 677 33.33 -13.59 -16.01
CA THR C 677 32.07 -13.41 -15.25
C THR C 677 31.27 -14.71 -15.30
N LYS C 678 31.16 -15.31 -16.49
CA LYS C 678 30.45 -16.59 -16.63
C LYS C 678 31.13 -17.62 -15.76
N GLU C 679 32.46 -17.65 -15.80
CA GLU C 679 33.22 -18.68 -15.03
C GLU C 679 33.07 -18.38 -13.53
N PHE C 680 33.00 -17.10 -13.16
CA PHE C 680 32.80 -16.73 -11.74
C PHE C 680 31.46 -17.28 -11.27
N PHE C 681 30.43 -17.15 -12.10
CA PHE C 681 29.08 -17.60 -11.68
C PHE C 681 29.01 -19.12 -11.69
N ARG C 682 29.66 -19.75 -12.67
CA ARG C 682 29.60 -21.22 -12.77
C ARG C 682 30.22 -21.84 -11.53
N ARG C 683 31.42 -21.40 -11.15
CA ARG C 683 32.14 -22.09 -10.04
C ARG C 683 31.85 -21.41 -8.69
N SER C 684 30.73 -20.70 -8.58
CA SER C 684 30.47 -20.01 -7.29
C SER C 684 29.84 -20.98 -6.29
N LYS C 685 30.03 -20.70 -5.00
CA LYS C 685 29.47 -21.57 -3.93
C LYS C 685 28.61 -20.71 -2.99
N ILE C 686 28.45 -19.43 -3.30
CA ILE C 686 27.56 -18.56 -2.49
C ILE C 686 26.13 -18.88 -2.89
N ALA C 687 25.22 -18.93 -1.91
CA ALA C 687 23.83 -19.36 -2.18
C ALA C 687 23.23 -18.51 -3.31
N VAL C 688 23.33 -17.19 -3.20
CA VAL C 688 22.71 -16.28 -4.20
C VAL C 688 23.33 -16.56 -5.57
N PHE C 689 24.65 -16.66 -5.63
CA PHE C 689 25.34 -16.82 -6.94
C PHE C 689 25.06 -18.21 -7.51
N GLU C 690 24.95 -19.22 -6.65
CA GLU C 690 24.62 -20.58 -7.14
C GLU C 690 23.19 -20.55 -7.69
N LYS C 691 22.26 -19.87 -7.00
CA LYS C 691 20.88 -19.74 -7.51
C LYS C 691 20.91 -19.03 -8.86
N MET C 692 21.71 -17.97 -8.96
CA MET C 692 21.79 -17.19 -10.22
C MET C 692 22.33 -18.07 -11.33
N TRP C 693 23.34 -18.88 -11.03
CA TRP C 693 23.97 -19.73 -12.06
C TRP C 693 22.96 -20.80 -12.51
N THR C 694 22.26 -21.40 -11.56
CA THR C 694 21.30 -22.47 -11.92
C THR C 694 20.24 -21.87 -12.85
N TYR C 695 19.81 -20.65 -12.56
CA TYR C 695 18.84 -19.98 -13.46
C TYR C 695 19.49 -19.73 -14.81
N MET C 696 20.69 -19.14 -14.83
CA MET C 696 21.28 -18.71 -16.12
C MET C 696 21.58 -19.91 -17.00
N LYS C 697 22.05 -21.01 -16.42
CA LYS C 697 22.45 -22.19 -17.24
C LYS C 697 21.20 -22.76 -17.94
N SER C 698 20.05 -22.75 -17.26
CA SER C 698 18.82 -23.38 -17.80
C SER C 698 17.81 -22.35 -18.29
N ALA C 699 18.26 -21.14 -18.64
CA ALA C 699 17.33 -20.11 -19.16
C ALA C 699 17.20 -20.21 -20.67
N GLU C 700 15.98 -20.02 -21.17
CA GLU C 700 15.72 -20.07 -22.63
C GLU C 700 14.81 -18.88 -23.00
N PRO C 701 15.13 -18.04 -24.00
CA PRO C 701 16.33 -18.18 -24.84
C PRO C 701 17.63 -17.91 -24.07
N SER C 702 18.78 -18.29 -24.64
CA SER C 702 20.09 -18.11 -23.96
C SER C 702 20.21 -16.67 -23.47
N VAL C 703 20.42 -16.50 -22.17
CA VAL C 703 20.59 -15.14 -21.60
C VAL C 703 21.97 -14.63 -22.01
N PHE C 704 22.91 -15.56 -22.23
CA PHE C 704 24.30 -15.16 -22.52
C PHE C 704 24.39 -14.43 -23.85
N VAL C 705 25.51 -13.73 -24.03
CA VAL C 705 25.74 -12.98 -25.29
C VAL C 705 27.15 -13.30 -25.78
N ARG C 706 27.53 -12.80 -26.95
CA ARG C 706 28.84 -13.17 -27.53
C ARG C 706 29.83 -12.01 -27.33
N THR C 707 29.32 -10.78 -27.19
CA THR C 707 30.21 -9.61 -27.03
C THR C 707 29.56 -8.59 -26.10
N THR C 708 30.38 -7.71 -25.52
CA THR C 708 29.83 -6.67 -24.61
C THR C 708 28.86 -5.78 -25.38
N GLU C 709 29.21 -5.39 -26.61
CA GLU C 709 28.32 -4.57 -27.46
C GLU C 709 26.98 -5.31 -27.63
N GLU C 710 27.03 -6.63 -27.76
CA GLU C 710 25.79 -7.42 -27.96
C GLU C 710 24.91 -7.26 -26.71
N GLY C 711 25.50 -7.38 -25.52
CA GLY C 711 24.74 -7.23 -24.27
C GLY C 711 24.23 -5.81 -24.11
N MET C 712 25.05 -4.83 -24.49
CA MET C 712 24.65 -3.41 -24.37
C MET C 712 23.43 -3.18 -25.26
N ILE C 713 23.47 -3.68 -26.49
CA ILE C 713 22.33 -3.44 -27.41
C ILE C 713 21.13 -4.26 -26.90
N ARG C 714 21.40 -5.41 -26.30
CA ARG C 714 20.29 -6.26 -25.80
C ARG C 714 19.58 -5.51 -24.67
N VAL C 715 20.32 -4.87 -23.78
CA VAL C 715 19.65 -4.11 -22.67
C VAL C 715 18.95 -2.90 -23.27
N ARG C 716 19.56 -2.27 -24.26
CA ARG C 716 18.97 -1.04 -24.84
C ARG C 716 17.72 -1.40 -25.64
N LYS C 717 17.71 -2.57 -26.28
CA LYS C 717 16.58 -2.93 -27.18
C LYS C 717 15.66 -3.94 -26.49
N SER C 718 15.92 -4.26 -25.22
CA SER C 718 14.98 -5.14 -24.46
C SER C 718 13.98 -4.27 -23.71
N LYS C 719 14.08 -2.95 -23.85
CA LYS C 719 13.11 -2.01 -23.21
C LYS C 719 13.07 -2.29 -21.71
N GLY C 720 14.24 -2.39 -21.07
CA GLY C 720 14.29 -2.58 -19.61
C GLY C 720 13.77 -3.93 -19.17
N LYS C 721 13.98 -4.96 -19.98
CA LYS C 721 13.59 -6.34 -19.56
C LYS C 721 14.85 -7.22 -19.49
N TYR C 722 16.02 -6.60 -19.69
CA TYR C 722 17.30 -7.35 -19.68
C TYR C 722 18.30 -6.67 -18.75
N ALA C 723 18.87 -7.45 -17.82
CA ALA C 723 19.87 -6.90 -16.87
C ALA C 723 21.21 -7.56 -17.16
N TYR C 724 22.15 -6.78 -17.68
CA TYR C 724 23.44 -7.38 -18.11
C TYR C 724 24.43 -7.40 -16.96
N LEU C 725 25.06 -8.57 -16.75
CA LEU C 725 26.10 -8.67 -15.70
C LEU C 725 27.47 -8.52 -16.35
N LEU C 726 28.12 -7.40 -16.08
CA LEU C 726 29.42 -7.16 -16.74
C LEU C 726 30.38 -6.52 -15.74
N GLU C 727 31.59 -6.23 -16.18
CA GLU C 727 32.59 -5.67 -15.25
C GLU C 727 32.30 -4.18 -15.05
N SER C 728 32.58 -3.71 -13.85
CA SER C 728 32.20 -2.32 -13.48
C SER C 728 32.84 -1.29 -14.42
N THR C 729 34.06 -1.56 -14.89
CA THR C 729 34.75 -0.54 -15.72
C THR C 729 34.01 -0.38 -17.04
N MET C 730 33.66 -1.50 -17.68
CA MET C 730 32.89 -1.42 -18.95
C MET C 730 31.54 -0.77 -18.66
N ASN C 731 30.91 -1.17 -17.56
CA ASN C 731 29.58 -0.63 -17.21
C ASN C 731 29.68 0.90 -17.11
N GLU C 732 30.70 1.38 -16.39
CA GLU C 732 30.87 2.84 -16.22
C GLU C 732 31.10 3.48 -17.59
N TYR C 733 31.98 2.91 -18.40
CA TYR C 733 32.30 3.51 -19.71
C TYR C 733 31.03 3.62 -20.54
N ILE C 734 30.24 2.55 -20.58
CA ILE C 734 29.02 2.55 -21.42
C ILE C 734 28.07 3.62 -20.87
N GLU C 735 27.84 3.62 -19.56
CA GLU C 735 26.87 4.56 -18.95
C GLU C 735 27.30 6.02 -19.20
N GLN C 736 28.54 6.25 -19.60
CA GLN C 736 29.00 7.63 -19.87
C GLN C 736 28.76 8.01 -21.32
N ARG C 737 28.94 7.07 -22.26
CA ARG C 737 28.86 7.44 -23.69
C ARG C 737 27.41 7.53 -24.17
N LYS C 738 27.16 8.45 -25.10
CA LYS C 738 25.79 8.65 -25.63
C LYS C 738 25.36 7.42 -26.45
N PRO C 739 24.08 6.99 -26.42
CA PRO C 739 22.94 7.77 -25.86
C PRO C 739 22.83 7.65 -24.33
N CYS C 740 23.72 6.87 -23.71
CA CYS C 740 23.73 6.68 -22.22
C CYS C 740 22.31 6.56 -21.68
N ASP C 741 21.61 5.50 -22.09
CA ASP C 741 20.27 5.23 -21.53
C ASP C 741 20.40 3.98 -20.65
N THR C 742 21.62 3.68 -20.23
CA THR C 742 21.85 2.53 -19.33
C THR C 742 22.37 3.07 -18.00
N MET C 743 22.25 2.25 -16.95
CA MET C 743 22.73 2.71 -15.63
C MET C 743 23.21 1.52 -14.79
N LYS C 744 24.25 1.76 -14.00
CA LYS C 744 24.74 0.70 -13.08
C LYS C 744 23.84 0.70 -11.84
N VAL C 745 23.39 -0.48 -11.41
CA VAL C 745 22.56 -0.51 -10.17
C VAL C 745 23.24 -1.32 -9.07
N GLY C 746 23.20 -0.78 -7.85
CA GLY C 746 23.75 -1.50 -6.69
C GLY C 746 25.27 -1.41 -6.64
N GLY C 747 25.86 -2.26 -5.81
CA GLY C 747 27.33 -2.25 -5.68
C GLY C 747 27.98 -3.26 -6.61
N ASN C 748 29.23 -3.63 -6.29
CA ASN C 748 29.93 -4.65 -7.10
C ASN C 748 29.79 -6.00 -6.42
N LEU C 749 29.55 -7.05 -7.21
CA LEU C 749 29.31 -8.39 -6.63
C LEU C 749 30.63 -8.95 -6.06
N ASP C 750 31.76 -8.52 -6.62
CA ASP C 750 33.06 -8.93 -6.03
C ASP C 750 34.13 -7.88 -6.33
N SER C 751 35.37 -8.18 -5.98
CA SER C 751 36.46 -7.24 -6.30
C SER C 751 37.61 -8.02 -6.95
N LYS C 752 38.10 -7.51 -8.08
CA LYS C 752 39.24 -8.16 -8.75
C LYS C 752 39.94 -7.10 -9.61
N GLY C 753 40.75 -7.55 -10.58
CA GLY C 753 41.49 -6.59 -11.41
C GLY C 753 42.01 -7.22 -12.67
N TYR C 754 42.39 -6.40 -13.64
CA TYR C 754 42.99 -6.94 -14.89
C TYR C 754 44.51 -6.97 -14.76
N GLY C 755 45.10 -8.02 -15.33
CA GLY C 755 46.56 -8.10 -15.32
C GLY C 755 47.14 -8.32 -16.70
N ILE C 756 48.42 -8.03 -16.86
CA ILE C 756 49.07 -8.33 -18.15
C ILE C 756 49.55 -9.78 -18.09
N ALA C 757 49.04 -10.59 -19.02
CA ALA C 757 49.34 -12.03 -18.95
C ALA C 757 50.58 -12.38 -19.77
N THR C 758 51.20 -13.51 -19.42
CA THR C 758 52.35 -14.01 -20.20
C THR C 758 52.29 -15.54 -20.13
N PRO C 759 52.88 -16.27 -21.09
CA PRO C 759 52.93 -17.74 -21.01
C PRO C 759 53.73 -18.17 -19.78
N LYS C 760 53.29 -19.24 -19.15
CA LYS C 760 53.99 -19.75 -17.94
C LYS C 760 55.45 -20.06 -18.31
N GLY C 761 56.38 -19.58 -17.49
CA GLY C 761 57.82 -19.81 -17.76
C GLY C 761 58.38 -18.77 -18.72
N SER C 762 57.63 -17.69 -18.98
CA SER C 762 58.09 -16.66 -19.94
C SER C 762 59.16 -15.78 -19.29
N ALA C 763 60.04 -15.22 -20.11
CA ALA C 763 61.12 -14.36 -19.62
C ALA C 763 60.60 -12.91 -19.49
N LEU C 764 59.38 -12.66 -19.96
CA LEU C 764 58.83 -11.28 -19.94
C LEU C 764 58.11 -11.04 -18.62
N ARG C 765 57.86 -12.09 -17.82
CA ARG C 765 57.05 -11.96 -16.58
C ARG C 765 57.62 -10.91 -15.63
N GLY C 766 58.91 -10.99 -15.29
CA GLY C 766 59.49 -10.06 -14.31
C GLY C 766 59.49 -8.62 -14.79
N PRO C 767 60.10 -8.31 -15.95
CA PRO C 767 60.10 -6.96 -16.48
C PRO C 767 58.71 -6.34 -16.61
N VAL C 768 57.72 -7.15 -17.02
CA VAL C 768 56.34 -6.60 -17.24
C VAL C 768 55.78 -6.20 -15.88
N ASN C 769 55.99 -7.04 -14.86
CA ASN C 769 55.52 -6.69 -13.50
C ASN C 769 56.14 -5.36 -13.06
N LEU C 770 57.46 -5.25 -13.22
CA LEU C 770 58.16 -4.01 -12.78
C LEU C 770 57.67 -2.83 -13.61
N ALA C 771 57.44 -3.05 -14.89
CA ALA C 771 56.96 -1.96 -15.78
C ALA C 771 55.60 -1.47 -15.27
N VAL C 772 54.73 -2.39 -14.89
CA VAL C 772 53.38 -1.98 -14.42
C VAL C 772 53.52 -1.20 -13.12
N LEU C 773 54.39 -1.66 -12.21
CA LEU C 773 54.61 -0.89 -10.96
C LEU C 773 55.13 0.51 -11.30
N LYS C 774 56.10 0.60 -12.21
CA LYS C 774 56.61 1.93 -12.63
C LYS C 774 55.47 2.76 -13.20
N LEU C 775 54.69 2.17 -14.11
CA LEU C 775 53.60 2.93 -14.77
C LEU C 775 52.57 3.37 -13.71
N SER C 776 52.32 2.53 -12.71
CA SER C 776 51.35 2.88 -11.64
C SER C 776 51.91 4.00 -10.78
N GLU C 777 53.18 3.90 -10.39
CA GLU C 777 53.76 4.91 -9.45
C GLU C 777 53.97 6.25 -10.16
N GLN C 778 54.00 6.25 -11.50
CA GLN C 778 54.29 7.51 -12.24
C GLN C 778 52.99 8.19 -12.69
N GLY C 779 51.83 7.63 -12.31
CA GLY C 779 50.54 8.27 -12.63
C GLY C 779 50.09 7.98 -14.04
N VAL C 780 50.84 7.15 -14.78
CA VAL C 780 50.50 6.88 -16.21
C VAL C 780 49.16 6.15 -16.28
N LEU C 781 48.98 5.13 -15.45
CA LEU C 781 47.71 4.35 -15.47
C LEU C 781 46.54 5.28 -15.11
N ASP C 782 46.73 6.13 -14.11
CA ASP C 782 45.65 7.06 -13.70
C ASP C 782 45.32 7.99 -14.86
N LYS C 783 46.34 8.56 -15.51
CA LYS C 783 46.11 9.52 -16.62
C LYS C 783 45.39 8.81 -17.77
N LEU C 784 45.83 7.60 -18.09
CA LEU C 784 45.21 6.84 -19.20
C LEU C 784 43.74 6.57 -18.85
N LYS C 785 43.48 6.16 -17.61
CA LYS C 785 42.08 5.89 -17.19
C LYS C 785 41.26 7.17 -17.32
N SER C 786 41.77 8.27 -16.79
CA SER C 786 41.00 9.54 -16.82
C SER C 786 40.77 9.97 -18.26
N LYS C 787 41.75 9.72 -19.12
CA LYS C 787 41.62 10.13 -20.54
C LYS C 787 40.54 9.29 -21.21
N TRP C 788 40.60 7.97 -21.04
CA TRP C 788 39.70 7.09 -21.83
C TRP C 788 38.33 6.92 -21.19
N TRP C 789 38.14 7.32 -19.93
CA TRP C 789 36.83 7.07 -19.27
C TRP C 789 36.09 8.36 -19.02
N TYR C 790 36.75 9.35 -18.39
CA TYR C 790 36.03 10.60 -18.01
C TYR C 790 35.93 11.57 -19.19
N ASP C 791 36.96 11.66 -20.04
CA ASP C 791 36.97 12.69 -21.12
C ASP C 791 35.88 12.39 -22.14
N LYS C 792 35.44 11.14 -22.21
CA LYS C 792 34.40 10.75 -23.20
C LYS C 792 33.10 11.49 -22.85
N GLY C 793 32.50 11.18 -21.70
CA GLY C 793 31.22 11.79 -21.29
C GLY C 793 30.20 11.73 -22.40
N ALA C 808 2.70 13.90 -7.11
CA ALA C 808 1.66 14.85 -7.54
C ALA C 808 1.26 14.58 -8.99
N LEU C 809 -0.03 14.44 -9.24
CA LEU C 809 -0.50 14.14 -10.61
C LEU C 809 -0.16 15.30 -11.53
N SER C 810 0.38 14.97 -12.69
CA SER C 810 0.80 16.00 -13.66
C SER C 810 -0.30 16.25 -14.68
N LEU C 811 -0.17 17.31 -15.44
CA LEU C 811 -1.18 17.63 -16.47
C LEU C 811 -1.21 16.55 -17.53
N SER C 812 -0.07 15.91 -17.79
CA SER C 812 -0.03 14.87 -18.84
C SER C 812 -0.94 13.69 -18.47
N ASN C 813 -1.21 13.51 -17.19
CA ASN C 813 -2.03 12.35 -16.78
C ASN C 813 -3.50 12.60 -17.11
N VAL C 814 -3.96 13.83 -16.96
CA VAL C 814 -5.40 14.13 -17.17
C VAL C 814 -5.52 15.15 -18.29
N ALA C 815 -4.55 15.18 -19.19
CA ALA C 815 -4.66 16.08 -20.35
C ALA C 815 -5.78 15.60 -21.27
N GLY C 816 -6.12 14.33 -21.21
CA GLY C 816 -7.18 13.82 -22.10
C GLY C 816 -8.53 14.39 -21.75
N VAL C 817 -8.82 14.51 -20.47
CA VAL C 817 -10.14 15.00 -20.05
C VAL C 817 -10.29 16.49 -20.39
N PHE C 818 -9.19 17.19 -20.60
CA PHE C 818 -9.29 18.60 -21.00
C PHE C 818 -9.65 18.71 -22.48
N TYR C 819 -9.11 17.83 -23.32
CA TYR C 819 -9.44 17.89 -24.76
C TYR C 819 -10.93 17.62 -24.97
N ILE C 820 -11.47 16.66 -24.23
CA ILE C 820 -12.91 16.34 -24.37
C ILE C 820 -13.73 17.54 -23.92
N LEU C 821 -13.34 18.18 -22.84
CA LEU C 821 -14.10 19.35 -22.35
C LEU C 821 -14.05 20.48 -23.39
N ILE C 822 -12.85 20.79 -23.90
CA ILE C 822 -12.78 21.91 -24.87
C ILE C 822 -13.43 21.48 -26.18
N GLY C 823 -13.25 20.23 -26.57
CA GLY C 823 -13.91 19.75 -27.80
C GLY C 823 -15.42 19.79 -27.67
N GLY C 824 -15.92 19.51 -26.49
CA GLY C 824 -17.37 19.58 -26.28
C GLY C 824 -17.86 21.01 -26.34
N LEU C 825 -17.10 21.94 -25.78
CA LEU C 825 -17.50 23.35 -25.85
C LEU C 825 -17.51 23.84 -27.30
N GLY C 826 -16.54 23.41 -28.09
CA GLY C 826 -16.58 23.77 -29.52
C GLY C 826 -17.77 23.15 -30.22
N LEU C 827 -18.11 21.93 -29.85
CA LEU C 827 -19.28 21.26 -30.45
C LEU C 827 -20.56 21.97 -30.02
N ALA C 828 -20.64 22.37 -28.76
CA ALA C 828 -21.85 23.06 -28.26
C ALA C 828 -22.05 24.38 -28.99
N MET C 829 -20.99 25.11 -29.25
CA MET C 829 -21.12 26.39 -29.96
C MET C 829 -21.60 26.11 -31.39
N LEU C 830 -21.09 25.07 -32.02
CA LEU C 830 -21.51 24.77 -33.41
C LEU C 830 -22.98 24.37 -33.44
N VAL C 831 -23.42 23.61 -32.46
CA VAL C 831 -24.85 23.20 -32.42
C VAL C 831 -25.73 24.43 -32.22
N ALA C 832 -25.35 25.31 -31.32
CA ALA C 832 -26.18 26.50 -31.03
C ALA C 832 -26.29 27.36 -32.29
N LEU C 833 -25.21 27.50 -33.04
CA LEU C 833 -25.27 28.32 -34.27
C LEU C 833 -26.16 27.64 -35.31
N ILE C 834 -26.08 26.32 -35.40
CA ILE C 834 -26.88 25.60 -36.43
C ILE C 834 -28.36 25.73 -36.10
N GLU C 835 -28.74 25.55 -34.85
CA GLU C 835 -30.16 25.70 -34.47
C GLU C 835 -30.61 27.14 -34.68
N PHE C 836 -29.70 28.10 -34.55
CA PHE C 836 -30.07 29.50 -34.76
C PHE C 836 -30.49 29.72 -36.21
N CYS C 837 -29.74 29.16 -37.15
CA CYS C 837 -30.10 29.33 -38.57
C CYS C 837 -31.39 28.56 -38.89
N TYR C 838 -31.56 27.38 -38.31
CA TYR C 838 -32.81 26.63 -38.52
C TYR C 838 -34.00 27.38 -37.93
N LYS C 839 -33.82 28.00 -36.77
CA LYS C 839 -34.93 28.74 -36.12
C LYS C 839 -35.13 30.10 -36.77
N SER C 840 -34.15 30.58 -37.54
CA SER C 840 -34.29 31.89 -38.23
C SER C 840 -34.91 31.73 -39.62
N ARG C 841 -35.30 30.51 -39.98
CA ARG C 841 -35.93 30.30 -41.31
C ARG C 841 -37.04 29.24 -41.19
N THR D 416 23.31 -63.45 -19.58
CA THR D 416 22.53 -62.21 -19.32
C THR D 416 21.55 -62.47 -18.16
N TYR D 417 21.63 -61.65 -17.10
CA TYR D 417 20.64 -61.80 -16.00
C TYR D 417 19.67 -60.61 -16.01
N ILE D 418 18.63 -60.73 -15.16
CA ILE D 418 17.52 -59.74 -15.18
C ILE D 418 17.76 -58.61 -14.18
N VAL D 419 17.71 -57.37 -14.68
CA VAL D 419 17.75 -56.17 -13.79
C VAL D 419 16.28 -55.84 -13.49
N THR D 420 15.78 -56.18 -12.30
CA THR D 420 14.36 -55.91 -11.99
C THR D 420 14.15 -54.39 -11.85
N THR D 421 12.97 -53.92 -12.22
CA THR D 421 12.77 -52.45 -12.23
C THR D 421 11.27 -52.16 -12.04
N ILE D 422 10.90 -50.87 -12.05
CA ILE D 422 9.48 -50.49 -11.88
C ILE D 422 9.18 -49.35 -12.85
N LEU D 423 7.91 -49.16 -13.22
CA LEU D 423 7.55 -47.99 -14.06
C LEU D 423 7.37 -46.80 -13.12
N GLU D 424 8.20 -45.77 -13.30
CA GLU D 424 8.05 -44.54 -12.49
C GLU D 424 8.72 -43.38 -13.21
N ASP D 425 7.97 -42.31 -13.45
CA ASP D 425 8.53 -41.14 -14.14
C ASP D 425 9.42 -40.36 -13.16
N PRO D 426 10.58 -39.80 -13.55
CA PRO D 426 11.17 -39.99 -14.88
C PRO D 426 12.27 -41.07 -14.91
N TYR D 427 12.10 -42.10 -14.08
CA TYR D 427 13.16 -43.12 -13.96
C TYR D 427 13.03 -44.14 -15.10
N VAL D 428 11.82 -44.65 -15.33
CA VAL D 428 11.61 -45.72 -16.34
C VAL D 428 10.29 -45.41 -17.03
N MET D 429 10.37 -45.09 -18.32
CA MET D 429 9.15 -44.77 -19.10
C MET D 429 9.11 -45.61 -20.37
N LEU D 430 7.90 -45.95 -20.82
CA LEU D 430 7.75 -46.63 -22.12
C LEU D 430 7.82 -45.54 -23.19
N LYS D 431 8.75 -45.68 -24.14
CA LYS D 431 8.97 -44.63 -25.16
C LYS D 431 7.69 -44.30 -25.94
N LYS D 432 7.57 -43.04 -26.38
CA LYS D 432 6.42 -42.67 -27.24
C LYS D 432 6.45 -43.58 -28.46
N ASN D 433 5.37 -44.33 -28.70
CA ASN D 433 5.33 -45.35 -29.77
C ASN D 433 6.28 -46.47 -29.33
N ALA D 434 5.99 -47.09 -28.18
CA ALA D 434 6.85 -48.17 -27.64
C ALA D 434 6.67 -49.45 -28.46
N ASN D 435 5.53 -49.60 -29.13
CA ASN D 435 5.23 -50.82 -29.93
C ASN D 435 6.27 -51.01 -31.05
N GLN D 436 6.83 -49.91 -31.56
CA GLN D 436 7.80 -49.98 -32.70
C GLN D 436 9.12 -50.61 -32.24
N PHE D 437 9.35 -50.67 -30.92
CA PHE D 437 10.63 -51.19 -30.38
C PHE D 437 10.40 -52.49 -29.60
N GLU D 438 11.48 -53.23 -29.35
CA GLU D 438 11.38 -54.48 -28.56
C GLU D 438 12.63 -54.65 -27.70
N GLY D 439 12.45 -55.06 -26.44
CA GLY D 439 13.61 -55.32 -25.56
C GLY D 439 13.96 -54.12 -24.71
N ASN D 440 15.23 -54.03 -24.28
CA ASN D 440 15.68 -52.92 -23.40
C ASN D 440 15.54 -51.58 -24.13
N ASP D 441 15.37 -51.61 -25.46
CA ASP D 441 15.21 -50.38 -26.26
C ASP D 441 13.76 -49.86 -26.14
N ARG D 442 12.89 -50.61 -25.47
CA ARG D 442 11.46 -50.20 -25.35
C ARG D 442 11.30 -49.16 -24.25
N TYR D 443 12.29 -49.03 -23.36
CA TYR D 443 12.14 -48.12 -22.20
C TYR D 443 13.10 -46.93 -22.25
N GLU D 444 12.76 -45.89 -21.51
CA GLU D 444 13.65 -44.70 -21.42
C GLU D 444 13.50 -44.11 -20.01
N GLY D 445 14.39 -43.20 -19.66
CA GLY D 445 14.33 -42.59 -18.32
C GLY D 445 15.64 -42.65 -17.58
N TYR D 446 15.69 -42.02 -16.42
CA TYR D 446 16.95 -41.90 -15.64
C TYR D 446 17.52 -43.28 -15.34
N CYS D 447 16.71 -44.18 -14.79
CA CYS D 447 17.26 -45.49 -14.37
C CYS D 447 17.61 -46.35 -15.58
N VAL D 448 16.98 -46.09 -16.73
CA VAL D 448 17.35 -46.85 -17.96
C VAL D 448 18.80 -46.51 -18.32
N GLU D 449 19.11 -45.21 -18.41
CA GLU D 449 20.50 -44.80 -18.73
C GLU D 449 21.43 -45.27 -17.61
N LEU D 450 20.98 -45.21 -16.36
CA LEU D 450 21.87 -45.59 -15.24
C LEU D 450 22.19 -47.09 -15.37
N ALA D 451 21.18 -47.91 -15.70
CA ALA D 451 21.41 -49.35 -15.86
C ALA D 451 22.35 -49.59 -17.05
N ALA D 452 22.16 -48.84 -18.14
CA ALA D 452 23.06 -48.96 -19.30
C ALA D 452 24.50 -48.67 -18.88
N GLU D 453 24.71 -47.53 -18.21
CA GLU D 453 26.09 -47.10 -17.83
C GLU D 453 26.69 -48.06 -16.82
N ILE D 454 25.88 -48.56 -15.88
CA ILE D 454 26.47 -49.45 -14.84
C ILE D 454 26.83 -50.77 -15.51
N ALA D 455 25.99 -51.23 -16.44
CA ALA D 455 26.29 -52.48 -17.17
C ALA D 455 27.58 -52.28 -17.96
N LYS D 456 27.73 -51.13 -18.61
CA LYS D 456 28.98 -50.84 -19.35
C LYS D 456 30.17 -50.92 -18.40
N HIS D 457 30.08 -50.24 -17.24
CA HIS D 457 31.25 -50.17 -16.33
C HIS D 457 31.59 -51.54 -15.73
N VAL D 458 30.57 -52.33 -15.42
CA VAL D 458 30.84 -53.69 -14.86
C VAL D 458 31.25 -54.63 -16.00
N GLY D 459 30.83 -54.32 -17.25
CA GLY D 459 31.10 -55.22 -18.39
C GLY D 459 30.14 -56.39 -18.33
N TYR D 460 28.85 -56.12 -18.51
CA TYR D 460 27.85 -57.19 -18.29
C TYR D 460 26.69 -57.05 -19.29
N SER D 461 25.99 -58.17 -19.54
CA SER D 461 24.78 -58.11 -20.40
C SER D 461 23.56 -58.27 -19.49
N TYR D 462 22.46 -57.63 -19.84
CA TYR D 462 21.28 -57.64 -18.95
C TYR D 462 19.99 -57.47 -19.74
N ARG D 463 18.88 -57.98 -19.20
CA ARG D 463 17.55 -57.71 -19.81
C ARG D 463 16.69 -57.18 -18.66
N LEU D 464 16.22 -55.93 -18.79
CA LEU D 464 15.50 -55.31 -17.65
C LEU D 464 14.02 -55.73 -17.64
N GLU D 465 13.65 -56.49 -16.60
CA GLU D 465 12.25 -56.93 -16.46
C GLU D 465 11.54 -56.02 -15.46
N ILE D 466 10.46 -55.39 -15.93
CA ILE D 466 9.63 -54.57 -15.01
C ILE D 466 8.96 -55.52 -14.02
N VAL D 467 8.97 -55.13 -12.75
CA VAL D 467 8.37 -55.99 -11.71
C VAL D 467 6.88 -56.17 -12.02
N SER D 468 6.36 -57.37 -11.74
CA SER D 468 4.94 -57.67 -12.04
C SER D 468 4.02 -57.01 -11.02
N ASP D 469 4.38 -57.08 -9.73
CA ASP D 469 3.52 -56.54 -8.66
C ASP D 469 3.33 -55.03 -8.82
N GLY D 470 4.33 -54.34 -9.38
CA GLY D 470 4.29 -52.88 -9.51
C GLY D 470 4.49 -52.21 -8.16
N LYS D 471 5.09 -52.94 -7.21
CA LYS D 471 5.37 -52.39 -5.86
C LYS D 471 6.88 -52.30 -5.66
N TYR D 472 7.30 -51.62 -4.59
CA TYR D 472 8.74 -51.45 -4.35
C TYR D 472 9.23 -52.53 -3.38
N GLY D 473 8.52 -52.72 -2.27
CA GLY D 473 8.91 -53.80 -1.37
C GLY D 473 8.56 -53.56 0.08
N ALA D 474 7.96 -54.56 0.72
CA ALA D 474 7.68 -54.46 2.17
C ALA D 474 7.34 -55.87 2.67
N ARG D 475 7.74 -56.17 3.90
CA ARG D 475 7.37 -57.48 4.49
C ARG D 475 5.90 -57.46 4.89
N ASP D 476 5.17 -58.50 4.49
CA ASP D 476 3.78 -58.64 5.00
C ASP D 476 3.96 -59.03 6.47
N PRO D 477 3.50 -58.24 7.46
CA PRO D 477 3.82 -58.53 8.88
C PRO D 477 3.39 -59.91 9.37
N ASP D 478 2.35 -60.47 8.77
CA ASP D 478 1.83 -61.80 9.20
C ASP D 478 2.68 -62.90 8.56
N THR D 479 2.78 -62.91 7.22
CA THR D 479 3.48 -63.99 6.49
C THR D 479 5.00 -63.77 6.49
N LYS D 480 5.47 -62.53 6.72
CA LYS D 480 6.92 -62.17 6.68
C LYS D 480 7.43 -62.39 5.24
N ALA D 481 6.57 -62.19 4.25
CA ALA D 481 6.95 -62.41 2.84
C ALA D 481 7.24 -61.08 2.16
N TRP D 482 8.32 -61.04 1.40
CA TRP D 482 8.70 -59.82 0.65
C TRP D 482 7.98 -59.79 -0.69
N ASN D 483 7.55 -58.60 -1.10
CA ASN D 483 6.85 -58.46 -2.40
C ASN D 483 7.57 -57.42 -3.26
N GLY D 484 7.29 -57.41 -4.56
CA GLY D 484 7.87 -56.40 -5.44
C GLY D 484 9.33 -56.64 -5.75
N MET D 485 10.09 -55.55 -5.94
CA MET D 485 11.50 -55.68 -6.36
C MET D 485 12.32 -56.35 -5.25
N VAL D 486 12.08 -55.98 -4.00
CA VAL D 486 12.85 -56.59 -2.88
C VAL D 486 12.51 -58.07 -2.82
N GLY D 487 11.24 -58.43 -3.00
CA GLY D 487 10.86 -59.85 -3.03
C GLY D 487 11.57 -60.59 -4.16
N GLU D 488 11.60 -59.97 -5.34
CA GLU D 488 12.27 -60.61 -6.51
C GLU D 488 13.75 -60.81 -6.19
N LEU D 489 14.38 -59.84 -5.52
CA LEU D 489 15.83 -59.96 -5.25
C LEU D 489 16.04 -61.08 -4.21
N VAL D 490 15.20 -61.12 -3.19
CA VAL D 490 15.36 -62.14 -2.11
C VAL D 490 15.14 -63.54 -2.69
N TYR D 491 14.11 -63.70 -3.52
CA TYR D 491 13.76 -65.07 -3.98
C TYR D 491 14.64 -65.49 -5.17
N GLY D 492 15.39 -64.58 -5.78
CA GLY D 492 16.33 -64.97 -6.84
C GLY D 492 15.84 -64.72 -8.25
N ARG D 493 14.70 -64.04 -8.40
CA ARG D 493 14.10 -63.84 -9.75
C ARG D 493 14.96 -62.84 -10.54
N ALA D 494 15.75 -62.01 -9.85
CA ALA D 494 16.61 -61.01 -10.52
C ALA D 494 17.98 -60.94 -9.82
N ASP D 495 18.94 -60.29 -10.48
CA ASP D 495 20.31 -60.18 -9.91
C ASP D 495 20.59 -58.74 -9.46
N VAL D 496 19.89 -57.76 -10.03
CA VAL D 496 20.10 -56.34 -9.66
C VAL D 496 18.77 -55.59 -9.72
N ALA D 497 18.63 -54.54 -8.91
CA ALA D 497 17.44 -53.68 -9.00
C ALA D 497 17.93 -52.24 -9.20
N VAL D 498 17.61 -51.65 -10.34
CA VAL D 498 18.17 -50.29 -10.63
C VAL D 498 17.01 -49.30 -10.67
N ALA D 499 16.02 -49.52 -9.81
CA ALA D 499 14.87 -48.60 -9.75
C ALA D 499 15.09 -47.59 -8.62
N PRO D 500 14.24 -46.55 -8.48
CA PRO D 500 14.35 -45.64 -7.34
C PRO D 500 13.98 -46.37 -6.03
N LEU D 501 14.86 -47.29 -5.60
CA LEU D 501 14.58 -48.08 -4.38
C LEU D 501 15.24 -47.39 -3.19
N THR D 502 14.45 -47.08 -2.17
CA THR D 502 15.02 -46.33 -1.02
C THR D 502 15.87 -47.24 -0.14
N ILE D 503 16.97 -46.71 0.38
CA ILE D 503 17.82 -47.48 1.33
C ILE D 503 17.17 -47.42 2.72
N THR D 504 16.76 -48.59 3.22
CA THR D 504 16.11 -48.64 4.55
C THR D 504 16.70 -49.79 5.37
N LEU D 505 16.56 -49.72 6.69
CA LEU D 505 17.12 -50.74 7.60
C LEU D 505 16.51 -52.11 7.29
N VAL D 506 15.18 -52.18 7.19
CA VAL D 506 14.49 -53.47 6.99
C VAL D 506 14.99 -54.10 5.68
N ARG D 507 15.20 -53.29 4.65
CA ARG D 507 15.61 -53.85 3.34
C ARG D 507 17.10 -54.20 3.40
N GLU D 508 17.89 -53.40 4.11
CA GLU D 508 19.36 -53.65 4.16
C GLU D 508 19.65 -55.00 4.81
N GLU D 509 18.71 -55.51 5.61
CA GLU D 509 18.98 -56.78 6.33
C GLU D 509 18.74 -57.98 5.41
N VAL D 510 18.18 -57.76 4.21
CA VAL D 510 17.83 -58.92 3.34
C VAL D 510 18.45 -58.74 1.95
N ILE D 511 18.81 -57.50 1.60
CA ILE D 511 19.49 -57.25 0.30
C ILE D 511 20.68 -56.30 0.57
N ASP D 512 21.67 -56.36 -0.31
CA ASP D 512 22.84 -55.48 -0.16
C ASP D 512 22.62 -54.23 -1.03
N PHE D 513 22.67 -53.07 -0.39
CA PHE D 513 22.50 -51.83 -1.17
C PHE D 513 23.86 -51.27 -1.60
N SER D 514 23.84 -50.54 -2.70
CA SER D 514 25.06 -49.84 -3.13
C SER D 514 25.15 -48.52 -2.39
N LYS D 515 26.19 -47.74 -2.64
CA LYS D 515 26.19 -46.38 -2.09
C LYS D 515 25.06 -45.62 -2.80
N PRO D 516 24.36 -44.69 -2.15
CA PRO D 516 23.22 -44.02 -2.79
C PRO D 516 23.63 -43.26 -4.06
N PHE D 517 22.78 -43.32 -5.08
CA PHE D 517 23.08 -42.59 -6.33
C PHE D 517 22.16 -41.36 -6.45
N MET D 518 21.30 -41.15 -5.46
CA MET D 518 20.45 -39.94 -5.48
C MET D 518 19.92 -39.67 -4.08
N SER D 519 19.87 -38.40 -3.68
CA SER D 519 19.37 -38.02 -2.33
C SER D 519 17.90 -37.63 -2.43
N LEU D 520 17.17 -37.73 -1.31
CA LEU D 520 15.75 -37.32 -1.32
C LEU D 520 15.22 -37.23 0.11
N GLY D 521 13.97 -36.78 0.25
CA GLY D 521 13.30 -36.80 1.56
C GLY D 521 11.80 -36.90 1.32
N ILE D 522 11.06 -37.19 2.38
CA ILE D 522 9.58 -37.20 2.23
C ILE D 522 9.09 -35.77 2.16
N SER D 523 8.14 -35.51 1.27
CA SER D 523 7.65 -34.12 1.08
C SER D 523 6.15 -34.14 0.75
N ILE D 524 5.45 -33.01 0.86
CA ILE D 524 4.00 -33.12 0.48
C ILE D 524 3.71 -32.13 -0.63
N MET D 525 2.79 -32.54 -1.50
CA MET D 525 2.32 -31.65 -2.60
C MET D 525 0.82 -31.85 -2.76
N ILE D 526 0.15 -31.03 -3.60
CA ILE D 526 -1.31 -31.14 -3.94
C ILE D 526 -1.51 -30.64 -5.35
N LYS D 527 -2.77 -30.59 -5.74
CA LYS D 527 -3.06 -29.89 -7.02
C LYS D 527 -3.63 -28.53 -6.65
N LYS D 528 -2.80 -27.46 -6.65
CA LYS D 528 -3.26 -26.15 -6.10
C LYS D 528 -4.33 -25.54 -7.01
N PRO D 534 -13.10 -15.17 -9.31
CA PRO D 534 -14.03 -14.05 -9.36
C PRO D 534 -15.35 -14.40 -8.71
N GLY D 535 -16.28 -13.41 -8.76
CA GLY D 535 -17.62 -13.61 -8.17
C GLY D 535 -18.66 -12.70 -8.80
N VAL D 536 -19.90 -13.18 -8.92
CA VAL D 536 -20.93 -12.37 -9.63
C VAL D 536 -21.29 -11.17 -8.77
N PHE D 537 -21.54 -11.39 -7.48
CA PHE D 537 -21.96 -10.28 -6.59
C PHE D 537 -20.79 -9.86 -5.69
N SER D 538 -19.60 -9.78 -6.27
CA SER D 538 -18.40 -9.39 -5.49
C SER D 538 -18.43 -7.91 -5.13
N PHE D 539 -19.31 -7.13 -5.74
CA PHE D 539 -19.31 -5.67 -5.45
C PHE D 539 -19.83 -5.42 -4.03
N LEU D 540 -20.40 -6.44 -3.39
CA LEU D 540 -20.84 -6.29 -1.99
C LEU D 540 -19.75 -6.72 -1.01
N ASP D 541 -18.62 -7.17 -1.53
CA ASP D 541 -17.55 -7.67 -0.63
C ASP D 541 -17.01 -6.61 0.33
N PRO D 542 -16.78 -5.34 -0.04
CA PRO D 542 -16.17 -4.41 0.89
C PRO D 542 -16.86 -4.31 2.26
N LEU D 543 -18.18 -4.40 2.29
CA LEU D 543 -18.91 -4.36 3.57
C LEU D 543 -19.49 -5.74 3.87
N ALA D 544 -19.43 -6.13 5.13
CA ALA D 544 -19.88 -7.48 5.51
C ALA D 544 -21.37 -7.63 5.28
N TYR D 545 -21.82 -8.87 5.23
CA TYR D 545 -23.25 -9.14 4.96
C TYR D 545 -24.12 -8.56 6.08
N GLU D 546 -23.62 -8.53 7.30
CA GLU D 546 -24.41 -7.98 8.41
C GLU D 546 -24.62 -6.48 8.21
N ILE D 547 -23.61 -5.78 7.73
CA ILE D 547 -23.74 -4.31 7.53
C ILE D 547 -24.81 -4.05 6.47
N TRP D 548 -24.81 -4.81 5.40
CA TRP D 548 -25.79 -4.59 4.33
C TRP D 548 -27.20 -4.84 4.85
N MET D 549 -27.36 -5.85 5.69
CA MET D 549 -28.72 -6.15 6.22
C MET D 549 -29.16 -4.99 7.12
N CYS D 550 -28.27 -4.47 7.94
CA CYS D 550 -28.68 -3.41 8.89
C CYS D 550 -28.89 -2.08 8.16
N ILE D 551 -28.23 -1.88 7.02
CA ILE D 551 -28.50 -0.66 6.23
C ILE D 551 -29.94 -0.70 5.73
N VAL D 552 -30.40 -1.87 5.29
CA VAL D 552 -31.80 -1.98 4.83
C VAL D 552 -32.75 -1.72 5.99
N PHE D 553 -32.45 -2.29 7.16
CA PHE D 553 -33.32 -2.08 8.32
C PHE D 553 -33.33 -0.61 8.74
N ALA D 554 -32.18 0.04 8.69
CA ALA D 554 -32.12 1.47 9.05
C ALA D 554 -32.90 2.30 8.04
N TYR D 555 -32.80 1.93 6.76
CA TYR D 555 -33.53 2.69 5.73
C TYR D 555 -35.04 2.56 5.94
N ILE D 556 -35.51 1.38 6.31
CA ILE D 556 -36.95 1.21 6.57
C ILE D 556 -37.34 2.02 7.81
N GLY D 557 -36.54 1.97 8.85
CA GLY D 557 -36.86 2.69 10.08
C GLY D 557 -36.83 4.20 9.88
N VAL D 558 -35.88 4.68 9.10
CA VAL D 558 -35.77 6.15 8.89
C VAL D 558 -37.00 6.64 8.12
N SER D 559 -37.40 5.91 7.09
CA SER D 559 -38.55 6.35 6.28
C SER D 559 -39.81 6.38 7.15
N VAL D 560 -40.00 5.38 7.99
CA VAL D 560 -41.24 5.34 8.81
C VAL D 560 -41.23 6.51 9.80
N VAL D 561 -40.09 6.75 10.43
CA VAL D 561 -40.01 7.84 11.42
C VAL D 561 -40.17 9.19 10.73
N LEU D 562 -39.53 9.37 9.57
CA LEU D 562 -39.64 10.66 8.85
C LEU D 562 -41.08 10.87 8.40
N PHE D 563 -41.75 9.82 7.97
CA PHE D 563 -43.18 9.95 7.63
C PHE D 563 -43.99 10.28 8.88
N LEU D 564 -43.68 9.67 10.01
CA LEU D 564 -44.50 9.89 11.22
C LEU D 564 -44.36 11.31 11.72
N VAL D 565 -43.13 11.79 11.87
CA VAL D 565 -42.97 13.15 12.48
C VAL D 565 -43.47 14.22 11.50
N SER D 566 -43.40 13.96 10.21
CA SER D 566 -43.80 14.99 9.23
C SER D 566 -45.32 15.08 9.15
N ARG D 567 -46.01 13.97 9.39
CA ARG D 567 -47.48 13.98 9.18
C ARG D 567 -48.18 14.70 10.33
N PHE D 568 -47.93 14.27 11.57
CA PHE D 568 -48.65 14.88 12.71
C PHE D 568 -47.91 16.10 13.25
N SER D 569 -47.50 16.99 12.36
CA SER D 569 -46.79 18.22 12.77
C SER D 569 -47.44 19.43 12.09
N PRO D 570 -47.44 20.61 12.75
CA PRO D 570 -48.04 21.80 12.15
C PRO D 570 -47.33 22.22 10.85
N TYR D 571 -46.02 22.41 10.93
CA TYR D 571 -45.25 22.79 9.72
C TYR D 571 -43.76 22.55 9.96
N GLU D 592 -45.40 17.54 1.83
CA GLU D 592 -45.97 16.38 1.11
C GLU D 592 -45.16 15.14 1.44
N PHE D 593 -44.73 15.00 2.69
CA PHE D 593 -43.97 13.81 3.12
C PHE D 593 -44.94 12.69 3.46
N GLY D 594 -45.41 12.02 2.43
CA GLY D 594 -46.23 10.83 2.68
C GLY D 594 -45.35 9.65 3.00
N ILE D 595 -45.96 8.50 3.17
CA ILE D 595 -45.15 7.28 3.43
C ILE D 595 -44.30 6.97 2.21
N PHE D 596 -44.88 7.10 1.02
N PHE D 596 -44.87 7.11 1.02
CA PHE D 596 -44.14 6.77 -0.21
CA PHE D 596 -44.12 6.74 -0.21
C PHE D 596 -43.07 7.81 -0.51
C PHE D 596 -43.10 7.82 -0.57
N ASN D 597 -43.39 9.09 -0.27
CA ASN D 597 -42.42 10.15 -0.53
C ASN D 597 -41.23 9.99 0.42
N SER D 598 -41.48 9.62 1.67
CA SER D 598 -40.38 9.41 2.63
C SER D 598 -39.45 8.30 2.16
N LEU D 599 -40.02 7.22 1.65
CA LEU D 599 -39.16 6.12 1.14
C LEU D 599 -38.35 6.59 -0.07
N TRP D 600 -38.95 7.41 -0.92
CA TRP D 600 -38.19 7.94 -2.07
C TRP D 600 -37.11 8.89 -1.59
N PHE D 601 -37.43 9.74 -0.63
CA PHE D 601 -36.42 10.69 -0.14
C PHE D 601 -35.28 9.96 0.56
N SER D 602 -35.62 8.99 1.39
CA SER D 602 -34.58 8.24 2.14
C SER D 602 -33.68 7.47 1.18
N LEU D 603 -34.27 6.86 0.15
CA LEU D 603 -33.43 6.14 -0.83
C LEU D 603 -32.53 7.11 -1.59
N GLY D 604 -33.06 8.28 -1.95
CA GLY D 604 -32.21 9.28 -2.62
C GLY D 604 -31.16 9.85 -1.70
N ALA D 605 -31.54 10.13 -0.45
CA ALA D 605 -30.58 10.72 0.50
C ALA D 605 -29.44 9.73 0.77
N PHE D 606 -29.76 8.46 0.94
CA PHE D 606 -28.70 7.48 1.22
C PHE D 606 -27.79 7.32 0.03
N MET D 607 -28.31 7.54 -1.16
CA MET D 607 -27.50 7.22 -2.36
C MET D 607 -26.91 8.47 -2.97
N GLN D 608 -26.97 9.60 -2.26
N GLN D 608 -26.94 9.59 -2.25
CA GLN D 608 -26.29 10.85 -2.73
CA GLN D 608 -26.32 10.87 -2.72
C GLN D 608 -26.83 11.32 -4.08
C GLN D 608 -26.83 11.28 -4.09
N GLN D 609 -28.15 11.27 -4.25
CA GLN D 609 -28.74 11.77 -5.52
C GLN D 609 -29.76 12.88 -5.26
N GLY D 610 -30.11 13.14 -4.02
CA GLY D 610 -31.01 14.26 -3.72
C GLY D 610 -32.45 13.97 -4.11
N CYS D 611 -33.32 14.94 -3.83
CA CYS D 611 -34.74 14.77 -4.17
C CYS D 611 -35.35 16.16 -4.40
N ASP D 612 -36.50 16.19 -5.04
CA ASP D 612 -37.12 17.50 -5.37
C ASP D 612 -37.79 18.11 -4.14
N ILE D 613 -37.97 17.33 -3.08
CA ILE D 613 -38.68 17.82 -1.87
C ILE D 613 -37.82 17.52 -0.64
N SER D 614 -37.80 18.45 0.31
CA SER D 614 -36.91 18.32 1.49
C SER D 614 -37.69 18.65 2.76
N PRO D 615 -37.26 18.15 3.92
CA PRO D 615 -37.96 18.42 5.15
C PRO D 615 -37.95 19.90 5.53
N ARG D 616 -38.99 20.33 6.26
CA ARG D 616 -39.11 21.76 6.64
C ARG D 616 -39.31 21.96 8.14
N SER D 617 -39.56 20.89 8.89
CA SER D 617 -39.82 21.03 10.34
C SER D 617 -38.55 20.72 11.12
N LEU D 618 -38.51 21.18 12.37
CA LEU D 618 -37.31 20.91 13.21
C LEU D 618 -37.16 19.42 13.47
N SER D 619 -38.27 18.74 13.74
CA SER D 619 -38.20 17.30 14.02
C SER D 619 -37.91 16.52 12.75
N GLY D 620 -38.46 16.97 11.63
CA GLY D 620 -38.17 16.29 10.36
C GLY D 620 -36.75 16.47 9.91
N ARG D 621 -36.19 17.65 10.15
CA ARG D 621 -34.81 17.92 9.69
C ARG D 621 -33.79 17.17 10.54
N ILE D 622 -34.11 16.88 11.79
CA ILE D 622 -33.20 16.04 12.61
C ILE D 622 -33.08 14.66 11.98
N VAL D 623 -34.20 14.09 11.51
CA VAL D 623 -34.15 12.76 10.86
C VAL D 623 -33.32 12.83 9.58
N GLY D 624 -33.52 13.87 8.79
CA GLY D 624 -32.75 14.00 7.56
C GLY D 624 -31.28 14.25 7.84
N GLY D 625 -30.97 15.01 8.87
CA GLY D 625 -29.57 15.32 9.17
C GLY D 625 -28.79 14.07 9.57
N VAL D 626 -29.35 13.27 10.46
CA VAL D 626 -28.61 12.07 10.93
C VAL D 626 -28.54 11.05 9.78
N TRP D 627 -29.58 10.95 8.97
CA TRP D 627 -29.55 10.00 7.84
C TRP D 627 -28.47 10.40 6.84
N TRP D 628 -28.32 11.69 6.61
CA TRP D 628 -27.25 12.17 5.72
C TRP D 628 -25.89 11.82 6.30
N PHE D 629 -25.72 12.02 7.60
CA PHE D 629 -24.41 11.75 8.22
C PHE D 629 -24.11 10.26 8.16
N PHE D 630 -25.11 9.44 8.42
CA PHE D 630 -24.91 7.99 8.36
C PHE D 630 -24.54 7.58 6.93
N THR D 631 -25.14 8.26 5.96
CA THR D 631 -24.85 7.95 4.55
C THR D 631 -23.40 8.27 4.22
N LEU D 632 -22.92 9.41 4.67
CA LEU D 632 -21.55 9.83 4.30
C LEU D 632 -20.53 8.87 4.90
N ILE D 633 -20.75 8.41 6.12
CA ILE D 633 -19.78 7.50 6.74
C ILE D 633 -19.83 6.15 6.03
N ILE D 634 -21.02 5.68 5.68
CA ILE D 634 -21.12 4.33 5.07
C ILE D 634 -20.58 4.36 3.63
N ILE D 635 -20.93 5.38 2.87
CA ILE D 635 -20.47 5.43 1.46
C ILE D 635 -18.95 5.59 1.43
N SER D 636 -18.40 6.44 2.29
CA SER D 636 -16.94 6.62 2.35
C SER D 636 -16.27 5.34 2.81
N SER D 637 -16.90 4.63 3.73
CA SER D 637 -16.33 3.35 4.22
C SER D 637 -16.27 2.33 3.09
N TYR D 638 -17.30 2.27 2.26
CA TYR D 638 -17.32 1.31 1.15
C TYR D 638 -16.21 1.64 0.16
N THR D 639 -16.06 2.91 -0.20
CA THR D 639 -15.04 3.29 -1.20
C THR D 639 -13.64 3.05 -0.63
N ALA D 640 -13.41 3.42 0.62
CA ALA D 640 -12.07 3.26 1.21
C ALA D 640 -11.71 1.79 1.33
N ASN D 641 -12.65 0.96 1.76
CA ASN D 641 -12.33 -0.47 1.96
C ASN D 641 -12.11 -1.14 0.61
N LEU D 642 -12.87 -0.75 -0.41
CA LEU D 642 -12.66 -1.35 -1.74
C LEU D 642 -11.28 -0.98 -2.29
N ALA D 643 -10.83 0.24 -2.03
CA ALA D 643 -9.49 0.65 -2.52
C ALA D 643 -8.41 -0.19 -1.84
N ALA D 644 -8.59 -0.50 -0.56
CA ALA D 644 -7.63 -1.38 0.14
C ALA D 644 -7.66 -2.77 -0.49
N PHE D 645 -8.84 -3.25 -0.84
N PHE D 645 -8.84 -3.26 -0.81
CA PHE D 645 -8.95 -4.60 -1.41
CA PHE D 645 -8.96 -4.60 -1.43
C PHE D 645 -8.24 -4.66 -2.77
C PHE D 645 -8.22 -4.64 -2.76
N LEU D 646 -8.40 -3.63 -3.60
CA LEU D 646 -7.79 -3.66 -4.93
C LEU D 646 -6.29 -3.37 -4.87
N THR D 647 -5.79 -2.87 -3.75
CA THR D 647 -4.34 -2.63 -3.63
C THR D 647 -3.62 -3.93 -3.27
N VAL D 648 -4.06 -4.60 -2.21
CA VAL D 648 -3.37 -5.84 -1.78
C VAL D 648 -4.21 -7.06 -2.13
N GLU D 656 -0.95 -21.33 2.57
CA GLU D 656 0.29 -20.60 2.20
C GLU D 656 1.56 -21.32 2.69
N SER D 657 1.50 -22.63 2.93
CA SER D 657 2.66 -23.35 3.47
C SER D 657 2.42 -24.86 3.62
N ALA D 658 3.52 -25.60 3.87
CA ALA D 658 3.37 -27.05 4.13
C ALA D 658 3.00 -27.24 5.60
N GLU D 659 3.60 -26.49 6.53
CA GLU D 659 3.19 -26.58 7.96
C GLU D 659 1.68 -26.36 8.05
N ASP D 660 1.14 -25.36 7.34
CA ASP D 660 -0.34 -25.10 7.32
C ASP D 660 -1.06 -26.39 6.89
N LEU D 661 -0.52 -27.05 5.88
CA LEU D 661 -1.15 -28.28 5.37
C LEU D 661 -0.92 -29.43 6.37
N ALA D 662 0.20 -29.44 7.11
CA ALA D 662 0.44 -30.52 8.11
C ALA D 662 -0.46 -30.33 9.33
N LYS D 663 -0.67 -29.08 9.77
CA LYS D 663 -1.42 -28.84 11.03
C LYS D 663 -2.89 -29.26 10.88
N GLN D 664 -3.48 -28.97 9.72
CA GLN D 664 -4.94 -29.24 9.56
C GLN D 664 -5.19 -30.72 9.27
N THR D 665 -6.46 -31.11 9.26
CA THR D 665 -6.84 -32.51 8.96
C THR D 665 -8.08 -32.55 8.05
N GLU D 666 -8.60 -31.39 7.64
CA GLU D 666 -9.78 -31.34 6.76
C GLU D 666 -9.40 -31.82 5.34
N ILE D 667 -8.19 -31.51 4.89
CA ILE D 667 -7.68 -31.99 3.58
C ILE D 667 -6.90 -33.29 3.85
N ALA D 668 -7.44 -34.43 3.35
CA ALA D 668 -6.91 -35.80 3.56
C ALA D 668 -5.53 -35.95 2.94
N TYR D 669 -4.66 -36.67 3.62
CA TYR D 669 -3.30 -36.88 3.07
C TYR D 669 -2.93 -38.36 3.14
N GLY D 670 -2.32 -38.83 2.05
CA GLY D 670 -2.00 -40.26 1.98
C GLY D 670 -0.61 -40.54 1.48
N THR D 671 -0.30 -41.83 1.33
CA THR D 671 1.07 -42.24 0.93
C THR D 671 0.93 -43.28 -0.18
N LEU D 672 2.06 -43.80 -0.66
CA LEU D 672 2.02 -44.92 -1.63
C LEU D 672 1.98 -46.22 -0.84
N GLU D 673 1.25 -47.21 -1.33
CA GLU D 673 1.15 -48.51 -0.61
C GLU D 673 2.38 -49.35 -0.91
N ALA D 674 2.86 -50.11 0.08
CA ALA D 674 4.07 -50.96 -0.08
C ALA D 674 5.27 -50.09 -0.46
N GLY D 675 5.41 -48.94 0.20
CA GLY D 675 6.52 -48.02 -0.13
C GLY D 675 7.33 -47.65 1.10
N SER D 676 8.50 -47.05 0.89
CA SER D 676 9.39 -46.67 2.01
C SER D 676 8.71 -45.62 2.88
N THR D 677 7.90 -44.75 2.29
CA THR D 677 7.28 -43.64 3.07
C THR D 677 6.24 -44.23 4.04
N LYS D 678 5.46 -45.20 3.57
CA LYS D 678 4.45 -45.83 4.45
C LYS D 678 5.19 -46.51 5.61
N GLU D 679 6.28 -47.22 5.30
CA GLU D 679 7.08 -47.92 6.34
C GLU D 679 7.67 -46.88 7.30
N PHE D 680 8.10 -45.74 6.77
CA PHE D 680 8.69 -44.67 7.62
C PHE D 680 7.63 -44.18 8.60
N PHE D 681 6.40 -43.96 8.12
CA PHE D 681 5.35 -43.40 9.02
C PHE D 681 4.92 -44.47 10.00
N ARG D 682 4.85 -45.73 9.54
CA ARG D 682 4.37 -46.81 10.43
C ARG D 682 5.35 -46.99 11.59
N ARG D 683 6.65 -47.01 11.29
CA ARG D 683 7.65 -47.27 12.36
C ARG D 683 8.13 -45.97 13.02
N SER D 684 7.39 -44.87 12.87
CA SER D 684 7.91 -43.60 13.44
C SER D 684 7.54 -43.50 14.92
N LYS D 685 8.36 -42.78 15.68
CA LYS D 685 8.07 -42.54 17.13
C LYS D 685 8.03 -41.02 17.36
N ILE D 686 8.18 -40.23 16.30
CA ILE D 686 8.07 -38.75 16.45
C ILE D 686 6.59 -38.40 16.61
N ALA D 687 6.29 -37.51 17.55
CA ALA D 687 4.87 -37.19 17.88
C ALA D 687 4.10 -36.81 16.61
N VAL D 688 4.62 -35.89 15.82
CA VAL D 688 3.88 -35.40 14.62
C VAL D 688 3.63 -36.56 13.66
N PHE D 689 4.66 -37.36 13.41
CA PHE D 689 4.50 -38.43 12.40
C PHE D 689 3.68 -39.58 12.98
N GLU D 690 3.77 -39.81 14.30
CA GLU D 690 2.90 -40.85 14.91
C GLU D 690 1.44 -40.40 14.76
N LYS D 691 1.17 -39.12 14.99
CA LYS D 691 -0.21 -38.59 14.82
C LYS D 691 -0.61 -38.75 13.34
N MET D 692 0.30 -38.45 12.43
CA MET D 692 -0.01 -38.56 10.98
C MET D 692 -0.34 -40.02 10.66
N TRP D 693 0.42 -40.96 11.19
CA TRP D 693 0.19 -42.40 10.90
C TRP D 693 -1.14 -42.84 11.54
N THR D 694 -1.40 -42.40 12.78
CA THR D 694 -2.66 -42.80 13.46
C THR D 694 -3.83 -42.34 12.60
N TYR D 695 -3.72 -41.15 12.04
CA TYR D 695 -4.80 -40.66 11.14
C TYR D 695 -4.84 -41.52 9.89
N MET D 696 -3.69 -41.72 9.24
CA MET D 696 -3.70 -42.39 7.91
C MET D 696 -4.22 -43.83 8.03
N LYS D 697 -3.88 -44.51 9.12
CA LYS D 697 -4.26 -45.94 9.27
C LYS D 697 -5.79 -46.03 9.38
N SER D 698 -6.42 -45.08 10.07
CA SER D 698 -7.89 -45.16 10.31
C SER D 698 -8.68 -44.56 9.15
N ALA D 699 -8.08 -43.65 8.38
CA ALA D 699 -8.83 -42.92 7.34
C ALA D 699 -9.56 -43.87 6.39
N GLU D 700 -10.83 -43.56 6.10
CA GLU D 700 -11.65 -44.38 5.18
C GLU D 700 -12.44 -43.42 4.28
N PRO D 701 -12.39 -43.51 2.94
CA PRO D 701 -11.65 -44.56 2.22
C PRO D 701 -10.13 -44.42 2.36
N SER D 702 -9.42 -45.49 2.01
CA SER D 702 -7.94 -45.50 2.17
C SER D 702 -7.32 -44.27 1.51
N VAL D 703 -6.50 -43.57 2.27
CA VAL D 703 -5.77 -42.38 1.73
C VAL D 703 -4.60 -42.89 0.87
N PHE D 704 -4.29 -44.19 0.97
CA PHE D 704 -3.13 -44.75 0.26
C PHE D 704 -3.42 -44.96 -1.23
N VAL D 705 -2.36 -45.06 -2.02
CA VAL D 705 -2.52 -45.25 -3.48
C VAL D 705 -1.59 -46.38 -3.94
N ARG D 706 -1.71 -46.78 -5.20
CA ARG D 706 -0.92 -47.94 -5.70
C ARG D 706 0.25 -47.42 -6.55
N THR D 707 0.17 -46.18 -7.02
CA THR D 707 1.21 -45.63 -7.90
C THR D 707 1.35 -44.12 -7.68
N THR D 708 2.51 -43.58 -8.00
CA THR D 708 2.72 -42.11 -7.87
C THR D 708 1.74 -41.37 -8.78
N GLU D 709 1.55 -41.86 -10.01
CA GLU D 709 0.58 -41.25 -10.95
C GLU D 709 -0.80 -41.19 -10.27
N GLU D 710 -1.14 -42.25 -9.52
CA GLU D 710 -2.47 -42.29 -8.87
C GLU D 710 -2.58 -41.15 -7.85
N GLY D 711 -1.55 -40.97 -7.03
CA GLY D 711 -1.57 -39.88 -6.03
C GLY D 711 -1.55 -38.52 -6.70
N MET D 712 -0.80 -38.39 -7.79
CA MET D 712 -0.75 -37.10 -8.53
C MET D 712 -2.17 -36.78 -9.03
N ILE D 713 -2.84 -37.77 -9.61
CA ILE D 713 -4.21 -37.52 -10.15
C ILE D 713 -5.15 -37.24 -8.97
N ARG D 714 -4.93 -37.91 -7.85
CA ARG D 714 -5.84 -37.73 -6.70
C ARG D 714 -5.71 -36.29 -6.17
N VAL D 715 -4.49 -35.76 -6.11
CA VAL D 715 -4.33 -34.34 -5.66
C VAL D 715 -4.89 -33.40 -6.73
N ARG D 716 -4.71 -33.74 -8.01
CA ARG D 716 -5.17 -32.83 -9.08
C ARG D 716 -6.69 -32.79 -9.15
N LYS D 717 -7.34 -33.92 -8.85
CA LYS D 717 -8.82 -33.98 -9.03
C LYS D 717 -9.55 -33.81 -7.69
N SER D 718 -8.83 -33.59 -6.60
CA SER D 718 -9.51 -33.44 -5.28
C SER D 718 -9.73 -31.95 -4.99
N LYS D 719 -9.33 -31.06 -5.90
CA LYS D 719 -9.57 -29.61 -5.74
C LYS D 719 -9.01 -29.16 -4.38
N GLY D 720 -7.77 -29.55 -4.07
CA GLY D 720 -7.14 -29.07 -2.83
C GLY D 720 -7.72 -29.67 -1.58
N LYS D 721 -8.25 -30.89 -1.67
CA LYS D 721 -8.74 -31.59 -0.44
C LYS D 721 -7.86 -32.82 -0.19
N TYR D 722 -6.82 -33.00 -1.01
CA TYR D 722 -5.91 -34.16 -0.85
C TYR D 722 -4.45 -33.69 -0.92
N ALA D 723 -3.64 -34.12 0.04
CA ALA D 723 -2.19 -33.80 0.06
C ALA D 723 -1.40 -35.09 -0.03
N TYR D 724 -0.59 -35.26 -1.06
CA TYR D 724 0.14 -36.53 -1.27
C TYR D 724 1.53 -36.45 -0.63
N LEU D 725 1.85 -37.44 0.22
CA LEU D 725 3.21 -37.49 0.81
C LEU D 725 4.09 -38.41 -0.03
N LEU D 726 5.04 -37.81 -0.74
CA LEU D 726 5.87 -38.62 -1.65
C LEU D 726 7.33 -38.17 -1.54
N GLU D 727 8.20 -38.81 -2.32
CA GLU D 727 9.63 -38.45 -2.24
C GLU D 727 9.87 -37.13 -2.96
N SER D 728 10.81 -36.36 -2.43
CA SER D 728 11.06 -35.01 -2.97
C SER D 728 11.43 -35.04 -4.45
N THR D 729 12.12 -36.09 -4.89
CA THR D 729 12.57 -36.14 -6.31
C THR D 729 11.35 -36.22 -7.23
N MET D 730 10.46 -37.18 -6.98
CA MET D 730 9.24 -37.31 -7.79
C MET D 730 8.41 -36.03 -7.65
N ASN D 731 8.38 -35.47 -6.44
CA ASN D 731 7.57 -34.26 -6.21
C ASN D 731 8.07 -33.13 -7.10
N GLU D 732 9.38 -32.91 -7.12
CA GLU D 732 9.93 -31.80 -7.91
C GLU D 732 9.64 -32.07 -9.39
N TYR D 733 9.86 -33.30 -9.83
CA TYR D 733 9.64 -33.63 -11.25
C TYR D 733 8.19 -33.30 -11.61
N ILE D 734 7.24 -33.74 -10.80
CA ILE D 734 5.81 -33.56 -11.14
C ILE D 734 5.49 -32.07 -11.12
N GLU D 735 5.98 -31.36 -10.09
CA GLU D 735 5.61 -29.93 -9.94
C GLU D 735 6.09 -29.12 -11.15
N GLN D 736 7.02 -29.69 -11.93
CA GLN D 736 7.50 -28.97 -13.14
C GLN D 736 6.71 -29.39 -14.37
N ARG D 737 6.02 -30.54 -14.35
CA ARG D 737 5.33 -31.06 -15.56
C ARG D 737 3.99 -30.37 -15.78
N LYS D 738 3.58 -30.23 -17.05
CA LYS D 738 2.27 -29.62 -17.37
C LYS D 738 1.15 -30.56 -16.89
N PRO D 739 0.01 -30.06 -16.37
CA PRO D 739 -0.32 -28.63 -16.31
C PRO D 739 0.34 -27.90 -15.12
N CYS D 740 1.23 -28.58 -14.39
CA CYS D 740 1.90 -28.01 -13.18
C CYS D 740 0.85 -27.28 -12.34
N ASP D 741 -0.15 -28.04 -11.92
CA ASP D 741 -1.20 -27.47 -11.02
C ASP D 741 -0.97 -28.11 -9.65
N THR D 742 0.26 -28.57 -9.41
CA THR D 742 0.60 -29.12 -8.08
C THR D 742 1.76 -28.29 -7.54
N MET D 743 1.94 -28.33 -6.22
CA MET D 743 3.11 -27.60 -5.67
C MET D 743 3.63 -28.31 -4.42
N LYS D 744 4.96 -28.29 -4.28
CA LYS D 744 5.60 -28.90 -3.08
C LYS D 744 5.49 -27.89 -1.94
N VAL D 745 5.06 -28.37 -0.78
CA VAL D 745 4.85 -27.42 0.36
C VAL D 745 5.76 -27.79 1.52
N GLY D 746 6.42 -26.78 2.07
CA GLY D 746 7.29 -27.00 3.24
C GLY D 746 8.62 -27.64 2.90
N GLY D 747 9.33 -28.10 3.92
CA GLY D 747 10.65 -28.71 3.69
C GLY D 747 10.53 -30.21 3.53
N ASN D 748 11.64 -30.92 3.77
CA ASN D 748 11.64 -32.39 3.68
C ASN D 748 11.48 -32.95 5.09
N LEU D 749 10.66 -34.00 5.22
CA LEU D 749 10.39 -34.58 6.56
C LEU D 749 11.62 -35.34 7.05
N ASP D 750 12.47 -35.83 6.14
CA ASP D 750 13.72 -36.50 6.56
C ASP D 750 14.74 -36.51 5.42
N SER D 751 15.84 -37.25 5.60
CA SER D 751 16.89 -37.34 4.57
C SER D 751 17.21 -38.80 4.30
N LYS D 752 17.29 -39.18 3.03
CA LYS D 752 17.69 -40.57 2.68
C LYS D 752 18.16 -40.61 1.22
N GLY D 753 18.29 -41.81 0.65
CA GLY D 753 18.84 -41.91 -0.71
C GLY D 753 18.47 -43.21 -1.40
N TYR D 754 18.56 -43.23 -2.73
CA TYR D 754 18.28 -44.48 -3.48
C TYR D 754 19.57 -45.25 -3.70
N GLY D 755 19.51 -46.56 -3.48
CA GLY D 755 20.70 -47.38 -3.72
C GLY D 755 20.40 -48.50 -4.70
N ILE D 756 21.42 -48.90 -5.46
CA ILE D 756 21.26 -50.07 -6.36
C ILE D 756 21.31 -51.34 -5.49
N ALA D 757 20.26 -52.15 -5.60
CA ALA D 757 20.19 -53.32 -4.71
C ALA D 757 20.74 -54.56 -5.37
N THR D 758 21.14 -55.52 -4.54
CA THR D 758 21.58 -56.84 -5.08
C THR D 758 21.16 -57.88 -4.05
N PRO D 759 20.93 -59.16 -4.43
CA PRO D 759 20.62 -60.19 -3.45
C PRO D 759 21.80 -60.34 -2.49
N LYS D 760 21.49 -60.56 -1.21
CA LYS D 760 22.57 -60.73 -0.21
C LYS D 760 23.45 -61.92 -0.61
N GLY D 761 24.77 -61.70 -0.63
CA GLY D 761 25.69 -62.77 -1.07
C GLY D 761 25.88 -62.78 -2.58
N SER D 762 25.54 -61.68 -3.25
CA SER D 762 25.65 -61.63 -4.74
C SER D 762 27.11 -61.41 -5.16
N ALA D 763 27.43 -61.81 -6.38
CA ALA D 763 28.80 -61.60 -6.92
C ALA D 763 28.86 -60.24 -7.61
N LEU D 764 27.72 -59.57 -7.78
CA LEU D 764 27.67 -58.25 -8.47
C LEU D 764 27.78 -57.15 -7.42
N ARG D 765 27.77 -57.48 -6.13
CA ARG D 765 27.74 -56.46 -5.04
C ARG D 765 28.90 -55.47 -5.16
N GLY D 766 30.14 -55.96 -5.26
CA GLY D 766 31.31 -55.06 -5.26
C GLY D 766 31.43 -54.28 -6.55
N PRO D 767 31.38 -54.92 -7.73
CA PRO D 767 31.43 -54.19 -9.00
C PRO D 767 30.37 -53.10 -9.11
N VAL D 768 29.16 -53.37 -8.62
CA VAL D 768 28.06 -52.36 -8.70
C VAL D 768 28.41 -51.16 -7.82
N ASN D 769 28.91 -51.42 -6.61
CA ASN D 769 29.30 -50.32 -5.69
C ASN D 769 30.37 -49.47 -6.38
N LEU D 770 31.38 -50.12 -6.94
CA LEU D 770 32.48 -49.36 -7.57
C LEU D 770 31.96 -48.63 -8.81
N ALA D 771 31.02 -49.25 -9.54
CA ALA D 771 30.45 -48.59 -10.74
C ALA D 771 29.72 -47.32 -10.32
N VAL D 772 28.95 -47.39 -9.23
CA VAL D 772 28.20 -46.19 -8.77
C VAL D 772 29.19 -45.13 -8.30
N LEU D 773 30.23 -45.52 -7.57
CA LEU D 773 31.25 -44.54 -7.14
C LEU D 773 31.88 -43.88 -8.37
N LYS D 774 32.24 -44.69 -9.38
CA LYS D 774 32.86 -44.11 -10.59
C LYS D 774 31.86 -43.16 -11.25
N LEU D 775 30.61 -43.58 -11.39
CA LEU D 775 29.58 -42.73 -12.05
C LEU D 775 29.42 -41.42 -11.28
N SER D 776 29.45 -41.48 -9.94
CA SER D 776 29.26 -40.26 -9.12
C SER D 776 30.48 -39.36 -9.25
N GLU D 777 31.68 -39.93 -9.21
CA GLU D 777 32.92 -39.10 -9.23
C GLU D 777 33.15 -38.51 -10.62
N GLN D 778 32.51 -39.08 -11.65
CA GLN D 778 32.75 -38.63 -13.04
C GLN D 778 31.65 -37.65 -13.48
N GLY D 779 30.74 -37.28 -12.57
CA GLY D 779 29.70 -36.30 -12.89
C GLY D 779 28.57 -36.89 -13.73
N VAL D 780 28.56 -38.20 -13.90
CA VAL D 780 27.53 -38.83 -14.77
C VAL D 780 26.17 -38.71 -14.10
N LEU D 781 26.11 -38.98 -12.80
CA LEU D 781 24.80 -38.96 -12.09
C LEU D 781 24.26 -37.53 -12.08
N ASP D 782 25.12 -36.55 -11.87
CA ASP D 782 24.67 -35.13 -11.89
C ASP D 782 24.08 -34.81 -13.26
N LYS D 783 24.78 -35.22 -14.33
CA LYS D 783 24.32 -34.91 -15.70
C LYS D 783 22.98 -35.61 -15.98
N LEU D 784 22.87 -36.88 -15.57
CA LEU D 784 21.61 -37.62 -15.79
C LEU D 784 20.49 -36.91 -15.02
N LYS D 785 20.73 -36.54 -13.77
CA LYS D 785 19.70 -35.84 -12.97
C LYS D 785 19.31 -34.54 -13.67
N SER D 786 20.30 -33.73 -14.07
CA SER D 786 20.00 -32.42 -14.69
C SER D 786 19.21 -32.64 -15.99
N LYS D 787 19.58 -33.68 -16.75
CA LYS D 787 18.91 -33.92 -18.04
C LYS D 787 17.47 -34.38 -17.82
N TRP D 788 17.23 -35.22 -16.81
CA TRP D 788 15.88 -35.81 -16.65
C TRP D 788 14.95 -34.96 -15.77
N TRP D 789 15.48 -33.99 -15.02
CA TRP D 789 14.59 -33.23 -14.10
C TRP D 789 14.45 -31.78 -14.58
N TYR D 790 15.56 -31.05 -14.68
CA TYR D 790 15.50 -29.61 -15.02
C TYR D 790 15.01 -29.42 -16.44
N ASP D 791 15.47 -30.24 -17.38
CA ASP D 791 15.14 -30.04 -18.81
C ASP D 791 13.66 -30.31 -19.09
N LYS D 792 12.95 -30.99 -18.19
CA LYS D 792 11.49 -31.19 -18.35
C LYS D 792 10.82 -29.82 -18.41
N GLY D 793 10.90 -29.03 -17.32
CA GLY D 793 10.37 -27.65 -17.25
C GLY D 793 9.22 -27.34 -18.20
N SER D 807 -4.81 -5.32 -14.03
CA SER D 807 -4.96 -4.29 -12.97
C SER D 807 -6.29 -3.56 -13.16
N ALA D 808 -6.68 -3.34 -14.41
CA ALA D 808 -7.95 -2.65 -14.67
C ALA D 808 -9.13 -3.54 -14.28
N LEU D 809 -10.17 -2.93 -13.74
CA LEU D 809 -11.35 -3.69 -13.32
C LEU D 809 -12.10 -4.21 -14.56
N SER D 810 -12.23 -5.52 -14.64
CA SER D 810 -12.91 -6.12 -15.80
C SER D 810 -14.43 -6.13 -15.57
N LEU D 811 -15.15 -6.67 -16.53
CA LEU D 811 -16.63 -6.74 -16.41
C LEU D 811 -17.05 -7.88 -15.51
N SER D 812 -16.19 -8.87 -15.29
CA SER D 812 -16.60 -10.08 -14.54
C SER D 812 -16.92 -9.73 -13.09
N ASN D 813 -16.13 -8.87 -12.46
CA ASN D 813 -16.32 -8.60 -11.03
C ASN D 813 -17.29 -7.45 -10.78
N VAL D 814 -17.88 -6.90 -11.84
CA VAL D 814 -18.96 -5.90 -11.65
C VAL D 814 -20.20 -6.33 -12.43
N ALA D 815 -20.24 -7.57 -12.89
CA ALA D 815 -21.39 -8.02 -13.70
C ALA D 815 -22.64 -8.14 -12.83
N GLY D 816 -22.48 -8.22 -11.53
CA GLY D 816 -23.65 -8.32 -10.65
C GLY D 816 -24.51 -7.09 -10.71
N VAL D 817 -23.88 -5.92 -10.71
CA VAL D 817 -24.68 -4.66 -10.71
C VAL D 817 -25.36 -4.50 -12.06
N PHE D 818 -24.78 -5.01 -13.13
CA PHE D 818 -25.45 -4.94 -14.43
C PHE D 818 -26.67 -5.85 -14.43
N TYR D 819 -26.58 -7.00 -13.79
CA TYR D 819 -27.75 -7.91 -13.71
C TYR D 819 -28.88 -7.23 -12.93
N ILE D 820 -28.54 -6.57 -11.83
CA ILE D 820 -29.59 -5.88 -11.04
C ILE D 820 -30.19 -4.74 -11.86
N LEU D 821 -29.36 -4.00 -12.57
CA LEU D 821 -29.89 -2.86 -13.34
C LEU D 821 -30.83 -3.35 -14.43
N ILE D 822 -30.42 -4.35 -15.19
CA ILE D 822 -31.29 -4.88 -16.26
C ILE D 822 -32.49 -5.58 -15.64
N GLY D 823 -32.29 -6.30 -14.55
CA GLY D 823 -33.43 -6.92 -13.87
C GLY D 823 -34.39 -5.90 -13.33
N GLY D 824 -33.88 -4.82 -12.76
CA GLY D 824 -34.74 -3.75 -12.26
C GLY D 824 -35.52 -3.09 -13.39
N LEU D 825 -34.88 -2.92 -14.55
CA LEU D 825 -35.59 -2.34 -15.71
C LEU D 825 -36.72 -3.26 -16.14
N GLY D 826 -36.52 -4.57 -16.10
CA GLY D 826 -37.61 -5.48 -16.46
C GLY D 826 -38.74 -5.43 -15.47
N LEU D 827 -38.42 -5.31 -14.20
CA LEU D 827 -39.48 -5.26 -13.16
C LEU D 827 -40.27 -3.97 -13.33
N ALA D 828 -39.60 -2.86 -13.61
CA ALA D 828 -40.29 -1.57 -13.69
C ALA D 828 -41.30 -1.58 -14.83
N MET D 829 -40.94 -2.16 -15.96
CA MET D 829 -41.88 -2.25 -17.10
C MET D 829 -43.07 -3.14 -16.72
N LEU D 830 -42.81 -4.20 -15.96
CA LEU D 830 -43.91 -5.09 -15.53
C LEU D 830 -44.86 -4.33 -14.60
N VAL D 831 -44.32 -3.51 -13.71
CA VAL D 831 -45.17 -2.77 -12.75
C VAL D 831 -46.03 -1.77 -13.53
N ALA D 832 -45.46 -1.12 -14.54
CA ALA D 832 -46.22 -0.15 -15.34
C ALA D 832 -47.40 -0.86 -16.03
N LEU D 833 -47.16 -2.04 -16.59
CA LEU D 833 -48.26 -2.78 -17.25
C LEU D 833 -49.34 -3.14 -16.23
N ILE D 834 -48.93 -3.54 -15.03
CA ILE D 834 -49.92 -3.91 -14.00
C ILE D 834 -50.73 -2.67 -13.59
N GLU D 835 -50.04 -1.55 -13.40
CA GLU D 835 -50.75 -0.33 -12.95
C GLU D 835 -51.62 0.23 -14.09
N PHE D 836 -51.11 0.18 -15.31
CA PHE D 836 -51.89 0.69 -16.46
C PHE D 836 -53.14 -0.15 -16.67
N CYS D 837 -53.01 -1.47 -16.56
CA CYS D 837 -54.18 -2.35 -16.71
C CYS D 837 -55.13 -2.20 -15.53
N TYR D 838 -54.58 -2.01 -14.33
CA TYR D 838 -55.44 -1.82 -13.14
C TYR D 838 -56.26 -0.53 -13.28
N LYS D 839 -55.65 0.51 -13.81
CA LYS D 839 -56.39 1.78 -13.99
C LYS D 839 -57.47 1.62 -15.06
N SER D 840 -57.21 0.83 -16.10
CA SER D 840 -58.22 0.62 -17.15
C SER D 840 -59.47 -0.06 -16.57
N ARG D 841 -59.25 -1.05 -15.70
CA ARG D 841 -60.41 -1.78 -15.12
C ARG D 841 -60.79 -1.16 -13.77
N ASP E 4 -61.59 1.61 3.08
CA ASP E 4 -61.16 0.24 3.46
C ASP E 4 -60.73 0.24 4.92
N ARG E 5 -61.46 0.96 5.76
CA ARG E 5 -61.04 1.05 7.19
C ARG E 5 -61.19 -0.30 7.87
N GLY E 6 -62.26 -1.03 7.57
CA GLY E 6 -62.44 -2.34 8.21
C GLY E 6 -61.31 -3.29 7.88
N ILE E 7 -60.88 -3.31 6.62
CA ILE E 7 -59.72 -4.15 6.26
C ILE E 7 -58.45 -3.56 6.89
N GLN E 8 -58.36 -2.24 6.92
CA GLN E 8 -57.16 -1.60 7.50
C GLN E 8 -57.01 -1.98 8.97
N MET E 9 -58.11 -1.98 9.70
CA MET E 9 -58.03 -2.37 11.13
C MET E 9 -57.78 -3.87 11.24
N LEU E 10 -58.26 -4.65 10.28
CA LEU E 10 -57.98 -6.11 10.31
C LEU E 10 -56.48 -6.36 10.13
N ILE E 11 -55.84 -5.61 9.25
CA ILE E 11 -54.38 -5.78 9.05
C ILE E 11 -53.64 -5.40 10.33
N THR E 12 -54.08 -4.32 10.97
CA THR E 12 -53.39 -3.88 12.21
C THR E 12 -53.55 -4.94 13.30
N THR E 13 -54.74 -5.48 13.45
CA THR E 13 -54.96 -6.48 14.53
C THR E 13 -54.18 -7.75 14.24
N VAL E 14 -54.19 -8.20 12.99
CA VAL E 14 -53.44 -9.42 12.64
C VAL E 14 -51.95 -9.15 12.79
N GLY E 15 -51.49 -8.00 12.32
CA GLY E 15 -50.05 -7.73 12.36
C GLY E 15 -49.54 -7.54 13.77
N ALA E 16 -50.30 -6.83 14.61
CA ALA E 16 -49.82 -6.55 15.97
C ALA E 16 -49.64 -7.85 16.74
N PHE E 17 -50.57 -8.80 16.60
CA PHE E 17 -50.38 -10.10 17.28
C PHE E 17 -49.23 -10.87 16.64
N ALA E 18 -49.12 -10.79 15.32
CA ALA E 18 -48.05 -11.52 14.62
C ALA E 18 -46.69 -10.97 15.01
N ALA E 19 -46.56 -9.65 15.10
CA ALA E 19 -45.27 -9.06 15.48
C ALA E 19 -44.92 -9.48 16.90
N PHE E 20 -45.89 -9.44 17.82
CA PHE E 20 -45.60 -9.78 19.23
C PHE E 20 -45.24 -11.27 19.33
N SER E 21 -45.98 -12.11 18.64
CA SER E 21 -45.71 -13.56 18.71
C SER E 21 -44.32 -13.85 18.15
N LEU E 22 -43.98 -13.22 17.02
CA LEU E 22 -42.68 -13.53 16.38
C LEU E 22 -41.54 -13.08 17.29
N MET E 23 -41.66 -11.90 17.88
CA MET E 23 -40.52 -11.40 18.68
C MET E 23 -40.42 -12.15 20.02
N THR E 24 -41.54 -12.45 20.63
CA THR E 24 -41.49 -13.15 21.95
C THR E 24 -41.02 -14.59 21.78
N ILE E 25 -41.21 -15.17 20.60
CA ILE E 25 -40.67 -16.53 20.34
C ILE E 25 -39.15 -16.44 20.20
N ALA E 26 -38.66 -15.41 19.51
CA ALA E 26 -37.21 -15.32 19.26
C ALA E 26 -36.46 -15.16 20.57
N VAL E 27 -37.01 -14.36 21.50
CA VAL E 27 -36.32 -14.16 22.79
C VAL E 27 -36.29 -15.48 23.56
N GLY E 28 -37.41 -16.19 23.56
CA GLY E 28 -37.45 -17.46 24.33
C GLY E 28 -36.62 -18.55 23.69
N THR E 29 -36.59 -18.61 22.36
CA THR E 29 -35.87 -19.72 21.69
C THR E 29 -34.37 -19.50 21.75
N ASP E 30 -33.62 -20.58 21.57
CA ASP E 30 -32.15 -20.53 21.64
C ASP E 30 -31.54 -20.98 20.32
N TYR E 31 -32.05 -20.46 19.21
CA TYR E 31 -31.52 -20.83 17.87
C TYR E 31 -31.09 -19.57 17.13
N TRP E 32 -30.47 -18.64 17.84
CA TRP E 32 -30.05 -17.38 17.20
C TRP E 32 -28.82 -17.59 16.34
N LEU E 33 -27.82 -18.31 16.86
CA LEU E 33 -26.53 -18.43 16.15
C LEU E 33 -26.11 -19.88 16.05
N TYR E 34 -25.51 -20.23 14.93
CA TYR E 34 -24.98 -21.60 14.69
C TYR E 34 -23.47 -21.48 14.71
N SER E 35 -22.88 -21.65 15.89
CA SER E 35 -21.42 -21.50 16.03
C SER E 35 -20.85 -22.71 16.77
N ARG E 36 -19.59 -23.01 16.48
CA ARG E 36 -18.92 -24.16 17.13
C ARG E 36 -18.43 -23.73 18.51
N GLY E 37 -18.99 -24.35 19.54
CA GLY E 37 -18.58 -24.03 20.92
C GLY E 37 -18.50 -25.28 21.77
N VAL E 38 -18.59 -25.11 23.08
CA VAL E 38 -18.50 -26.30 23.99
C VAL E 38 -19.61 -26.18 25.04
N CYS E 39 -20.45 -27.20 25.15
CA CYS E 39 -21.52 -27.20 26.18
C CYS E 39 -21.07 -28.02 27.39
N ARG E 40 -20.60 -27.36 28.45
CA ARG E 40 -20.25 -28.07 29.71
C ARG E 40 -19.86 -27.04 30.78
N GLU E 54 -13.57 -30.96 23.86
CA GLU E 54 -13.93 -31.22 22.44
C GLU E 54 -14.89 -30.17 21.92
N GLU E 55 -14.53 -29.53 20.81
CA GLU E 55 -15.38 -28.45 20.23
C GLU E 55 -16.32 -29.08 19.21
N VAL E 56 -17.62 -28.77 19.33
CA VAL E 56 -18.63 -29.40 18.45
C VAL E 56 -19.60 -28.32 17.98
N MET E 57 -20.33 -28.63 16.91
CA MET E 57 -21.35 -27.68 16.40
C MET E 57 -22.39 -27.41 17.48
N THR E 58 -22.66 -26.13 17.73
CA THR E 58 -23.64 -25.75 18.77
C THR E 58 -24.60 -24.70 18.23
N HIS E 59 -25.78 -24.66 18.82
CA HIS E 59 -26.75 -23.60 18.48
C HIS E 59 -26.99 -22.79 19.74
N SER E 60 -26.83 -21.48 19.63
CA SER E 60 -26.94 -20.60 20.81
C SER E 60 -28.14 -19.68 20.69
N GLY E 61 -28.38 -18.93 21.75
CA GLY E 61 -29.49 -17.97 21.74
C GLY E 61 -29.15 -16.75 22.57
N LEU E 62 -30.17 -16.08 23.08
CA LEU E 62 -29.90 -14.87 23.91
C LEU E 62 -29.53 -15.27 25.34
N TRP E 63 -29.80 -16.50 25.75
CA TRP E 63 -29.52 -16.86 27.15
C TRP E 63 -28.67 -18.12 27.26
N ARG E 64 -28.91 -19.11 26.41
CA ARG E 64 -28.21 -20.40 26.55
C ARG E 64 -27.62 -20.84 25.22
N THR E 65 -26.46 -21.46 25.30
CA THR E 65 -25.84 -22.06 24.09
C THR E 65 -25.95 -23.58 24.23
N CYS E 66 -26.47 -24.23 23.19
CA CYS E 66 -26.71 -25.69 23.31
C CYS E 66 -26.10 -26.45 22.13
N CYS E 67 -25.53 -27.61 22.42
CA CYS E 67 -24.83 -28.38 21.38
C CYS E 67 -25.82 -29.02 20.42
N LEU E 68 -25.42 -29.09 19.15
CA LEU E 68 -26.30 -29.68 18.11
C LEU E 68 -26.04 -31.18 17.95
N GLU E 69 -24.83 -31.63 18.24
CA GLU E 69 -24.49 -33.06 18.11
C GLU E 69 -23.56 -33.45 19.26
N GLY E 70 -22.94 -34.62 19.15
CA GLY E 70 -22.02 -35.07 20.20
C GLY E 70 -22.72 -35.79 21.33
N ALA E 71 -21.93 -36.27 22.27
CA ALA E 71 -22.51 -37.03 23.41
C ALA E 71 -23.38 -36.10 24.26
N PHE E 72 -22.98 -34.84 24.41
CA PHE E 72 -23.78 -34.00 25.34
C PHE E 72 -24.91 -33.31 24.57
N ARG E 73 -25.25 -33.83 23.40
CA ARG E 73 -26.31 -33.19 22.60
C ARG E 73 -27.60 -33.13 23.41
N GLY E 74 -28.26 -31.98 23.37
CA GLY E 74 -29.54 -31.84 24.08
C GLY E 74 -29.41 -31.28 25.48
N VAL E 75 -28.21 -31.37 26.06
CA VAL E 75 -27.99 -30.81 27.42
C VAL E 75 -27.06 -29.62 27.28
N CYS E 76 -27.45 -28.51 27.88
CA CYS E 76 -26.67 -27.27 27.63
C CYS E 76 -26.72 -26.31 28.80
N LYS E 77 -25.87 -25.29 28.71
CA LYS E 77 -25.71 -24.39 29.86
C LYS E 77 -26.11 -22.95 29.57
N LYS E 78 -25.95 -22.11 30.58
CA LYS E 78 -26.28 -20.68 30.39
C LYS E 78 -25.05 -19.95 29.88
N ILE E 79 -25.28 -19.00 28.98
CA ILE E 79 -24.16 -18.25 28.38
C ILE E 79 -23.49 -17.40 29.45
N ASP E 80 -22.16 -17.44 29.49
CA ASP E 80 -21.42 -16.58 30.45
C ASP E 80 -21.00 -15.32 29.71
N HIS E 81 -21.84 -14.28 29.78
CA HIS E 81 -21.53 -13.04 29.03
C HIS E 81 -20.25 -12.40 29.55
N PHE E 82 -20.13 -12.31 30.87
CA PHE E 82 -18.92 -11.70 31.43
C PHE E 82 -17.78 -12.73 31.46
N PRO E 83 -16.54 -12.30 31.18
CA PRO E 83 -15.39 -13.22 31.17
C PRO E 83 -15.13 -13.83 32.55
N ASP E 91 -11.92 1.35 30.06
CA ASP E 91 -12.51 0.41 29.08
C ASP E 91 -13.99 0.20 29.43
N THR E 92 -14.69 1.28 29.73
CA THR E 92 -16.14 1.16 30.02
C THR E 92 -16.93 0.83 28.76
N ALA E 93 -16.30 0.92 27.59
CA ALA E 93 -16.99 0.61 26.33
C ALA E 93 -17.43 -0.87 26.33
N GLU E 94 -16.55 -1.76 26.76
CA GLU E 94 -16.93 -3.19 26.73
C GLU E 94 -17.82 -3.53 27.93
N TYR E 95 -17.64 -2.80 29.03
CA TYR E 95 -18.51 -3.05 30.21
C TYR E 95 -19.96 -2.72 29.85
N LEU E 96 -20.19 -1.52 29.32
CA LEU E 96 -21.58 -1.12 28.99
C LEU E 96 -22.15 -2.02 27.90
N LEU E 97 -21.35 -2.34 26.88
CA LEU E 97 -21.92 -3.16 25.77
C LEU E 97 -22.26 -4.54 26.31
N ARG E 98 -21.39 -5.10 27.14
CA ARG E 98 -21.66 -6.47 27.62
C ARG E 98 -22.81 -6.45 28.63
N ALA E 99 -22.90 -5.41 29.44
CA ALA E 99 -24.02 -5.31 30.40
C ALA E 99 -25.34 -5.19 29.64
N VAL E 100 -25.36 -4.41 28.56
CA VAL E 100 -26.59 -4.31 27.74
C VAL E 100 -26.86 -5.67 27.09
N ARG E 101 -25.83 -6.30 26.55
CA ARG E 101 -26.03 -7.60 25.87
C ARG E 101 -26.40 -8.68 26.87
N ALA E 102 -25.80 -8.65 28.06
CA ALA E 102 -26.10 -9.69 29.05
C ALA E 102 -27.56 -9.60 29.51
N SER E 103 -28.01 -8.39 29.81
CA SER E 103 -29.39 -8.22 30.31
C SER E 103 -30.39 -8.36 29.17
N SER E 104 -29.96 -8.13 27.93
CA SER E 104 -30.85 -8.24 26.76
C SER E 104 -32.05 -7.30 26.95
N VAL E 105 -31.80 -6.11 27.45
CA VAL E 105 -32.93 -5.19 27.74
C VAL E 105 -33.55 -4.71 26.44
N PHE E 106 -32.74 -4.47 25.41
CA PHE E 106 -33.30 -3.95 24.15
C PHE E 106 -34.26 -4.95 23.51
N PRO E 107 -33.92 -6.24 23.33
CA PRO E 107 -34.92 -7.17 22.82
C PRO E 107 -36.12 -7.31 23.76
N ILE E 108 -35.89 -7.22 25.06
CA ILE E 108 -37.02 -7.28 26.02
C ILE E 108 -37.86 -6.01 25.89
N LEU E 109 -37.22 -4.87 25.68
CA LEU E 109 -37.99 -3.61 25.59
C LEU E 109 -38.89 -3.64 24.37
N SER E 110 -38.42 -4.22 23.26
CA SER E 110 -39.24 -4.28 22.04
C SER E 110 -40.49 -5.12 22.29
N VAL E 111 -40.35 -6.21 23.03
CA VAL E 111 -41.53 -7.05 23.34
C VAL E 111 -42.48 -6.27 24.24
N THR E 112 -41.95 -5.57 25.24
CA THR E 112 -42.81 -4.78 26.12
C THR E 112 -43.52 -3.66 25.35
N LEU E 113 -42.80 -3.00 24.45
CA LEU E 113 -43.44 -1.94 23.64
C LEU E 113 -44.52 -2.55 22.74
N LEU E 114 -44.24 -3.71 22.15
CA LEU E 114 -45.25 -4.35 21.29
C LEU E 114 -46.47 -4.73 22.12
N PHE E 115 -46.26 -5.18 23.34
CA PHE E 115 -47.41 -5.59 24.18
C PHE E 115 -48.29 -4.37 24.48
N PHE E 116 -47.66 -3.24 24.81
CA PHE E 116 -48.46 -2.01 25.05
C PHE E 116 -49.11 -1.53 23.76
N GLY E 117 -48.39 -1.60 22.65
CA GLY E 117 -48.98 -1.21 21.37
C GLY E 117 -50.14 -2.10 20.99
N GLY E 118 -50.04 -3.38 21.28
CA GLY E 118 -51.17 -4.29 20.99
C GLY E 118 -52.37 -3.99 21.87
N LEU E 119 -52.12 -3.58 23.10
CA LEU E 119 -53.24 -3.28 24.02
C LEU E 119 -54.03 -2.08 23.50
N CYS E 120 -53.34 -1.07 22.99
CA CYS E 120 -54.05 0.14 22.53
C CYS E 120 -54.90 -0.19 21.30
N VAL E 121 -54.39 -1.05 20.42
CA VAL E 121 -55.17 -1.41 19.21
C VAL E 121 -56.47 -2.09 19.63
N ALA E 122 -56.39 -3.00 20.59
CA ALA E 122 -57.62 -3.70 21.03
C ALA E 122 -58.57 -2.71 21.68
N ALA E 123 -58.06 -1.80 22.49
CA ALA E 123 -58.93 -0.85 23.21
C ALA E 123 -59.48 0.24 22.29
N SER E 124 -58.97 0.33 21.06
CA SER E 124 -59.45 1.38 20.14
C SER E 124 -60.94 1.18 19.83
N GLU E 125 -61.33 -0.05 19.53
CA GLU E 125 -62.76 -0.32 19.27
C GLU E 125 -63.58 -0.13 20.56
N PHE E 126 -63.05 -0.57 21.69
CA PHE E 126 -63.81 -0.49 22.96
C PHE E 126 -63.96 0.95 23.43
N HIS E 127 -63.14 1.86 22.91
CA HIS E 127 -63.22 3.28 23.29
C HIS E 127 -62.93 4.10 22.04
N ARG E 128 -63.99 4.45 21.31
CA ARG E 128 -63.83 5.22 20.06
C ARG E 128 -63.97 6.73 20.32
N SER E 129 -64.25 7.13 21.56
CA SER E 129 -64.42 8.56 21.85
C SER E 129 -63.09 9.29 21.65
N ARG E 130 -62.00 8.69 22.11
CA ARG E 130 -60.68 9.35 22.00
C ARG E 130 -59.95 8.80 20.78
N HIS E 131 -59.38 9.70 20.00
CA HIS E 131 -58.64 9.28 18.79
C HIS E 131 -57.16 9.00 19.11
N SER E 132 -56.69 9.43 20.28
CA SER E 132 -55.27 9.25 20.63
C SER E 132 -54.94 7.79 20.96
N VAL E 133 -55.96 6.96 21.11
CA VAL E 133 -55.69 5.53 21.44
C VAL E 133 -55.03 4.86 20.25
N ILE E 134 -55.47 5.14 19.03
CA ILE E 134 -54.89 4.44 17.86
C ILE E 134 -53.61 5.11 17.39
N LEU E 135 -53.42 6.39 17.71
CA LEU E 135 -52.13 7.03 17.34
C LEU E 135 -51.03 6.55 18.27
N SER E 136 -51.34 6.39 19.56
CA SER E 136 -50.31 5.89 20.51
C SER E 136 -49.90 4.47 20.13
N ALA E 137 -50.84 3.69 19.60
CA ALA E 137 -50.48 2.34 19.15
C ALA E 137 -49.48 2.42 18.00
N GLY E 138 -49.70 3.31 17.06
CA GLY E 138 -48.75 3.47 15.96
C GLY E 138 -47.39 3.92 16.43
N ILE E 139 -47.35 4.75 17.47
CA ILE E 139 -46.06 5.20 18.02
C ILE E 139 -45.37 4.03 18.71
N PHE E 140 -46.12 3.19 19.41
CA PHE E 140 -45.49 2.09 20.15
C PHE E 140 -44.83 1.10 19.19
N PHE E 141 -45.51 0.77 18.09
CA PHE E 141 -44.94 -0.20 17.14
C PHE E 141 -43.68 0.34 16.49
N VAL E 142 -43.67 1.62 16.15
CA VAL E 142 -42.46 2.23 15.56
C VAL E 142 -41.33 2.21 16.61
N SER E 143 -41.66 2.53 17.85
CA SER E 143 -40.63 2.51 18.92
C SER E 143 -40.15 1.08 19.15
N ALA E 144 -41.06 0.11 19.09
CA ALA E 144 -40.67 -1.30 19.27
C ALA E 144 -39.72 -1.74 18.14
N GLY E 145 -40.00 -1.31 16.92
CA GLY E 145 -39.12 -1.67 15.81
C GLY E 145 -37.75 -1.05 15.94
N LEU E 146 -37.69 0.19 16.42
CA LEU E 146 -36.38 0.84 16.61
C LEU E 146 -35.58 0.10 17.67
N SER E 147 -36.21 -0.28 18.77
CA SER E 147 -35.50 -1.01 19.83
C SER E 147 -35.06 -2.39 19.32
N ASN E 148 -35.81 -2.96 18.40
CA ASN E 148 -35.40 -4.26 17.80
C ASN E 148 -34.13 -4.08 16.97
N ILE E 149 -33.99 -2.96 16.26
CA ILE E 149 -32.77 -2.72 15.47
C ILE E 149 -31.57 -2.62 16.42
N ILE E 150 -31.75 -1.90 17.52
CA ILE E 150 -30.60 -1.72 18.46
C ILE E 150 -30.22 -3.07 19.04
N GLY E 151 -31.21 -3.87 19.42
CA GLY E 151 -30.89 -5.19 19.97
C GLY E 151 -30.12 -6.05 18.99
N ILE E 152 -30.44 -5.93 17.71
CA ILE E 152 -29.70 -6.72 16.69
C ILE E 152 -28.26 -6.23 16.64
N ILE E 153 -28.06 -4.92 16.61
CA ILE E 153 -26.68 -4.39 16.46
C ILE E 153 -25.85 -4.73 17.70
N VAL E 154 -26.45 -4.64 18.87
CA VAL E 154 -25.72 -5.01 20.10
C VAL E 154 -25.36 -6.50 20.07
N TYR E 155 -26.30 -7.32 19.61
CA TYR E 155 -26.04 -8.77 19.56
C TYR E 155 -24.91 -9.07 18.57
N ILE E 156 -24.92 -8.44 17.42
CA ILE E 156 -23.87 -8.71 16.41
C ILE E 156 -22.53 -8.17 16.92
N SER E 157 -22.55 -7.00 17.56
CA SER E 157 -21.27 -6.40 18.01
C SER E 157 -20.63 -7.29 19.09
N ALA E 158 -21.44 -7.78 20.02
CA ALA E 158 -20.89 -8.61 21.11
C ALA E 158 -20.33 -9.93 20.55
N ASN E 159 -21.01 -10.51 19.57
CA ASN E 159 -20.56 -11.83 19.04
C ASN E 159 -19.19 -11.70 18.39
N ALA E 160 -18.99 -10.62 17.64
CA ALA E 160 -17.68 -10.43 16.97
C ALA E 160 -16.57 -10.28 18.00
N GLY E 161 -16.85 -9.59 19.10
CA GLY E 161 -15.82 -9.39 20.13
C GLY E 161 -15.49 -10.68 20.86
N SER E 171 -16.13 -19.57 12.30
CA SER E 171 -17.28 -19.40 11.37
C SER E 171 -18.59 -19.41 12.15
N TYR E 172 -19.66 -18.94 11.52
CA TYR E 172 -20.96 -18.87 12.23
C TYR E 172 -22.09 -18.82 11.21
N SER E 173 -23.29 -19.03 11.70
CA SER E 173 -24.50 -18.90 10.86
C SER E 173 -25.65 -18.41 11.74
N TYR E 174 -26.59 -17.72 11.12
CA TYR E 174 -27.72 -17.15 11.88
C TYR E 174 -28.93 -18.08 11.75
N GLY E 175 -29.47 -18.48 12.88
CA GLY E 175 -30.57 -19.44 12.85
C GLY E 175 -31.91 -18.82 12.57
N TRP E 176 -32.95 -19.64 12.61
CA TRP E 176 -34.30 -19.14 12.29
C TRP E 176 -34.79 -18.18 13.36
N SER E 177 -34.35 -18.35 14.60
CA SER E 177 -34.77 -17.44 15.68
C SER E 177 -34.30 -16.02 15.37
N PHE E 178 -33.12 -15.88 14.83
CA PHE E 178 -32.62 -14.52 14.49
C PHE E 178 -33.49 -13.90 13.42
N TYR E 179 -33.86 -14.67 12.42
CA TYR E 179 -34.71 -14.12 11.33
C TYR E 179 -36.13 -13.90 11.81
N PHE E 180 -36.54 -14.53 12.89
CA PHE E 180 -37.86 -14.22 13.48
C PHE E 180 -37.85 -12.79 14.03
N GLY E 181 -36.75 -12.40 14.67
CA GLY E 181 -36.65 -11.01 15.14
C GLY E 181 -36.59 -10.02 14.00
N ALA E 182 -35.87 -10.36 12.93
CA ALA E 182 -35.83 -9.48 11.75
C ALA E 182 -37.21 -9.39 11.09
N PHE E 183 -37.93 -10.50 11.01
CA PHE E 183 -39.30 -10.45 10.45
C PHE E 183 -40.23 -9.67 11.38
N SER E 184 -39.99 -9.74 12.69
CA SER E 184 -40.84 -8.99 13.63
C SER E 184 -40.66 -7.50 13.42
N PHE E 185 -39.45 -7.06 13.14
CA PHE E 185 -39.20 -5.62 12.93
C PHE E 185 -39.91 -5.13 11.68
N ILE E 186 -39.85 -5.90 10.60
CA ILE E 186 -40.48 -5.46 9.33
C ILE E 186 -41.99 -5.40 9.51
N ILE E 187 -42.57 -6.38 10.19
CA ILE E 187 -44.03 -6.38 10.42
C ILE E 187 -44.39 -5.24 11.36
N ALA E 188 -43.54 -4.96 12.34
CA ALA E 188 -43.86 -3.90 13.30
C ALA E 188 -43.98 -2.54 12.61
N GLU E 189 -43.05 -2.24 11.70
CA GLU E 189 -43.09 -0.93 11.03
C GLU E 189 -44.30 -0.85 10.09
N ILE E 190 -44.63 -1.93 9.42
CA ILE E 190 -45.78 -1.92 8.48
C ILE E 190 -47.06 -1.66 9.28
N VAL E 191 -47.21 -2.30 10.42
CA VAL E 191 -48.41 -2.08 11.25
C VAL E 191 -48.40 -0.65 11.79
N GLY E 192 -47.24 -0.17 12.23
CA GLY E 192 -47.18 1.18 12.78
C GLY E 192 -47.60 2.23 11.76
N VAL E 193 -47.18 2.08 10.52
CA VAL E 193 -47.57 3.06 9.49
C VAL E 193 -49.07 2.96 9.24
N VAL E 194 -49.60 1.75 9.21
CA VAL E 194 -51.06 1.58 8.96
C VAL E 194 -51.84 2.20 10.11
N ALA E 195 -51.37 2.01 11.34
CA ALA E 195 -52.09 2.56 12.50
C ALA E 195 -52.13 4.09 12.42
N VAL E 196 -51.03 4.70 11.99
CA VAL E 196 -51.01 6.17 11.87
C VAL E 196 -51.96 6.59 10.76
N HIS E 197 -51.97 5.85 9.66
CA HIS E 197 -52.88 6.19 8.54
C HIS E 197 -54.34 6.16 9.01
N ILE E 198 -54.68 5.27 9.91
CA ILE E 198 -56.06 5.25 10.46
C ILE E 198 -56.32 6.55 11.22
N TYR E 199 -55.35 6.99 11.99
CA TYR E 199 -55.53 8.25 12.75
C TYR E 199 -55.65 9.44 11.81
N ILE E 200 -54.86 9.45 10.74
CA ILE E 200 -54.92 10.58 9.79
C ILE E 200 -56.31 10.63 9.16
N GLU E 201 -56.82 9.49 8.73
CA GLU E 201 -58.13 9.49 8.05
C GLU E 201 -59.23 9.88 9.05
N LYS E 202 -59.12 9.40 10.28
CA LYS E 202 -60.16 9.72 11.29
C LYS E 202 -60.17 11.22 11.59
N HIS E 203 -58.99 11.81 11.77
CA HIS E 203 -58.95 13.25 12.11
C HIS E 203 -59.26 14.10 10.89
N GLN E 204 -58.75 13.73 9.72
CA GLN E 204 -58.97 14.56 8.52
C GLN E 204 -60.46 14.57 8.17
N GLN E 205 -61.12 13.43 8.26
CA GLN E 205 -62.56 13.39 7.87
C GLN E 205 -63.38 14.26 8.83
N LEU E 206 -63.08 14.19 10.12
CA LEU E 206 -63.81 15.02 11.09
C LEU E 206 -63.52 16.51 10.83
N ARG E 207 -62.26 16.84 10.57
CA ARG E 207 -61.91 18.26 10.31
C ARG E 207 -62.39 18.69 8.92
N ALA E 208 -62.33 17.78 7.95
CA ALA E 208 -62.75 18.11 6.58
C ALA E 208 -63.44 16.90 5.94
N ASP F 4 -42.40 39.69 23.30
CA ASP F 4 -41.16 38.88 23.33
C ASP F 4 -39.96 39.82 23.32
N ARG F 5 -40.21 41.10 23.08
CA ARG F 5 -39.10 42.08 23.04
C ARG F 5 -38.53 42.29 24.44
N GLY F 6 -39.31 42.04 25.49
CA GLY F 6 -38.82 42.29 26.84
C GLY F 6 -37.63 41.41 27.18
N ILE F 7 -37.66 40.15 26.76
CA ILE F 7 -36.56 39.24 27.18
C ILE F 7 -35.52 39.10 26.07
N GLN F 8 -35.86 39.48 24.84
CA GLN F 8 -34.84 39.40 23.77
C GLN F 8 -33.70 40.37 24.07
N MET F 9 -34.01 41.58 24.53
CA MET F 9 -32.92 42.50 24.88
C MET F 9 -32.24 42.05 26.17
N LEU F 10 -32.95 41.32 27.02
CA LEU F 10 -32.31 40.81 28.26
C LEU F 10 -31.31 39.71 27.90
N ILE F 11 -31.61 38.92 26.88
CA ILE F 11 -30.65 37.88 26.44
C ILE F 11 -29.38 38.55 25.90
N THR F 12 -29.55 39.62 25.13
CA THR F 12 -28.38 40.26 24.50
C THR F 12 -27.45 40.86 25.55
N THR F 13 -27.99 41.54 26.55
CA THR F 13 -27.09 42.21 27.51
C THR F 13 -26.36 41.19 28.39
N VAL F 14 -27.07 40.18 28.87
CA VAL F 14 -26.39 39.15 29.68
C VAL F 14 -25.52 38.29 28.78
N GLY F 15 -25.90 38.11 27.53
CA GLY F 15 -25.05 37.35 26.60
C GLY F 15 -23.77 38.09 26.27
N ALA F 16 -23.87 39.40 26.12
CA ALA F 16 -22.64 40.20 25.83
C ALA F 16 -21.72 40.17 27.03
N PHE F 17 -22.26 40.30 28.23
CA PHE F 17 -21.42 40.28 29.43
C PHE F 17 -20.79 38.89 29.62
N ALA F 18 -21.58 37.84 29.41
CA ALA F 18 -21.06 36.47 29.60
C ALA F 18 -19.98 36.19 28.55
N ALA F 19 -20.23 36.57 27.30
CA ALA F 19 -19.24 36.29 26.24
C ALA F 19 -17.95 37.06 26.51
N PHE F 20 -18.08 38.32 26.91
CA PHE F 20 -16.88 39.13 27.20
C PHE F 20 -16.16 38.59 28.42
N SER F 21 -16.92 38.25 29.47
CA SER F 21 -16.29 37.77 30.72
C SER F 21 -15.64 36.39 30.48
N LEU F 22 -16.29 35.53 29.71
CA LEU F 22 -15.72 34.19 29.48
C LEU F 22 -14.44 34.30 28.66
N MET F 23 -14.41 35.20 27.69
CA MET F 23 -13.24 35.24 26.79
C MET F 23 -12.05 35.89 27.49
N THR F 24 -12.29 36.92 28.29
CA THR F 24 -11.14 37.62 28.92
C THR F 24 -10.46 36.72 29.94
N ILE F 25 -11.22 35.85 30.59
CA ILE F 25 -10.60 34.90 31.55
C ILE F 25 -9.72 33.93 30.77
N ALA F 26 -10.18 33.46 29.62
CA ALA F 26 -9.40 32.45 28.87
C ALA F 26 -8.05 33.04 28.45
N VAL F 27 -8.03 34.29 28.03
CA VAL F 27 -6.74 34.93 27.67
C VAL F 27 -5.90 35.11 28.93
N GLY F 28 -6.50 35.55 30.01
CA GLY F 28 -5.70 35.83 31.22
C GLY F 28 -5.12 34.58 31.86
N THR F 29 -5.91 33.52 31.96
CA THR F 29 -5.44 32.32 32.67
C THR F 29 -4.49 31.50 31.82
N ASP F 30 -3.74 30.61 32.48
CA ASP F 30 -2.70 29.81 31.79
C ASP F 30 -3.04 28.32 31.92
N TYR F 31 -4.30 27.97 31.67
CA TYR F 31 -4.72 26.55 31.74
C TYR F 31 -5.23 26.11 30.37
N TRP F 32 -4.50 26.45 29.32
CA TRP F 32 -4.98 26.12 27.96
C TRP F 32 -4.57 24.70 27.56
N LEU F 33 -3.38 24.27 27.96
CA LEU F 33 -2.89 22.95 27.50
C LEU F 33 -2.21 22.22 28.65
N TYR F 34 -2.48 20.91 28.74
CA TYR F 34 -1.83 20.05 29.74
C TYR F 34 -0.84 19.16 29.00
N SER F 35 0.45 19.44 29.20
CA SER F 35 1.47 18.68 28.44
C SER F 35 2.76 18.60 29.24
N ARG F 36 3.61 17.65 28.86
CA ARG F 36 4.93 17.52 29.51
C ARG F 36 5.80 18.72 29.16
N GLY F 37 6.66 19.11 30.09
CA GLY F 37 7.55 20.23 29.81
C GLY F 37 8.38 20.61 31.01
N VAL F 38 9.14 21.69 30.86
CA VAL F 38 10.03 22.16 31.95
C VAL F 38 9.75 23.64 32.20
N CYS F 39 9.62 24.00 33.48
CA CYS F 39 9.33 25.42 33.83
C CYS F 39 10.58 26.14 34.33
N ARG F 40 11.75 25.57 34.10
CA ARG F 40 13.01 26.26 34.49
C ARG F 40 13.24 27.48 33.60
N GLU F 54 15.07 16.51 33.48
CA GLU F 54 13.78 15.76 33.51
C GLU F 54 12.60 16.72 33.36
N GLU F 55 11.45 16.19 32.97
CA GLU F 55 10.26 17.05 32.73
C GLU F 55 9.09 16.50 33.53
N VAL F 56 8.16 17.41 33.85
CA VAL F 56 6.98 17.02 34.67
C VAL F 56 5.72 17.55 33.99
N MET F 57 4.58 17.16 34.53
CA MET F 57 3.30 17.65 33.98
C MET F 57 3.24 19.17 34.10
N THR F 58 2.87 19.83 33.00
CA THR F 58 2.80 21.31 32.99
C THR F 58 1.49 21.78 32.39
N HIS F 59 0.99 22.90 32.90
CA HIS F 59 -0.22 23.53 32.31
C HIS F 59 0.23 24.86 31.74
N SER F 60 0.00 25.05 30.44
CA SER F 60 0.51 26.26 29.76
C SER F 60 -0.64 27.02 29.13
N GLY F 61 -0.49 28.35 29.11
CA GLY F 61 -1.52 29.17 28.47
C GLY F 61 -0.97 29.99 27.34
N LEU F 62 -1.48 31.20 27.15
CA LEU F 62 -1.02 32.01 26.02
C LEU F 62 0.34 32.62 26.34
N TRP F 63 0.57 33.01 27.58
CA TRP F 63 1.82 33.74 27.91
C TRP F 63 2.75 32.91 28.80
N ARG F 64 2.21 32.27 29.83
CA ARG F 64 3.08 31.60 30.82
C ARG F 64 2.87 30.10 30.82
N THR F 65 3.91 29.37 31.24
CA THR F 65 3.79 27.91 31.42
C THR F 65 4.27 27.59 32.84
N CYS F 66 3.52 26.75 33.53
CA CYS F 66 3.87 26.43 34.93
C CYS F 66 3.78 24.93 35.17
N CYS F 67 4.54 24.47 36.16
CA CYS F 67 4.53 23.03 36.50
C CYS F 67 3.59 22.79 37.68
N LEU F 68 2.72 21.80 37.54
CA LEU F 68 1.77 21.48 38.63
C LEU F 68 2.31 20.33 39.48
N GLU F 69 3.54 19.91 39.24
CA GLU F 69 4.14 18.84 40.08
C GLU F 69 5.65 19.04 40.14
N GLY F 70 6.27 18.43 41.14
CA GLY F 70 7.73 18.58 41.30
C GLY F 70 8.06 19.61 42.35
N ALA F 71 9.36 19.84 42.55
CA ALA F 71 9.80 20.84 43.54
C ALA F 71 9.49 22.27 43.05
N PHE F 72 9.22 22.42 41.75
CA PHE F 72 8.96 23.76 41.18
C PHE F 72 7.46 23.96 40.93
N ARG F 73 6.63 23.47 41.84
CA ARG F 73 5.17 23.67 41.68
C ARG F 73 4.84 25.15 41.73
N GLY F 74 4.03 25.60 40.77
CA GLY F 74 3.58 27.00 40.79
C GLY F 74 4.57 27.96 40.16
N VAL F 75 5.77 27.48 39.84
CA VAL F 75 6.75 28.36 39.16
C VAL F 75 6.35 28.53 37.71
N CYS F 76 6.23 29.78 37.27
CA CYS F 76 5.81 30.06 35.89
C CYS F 76 6.90 30.83 35.15
N LYS F 77 7.12 30.46 33.89
CA LYS F 77 8.12 31.18 33.07
C LYS F 77 7.46 31.61 31.76
N LYS F 78 7.97 32.70 31.20
CA LYS F 78 7.42 33.18 29.92
C LYS F 78 7.72 32.15 28.83
N ILE F 79 6.72 31.83 28.05
CA ILE F 79 6.91 30.80 27.00
C ILE F 79 7.87 31.33 25.94
N ASP F 80 8.80 30.50 25.52
CA ASP F 80 9.74 30.90 24.45
C ASP F 80 9.01 30.75 23.12
N HIS F 81 8.23 31.75 22.78
CA HIS F 81 7.52 31.72 21.48
C HIS F 81 8.55 31.71 20.35
N PHE F 82 9.66 32.41 20.56
CA PHE F 82 10.76 32.42 19.56
C PHE F 82 11.95 31.64 20.12
N PRO F 83 12.16 30.39 19.68
CA PRO F 83 13.32 29.60 20.11
C PRO F 83 14.67 30.22 19.70
N ASP F 91 11.51 30.35 4.70
CA ASP F 91 10.62 29.78 5.75
C ASP F 91 9.69 30.87 6.27
N THR F 92 9.13 31.66 5.35
CA THR F 92 8.20 32.73 5.76
C THR F 92 6.83 32.15 6.13
N ALA F 93 6.57 30.89 5.77
CA ALA F 93 5.28 30.27 6.12
C ALA F 93 5.16 30.14 7.64
N GLU F 94 6.21 29.63 8.28
CA GLU F 94 6.10 29.40 9.74
C GLU F 94 6.37 30.71 10.50
N TYR F 95 7.08 31.65 9.88
CA TYR F 95 7.46 32.88 10.61
C TYR F 95 6.20 33.66 11.02
N LEU F 96 5.23 33.76 10.11
CA LEU F 96 4.02 34.55 10.45
C LEU F 96 3.23 33.85 11.55
N LEU F 97 2.99 32.54 11.41
CA LEU F 97 2.28 31.81 12.50
C LEU F 97 3.11 31.86 13.78
N ARG F 98 4.42 31.74 13.66
CA ARG F 98 5.30 31.84 14.85
C ARG F 98 5.19 33.25 15.43
N ALA F 99 4.93 34.24 14.58
CA ALA F 99 4.78 35.63 15.06
C ALA F 99 3.34 35.91 15.46
N VAL F 100 2.38 35.42 14.70
CA VAL F 100 0.95 35.70 15.02
C VAL F 100 0.61 35.07 16.37
N ARG F 101 1.03 33.83 16.58
CA ARG F 101 0.75 33.18 17.87
C ARG F 101 1.55 33.86 18.99
N ALA F 102 2.69 34.45 18.66
CA ALA F 102 3.47 35.17 19.69
C ALA F 102 2.70 36.36 20.21
N SER F 103 2.21 37.19 19.31
CA SER F 103 1.46 38.39 19.73
C SER F 103 0.08 37.99 20.22
N SER F 104 -0.46 36.88 19.72
CA SER F 104 -1.81 36.44 20.08
C SER F 104 -2.81 37.55 19.75
N VAL F 105 -2.67 38.14 18.56
CA VAL F 105 -3.53 39.28 18.20
C VAL F 105 -4.98 38.81 18.06
N PHE F 106 -5.19 37.66 17.45
CA PHE F 106 -6.59 37.22 17.20
C PHE F 106 -7.36 37.01 18.52
N PRO F 107 -6.85 36.30 19.54
CA PRO F 107 -7.59 36.24 20.78
C PRO F 107 -7.77 37.61 21.43
N ILE F 108 -6.78 38.48 21.31
CA ILE F 108 -6.92 39.85 21.85
C ILE F 108 -7.91 40.64 21.02
N LEU F 109 -7.89 40.46 19.71
CA LEU F 109 -8.87 41.16 18.84
C LEU F 109 -10.29 40.69 19.17
N SER F 110 -10.44 39.42 19.53
CA SER F 110 -11.77 38.90 19.89
C SER F 110 -12.30 39.59 21.15
N VAL F 111 -11.43 39.78 22.14
CA VAL F 111 -11.87 40.46 23.38
C VAL F 111 -12.30 41.89 23.06
N THR F 112 -11.52 42.59 22.25
CA THR F 112 -11.84 44.02 21.97
C THR F 112 -13.15 44.12 21.20
N LEU F 113 -13.34 43.25 20.20
CA LEU F 113 -14.59 43.32 19.41
C LEU F 113 -15.78 42.99 20.32
N LEU F 114 -15.63 42.04 21.22
CA LEU F 114 -16.71 41.77 22.19
C LEU F 114 -16.93 43.00 23.07
N PHE F 115 -15.86 43.67 23.47
CA PHE F 115 -16.00 44.89 24.28
C PHE F 115 -16.69 45.99 23.46
N PHE F 116 -16.30 46.15 22.21
CA PHE F 116 -16.93 47.18 21.36
C PHE F 116 -18.40 46.86 21.15
N GLY F 117 -18.73 45.59 20.94
CA GLY F 117 -20.15 45.22 20.80
C GLY F 117 -20.90 45.41 22.11
N GLY F 118 -20.22 45.20 23.22
CA GLY F 118 -20.90 45.33 24.53
C GLY F 118 -21.36 46.74 24.79
N LEU F 119 -20.50 47.71 24.48
CA LEU F 119 -20.91 49.12 24.67
C LEU F 119 -22.06 49.47 23.74
N CYS F 120 -22.02 48.98 22.50
CA CYS F 120 -23.08 49.36 21.54
C CYS F 120 -24.43 48.80 21.99
N VAL F 121 -24.42 47.59 22.55
CA VAL F 121 -25.70 47.03 23.06
C VAL F 121 -26.21 47.87 24.22
N ALA F 122 -25.33 48.24 25.13
CA ALA F 122 -25.75 49.10 26.25
C ALA F 122 -26.11 50.51 25.76
N ALA F 123 -25.30 51.05 24.86
CA ALA F 123 -25.55 52.44 24.41
C ALA F 123 -26.76 52.53 23.49
N SER F 124 -27.30 51.39 23.06
CA SER F 124 -28.49 51.42 22.18
C SER F 124 -29.71 51.91 22.95
N GLU F 125 -29.70 51.77 24.27
CA GLU F 125 -30.87 52.18 25.09
C GLU F 125 -30.95 53.71 25.20
N PHE F 126 -29.94 54.44 24.74
CA PHE F 126 -29.96 55.92 24.84
C PHE F 126 -30.41 56.53 23.51
N HIS F 127 -29.73 56.20 22.42
CA HIS F 127 -30.08 56.81 21.11
C HIS F 127 -31.01 55.85 20.37
N ARG F 128 -32.25 55.84 20.81
CA ARG F 128 -33.26 54.98 20.13
C ARG F 128 -33.60 55.52 18.74
N SER F 129 -33.23 56.76 18.45
CA SER F 129 -33.53 57.34 17.12
C SER F 129 -32.76 56.56 16.04
N ARG F 130 -31.50 56.22 16.33
CA ARG F 130 -30.68 55.47 15.35
C ARG F 130 -30.87 53.98 15.61
N HIS F 131 -31.39 53.28 14.62
CA HIS F 131 -31.58 51.80 14.76
C HIS F 131 -30.34 51.03 14.32
N SER F 132 -29.31 51.73 13.85
CA SER F 132 -28.09 51.04 13.35
C SER F 132 -27.13 50.72 14.50
N VAL F 133 -27.44 51.14 15.73
CA VAL F 133 -26.49 50.91 16.84
C VAL F 133 -26.48 49.41 17.18
N ILE F 134 -27.64 48.76 17.18
CA ILE F 134 -27.64 47.30 17.47
C ILE F 134 -27.22 46.49 16.24
N LEU F 135 -27.29 47.07 15.05
CA LEU F 135 -26.73 46.33 13.88
C LEU F 135 -25.21 46.36 13.97
N SER F 136 -24.64 47.48 14.38
CA SER F 136 -23.18 47.53 14.60
C SER F 136 -22.81 46.59 15.74
N ALA F 137 -23.65 46.52 16.77
CA ALA F 137 -23.38 45.58 17.86
C ALA F 137 -23.45 44.14 17.35
N GLY F 138 -24.45 43.84 16.53
CA GLY F 138 -24.56 42.49 15.98
C GLY F 138 -23.38 42.14 15.09
N ILE F 139 -22.93 43.09 14.29
CA ILE F 139 -21.80 42.80 13.37
C ILE F 139 -20.54 42.56 14.21
N PHE F 140 -20.38 43.31 15.29
CA PHE F 140 -19.17 43.14 16.12
C PHE F 140 -19.13 41.74 16.74
N PHE F 141 -20.27 41.27 17.23
CA PHE F 141 -20.29 39.95 17.90
C PHE F 141 -20.01 38.84 16.89
N VAL F 142 -20.59 38.93 15.70
CA VAL F 142 -20.31 37.91 14.66
C VAL F 142 -18.84 37.98 14.25
N SER F 143 -18.33 39.19 14.08
CA SER F 143 -16.90 39.34 13.73
C SER F 143 -16.01 38.90 14.90
N ALA F 144 -16.45 39.12 16.12
CA ALA F 144 -15.67 38.67 17.29
C ALA F 144 -15.53 37.15 17.28
N GLY F 145 -16.60 36.45 16.93
CA GLY F 145 -16.52 34.99 16.87
C GLY F 145 -15.61 34.53 15.75
N LEU F 146 -15.63 35.22 14.62
CA LEU F 146 -14.80 34.78 13.48
C LEU F 146 -13.31 34.92 13.82
N SER F 147 -12.96 35.91 14.61
CA SER F 147 -11.54 36.07 15.01
C SER F 147 -11.19 35.05 16.11
N ASN F 148 -12.16 34.68 16.91
CA ASN F 148 -11.91 33.72 18.01
C ASN F 148 -11.55 32.35 17.42
N ILE F 149 -12.30 31.91 16.43
CA ILE F 149 -12.02 30.57 15.85
C ILE F 149 -10.68 30.62 15.11
N ILE F 150 -10.34 31.74 14.50
CA ILE F 150 -9.02 31.86 13.83
C ILE F 150 -7.92 31.72 14.87
N GLY F 151 -8.08 32.37 16.01
CA GLY F 151 -7.08 32.21 17.08
C GLY F 151 -6.96 30.77 17.55
N ILE F 152 -8.08 30.07 17.61
CA ILE F 152 -8.05 28.65 18.04
C ILE F 152 -7.29 27.82 17.02
N ILE F 153 -7.54 28.05 15.73
CA ILE F 153 -6.83 27.26 14.70
C ILE F 153 -5.35 27.57 14.76
N VAL F 154 -5.00 28.83 14.94
CA VAL F 154 -3.57 29.22 15.04
C VAL F 154 -2.95 28.57 16.27
N TYR F 155 -3.66 28.59 17.38
CA TYR F 155 -3.10 28.03 18.63
C TYR F 155 -2.88 26.53 18.50
N ILE F 156 -3.86 25.82 17.94
CA ILE F 156 -3.73 24.35 17.78
C ILE F 156 -2.57 24.05 16.83
N SER F 157 -2.48 24.81 15.75
CA SER F 157 -1.42 24.54 14.75
C SER F 157 -0.06 24.83 15.35
N ALA F 158 0.05 25.91 16.13
CA ALA F 158 1.37 26.29 16.67
C ALA F 158 1.87 25.24 17.66
N ASN F 159 0.99 24.75 18.52
CA ASN F 159 1.43 23.78 19.55
C ASN F 159 1.92 22.49 18.89
N ALA F 160 1.20 22.00 17.89
CA ALA F 160 1.63 20.76 17.22
C ALA F 160 2.87 21.03 16.37
N GLY F 161 2.94 22.21 15.76
CA GLY F 161 4.08 22.53 14.88
C GLY F 161 5.35 22.80 15.68
N SER F 171 1.48 13.17 24.20
CA SER F 171 0.02 13.34 24.43
C SER F 171 -0.23 14.68 25.12
N TYR F 172 -1.45 15.19 24.98
CA TYR F 172 -1.77 16.48 25.60
C TYR F 172 -3.26 16.53 25.93
N SER F 173 -3.65 17.58 26.64
CA SER F 173 -5.07 17.76 26.99
C SER F 173 -5.36 19.27 26.97
N TYR F 174 -6.63 19.60 26.81
CA TYR F 174 -7.04 21.01 26.76
C TYR F 174 -7.77 21.37 28.05
N GLY F 175 -7.30 22.40 28.72
CA GLY F 175 -7.89 22.78 30.01
C GLY F 175 -9.19 23.54 29.87
N TRP F 176 -9.72 23.95 31.01
CA TRP F 176 -11.02 24.65 31.01
C TRP F 176 -10.88 26.01 30.34
N SER F 177 -9.70 26.60 30.38
CA SER F 177 -9.51 27.92 29.75
C SER F 177 -9.72 27.81 28.23
N PHE F 178 -9.26 26.72 27.64
CA PHE F 178 -9.45 26.56 26.18
C PHE F 178 -10.93 26.45 25.86
N TYR F 179 -11.67 25.71 26.67
CA TYR F 179 -13.12 25.56 26.44
C TYR F 179 -13.88 26.84 26.80
N PHE F 180 -13.30 27.69 27.64
CA PHE F 180 -13.93 29.01 27.88
C PHE F 180 -13.95 29.81 26.59
N GLY F 181 -12.84 29.82 25.85
CA GLY F 181 -12.86 30.52 24.56
C GLY F 181 -13.78 29.84 23.56
N ALA F 182 -13.80 28.51 23.57
CA ALA F 182 -14.72 27.78 22.66
C ALA F 182 -16.17 28.09 23.02
N PHE F 183 -16.49 28.12 24.32
CA PHE F 183 -17.87 28.43 24.71
C PHE F 183 -18.18 29.90 24.47
N SER F 184 -17.18 30.76 24.53
CA SER F 184 -17.39 32.19 24.23
C SER F 184 -17.73 32.35 22.75
N PHE F 185 -17.18 31.50 21.91
CA PHE F 185 -17.48 31.58 20.47
C PHE F 185 -18.96 31.29 20.22
N ILE F 186 -19.50 30.28 20.88
CA ILE F 186 -20.92 29.92 20.65
C ILE F 186 -21.82 31.01 21.24
N ILE F 187 -21.48 31.51 22.42
CA ILE F 187 -22.34 32.53 23.06
C ILE F 187 -22.30 33.82 22.24
N ALA F 188 -21.12 34.21 21.76
CA ALA F 188 -21.01 35.46 20.99
C ALA F 188 -21.82 35.36 19.71
N GLU F 189 -21.77 34.20 19.05
CA GLU F 189 -22.49 34.09 17.76
C GLU F 189 -24.00 34.11 17.99
N ILE F 190 -24.47 33.49 19.06
CA ILE F 190 -25.91 33.49 19.34
C ILE F 190 -26.37 34.92 19.61
N VAL F 191 -25.58 35.68 20.36
CA VAL F 191 -25.95 37.08 20.66
C VAL F 191 -25.96 37.89 19.37
N GLY F 192 -24.99 37.66 18.49
CA GLY F 192 -25.00 38.36 17.20
C GLY F 192 -26.23 38.04 16.39
N VAL F 193 -26.70 36.80 16.44
CA VAL F 193 -27.94 36.44 15.72
C VAL F 193 -29.12 37.15 16.34
N VAL F 194 -29.17 37.20 17.67
CA VAL F 194 -30.30 37.86 18.35
C VAL F 194 -30.33 39.34 18.00
N ALA F 195 -29.16 39.97 17.97
CA ALA F 195 -29.11 41.42 17.69
C ALA F 195 -29.67 41.70 16.30
N VAL F 196 -29.31 40.86 15.33
CA VAL F 196 -29.80 41.11 13.96
C VAL F 196 -31.31 40.90 13.91
N HIS F 197 -31.83 39.94 14.67
CA HIS F 197 -33.28 39.73 14.70
C HIS F 197 -33.97 40.97 15.26
N ILE F 198 -33.32 41.67 16.19
CA ILE F 198 -33.90 42.93 16.71
C ILE F 198 -33.95 43.97 15.58
N TYR F 199 -32.87 44.08 14.81
CA TYR F 199 -32.88 45.04 13.69
C TYR F 199 -33.94 44.65 12.66
N ILE F 200 -34.07 43.36 12.37
CA ILE F 200 -35.05 42.92 11.34
C ILE F 200 -36.45 43.30 11.81
N GLU F 201 -36.75 43.04 13.09
CA GLU F 201 -38.10 43.36 13.59
C GLU F 201 -38.24 44.88 13.73
N LYS F 202 -37.16 45.55 14.06
CA LYS F 202 -37.23 47.02 14.28
C LYS F 202 -37.66 47.72 12.99
N HIS F 203 -37.09 47.30 11.87
CA HIS F 203 -37.41 47.96 10.58
C HIS F 203 -38.69 47.39 9.97
N GLN F 204 -39.00 46.12 10.24
CA GLN F 204 -40.17 45.49 9.59
C GLN F 204 -41.47 46.18 10.03
N GLN F 205 -41.57 46.53 11.30
CA GLN F 205 -42.81 47.17 11.79
C GLN F 205 -42.92 48.60 11.24
N LEU F 206 -41.78 49.20 10.89
CA LEU F 206 -41.82 50.58 10.35
C LEU F 206 -42.49 50.58 8.97
N ARG F 207 -42.24 49.55 8.18
CA ARG F 207 -42.90 49.48 6.85
C ARG F 207 -44.42 49.34 7.02
N ALA F 208 -44.85 48.56 8.01
CA ALA F 208 -46.31 48.37 8.22
C ALA F 208 -46.92 49.63 8.84
N ASP G 4 -25.11 52.79 -19.70
CA ASP G 4 -23.66 53.08 -19.74
C ASP G 4 -23.10 52.66 -21.10
N ARG G 5 -23.74 53.09 -22.18
CA ARG G 5 -23.31 52.65 -23.52
C ARG G 5 -21.88 53.12 -23.79
N GLY G 6 -21.57 54.38 -23.49
CA GLY G 6 -20.24 54.90 -23.87
C GLY G 6 -19.10 54.18 -23.17
N ILE G 7 -19.26 53.92 -21.88
CA ILE G 7 -18.12 53.33 -21.14
C ILE G 7 -18.12 51.81 -21.32
N GLN G 8 -19.27 51.22 -21.60
CA GLN G 8 -19.32 49.76 -21.72
C GLN G 8 -18.74 49.33 -23.07
N MET G 9 -19.01 50.09 -24.12
CA MET G 9 -18.41 49.76 -25.43
C MET G 9 -16.92 50.11 -25.44
N LEU G 10 -16.54 51.15 -24.71
CA LEU G 10 -15.12 51.57 -24.71
C LEU G 10 -14.25 50.43 -24.14
N ILE G 11 -14.79 49.67 -23.20
CA ILE G 11 -14.02 48.52 -22.65
C ILE G 11 -13.76 47.51 -23.77
N THR G 12 -14.74 47.28 -24.62
CA THR G 12 -14.57 46.25 -25.67
C THR G 12 -13.45 46.63 -26.63
N THR G 13 -13.38 47.90 -27.02
CA THR G 13 -12.36 48.27 -28.02
C THR G 13 -10.97 48.35 -27.38
N VAL G 14 -10.89 48.89 -26.17
CA VAL G 14 -9.58 48.92 -25.50
C VAL G 14 -9.19 47.51 -25.03
N GLY G 15 -10.15 46.71 -24.65
CA GLY G 15 -9.85 45.33 -24.25
C GLY G 15 -9.39 44.50 -25.43
N ALA G 16 -9.94 44.77 -26.61
CA ALA G 16 -9.54 44.01 -27.82
C ALA G 16 -8.07 44.26 -28.12
N PHE G 17 -7.63 45.52 -28.03
CA PHE G 17 -6.22 45.80 -28.33
C PHE G 17 -5.32 45.16 -27.28
N ALA G 18 -5.70 45.25 -26.01
CA ALA G 18 -4.90 44.62 -24.95
C ALA G 18 -4.88 43.09 -25.13
N ALA G 19 -6.02 42.50 -25.46
CA ALA G 19 -6.06 41.05 -25.69
C ALA G 19 -5.21 40.70 -26.91
N PHE G 20 -5.31 41.50 -27.97
CA PHE G 20 -4.54 41.19 -29.19
C PHE G 20 -3.05 41.38 -28.94
N SER G 21 -2.71 42.39 -28.16
CA SER G 21 -1.28 42.64 -27.88
C SER G 21 -0.73 41.54 -26.98
N LEU G 22 -1.25 41.42 -25.77
CA LEU G 22 -0.64 40.52 -24.77
C LEU G 22 -0.48 39.11 -25.32
N MET G 23 -1.29 38.72 -26.28
CA MET G 23 -1.08 37.39 -26.92
C MET G 23 0.03 37.48 -27.96
N THR G 24 0.26 38.65 -28.55
CA THR G 24 1.23 38.72 -29.67
C THR G 24 2.65 38.94 -29.17
N ILE G 25 2.83 39.62 -28.03
CA ILE G 25 4.21 39.67 -27.46
C ILE G 25 4.49 38.30 -26.83
N ALA G 26 3.46 37.62 -26.34
CA ALA G 26 3.68 36.28 -25.75
C ALA G 26 4.22 35.32 -26.81
N VAL G 27 3.65 35.34 -28.01
CA VAL G 27 4.12 34.42 -29.06
C VAL G 27 5.51 34.86 -29.56
N GLY G 28 5.69 36.15 -29.79
CA GLY G 28 6.95 36.61 -30.36
C GLY G 28 8.12 36.41 -29.42
N THR G 29 7.94 36.74 -28.14
CA THR G 29 9.08 36.64 -27.21
C THR G 29 9.33 35.20 -26.84
N ASP G 30 10.56 34.95 -26.39
CA ASP G 30 10.98 33.56 -26.04
C ASP G 30 11.36 33.49 -24.57
N TYR G 31 10.55 34.07 -23.70
CA TYR G 31 10.79 33.99 -22.25
C TYR G 31 9.74 33.11 -21.59
N TRP G 32 9.26 32.09 -22.29
CA TRP G 32 8.14 31.28 -21.76
C TRP G 32 8.58 30.45 -20.57
N LEU G 33 9.69 29.73 -20.72
CA LEU G 33 10.07 28.76 -19.67
C LEU G 33 11.49 29.03 -19.18
N TYR G 34 11.67 28.85 -17.87
CA TYR G 34 13.01 28.95 -17.26
C TYR G 34 13.45 27.54 -16.90
N SER G 35 14.42 27.02 -17.65
CA SER G 35 14.89 25.65 -17.42
C SER G 35 16.40 25.63 -17.33
N ARG G 36 16.96 24.43 -17.19
CA ARG G 36 18.43 24.26 -17.13
C ARG G 36 18.83 23.30 -18.24
N GLY G 37 19.10 23.84 -19.41
CA GLY G 37 19.49 22.99 -20.55
C GLY G 37 20.78 23.43 -21.20
N VAL G 38 20.77 23.56 -22.52
CA VAL G 38 22.00 23.97 -23.24
C VAL G 38 21.62 24.87 -24.41
N CYS G 39 22.58 25.69 -24.83
CA CYS G 39 22.36 26.53 -26.04
C CYS G 39 23.56 26.35 -26.96
N ARG G 40 23.28 26.02 -28.22
CA ARG G 40 24.39 25.72 -29.16
C ARG G 40 23.90 25.88 -30.60
N GLU G 54 28.90 21.50 -21.28
CA GLU G 54 28.06 21.12 -20.11
C GLU G 54 26.69 21.78 -20.21
N GLU G 55 26.02 21.94 -19.06
CA GLU G 55 24.65 22.52 -19.08
C GLU G 55 24.65 23.85 -18.33
N VAL G 56 23.84 24.79 -18.82
CA VAL G 56 23.69 26.10 -18.14
C VAL G 56 22.21 26.42 -18.07
N MET G 57 21.86 27.33 -17.17
CA MET G 57 20.46 27.76 -17.07
C MET G 57 20.06 28.51 -18.34
N THR G 58 18.90 28.16 -18.88
CA THR G 58 18.42 28.80 -20.13
C THR G 58 17.00 29.31 -19.94
N HIS G 59 16.65 30.30 -20.75
CA HIS G 59 15.24 30.78 -20.77
C HIS G 59 14.70 30.39 -22.13
N SER G 60 13.56 29.71 -22.13
CA SER G 60 13.02 29.15 -23.38
C SER G 60 11.73 29.85 -23.79
N GLY G 61 11.33 29.61 -25.04
CA GLY G 61 10.06 30.16 -25.54
C GLY G 61 9.40 29.19 -26.49
N LEU G 62 8.55 29.71 -27.36
CA LEU G 62 7.84 28.82 -28.30
C LEU G 62 8.78 28.37 -29.42
N TRP G 63 9.75 29.19 -29.79
CA TRP G 63 10.60 28.84 -30.96
C TRP G 63 12.08 28.73 -30.59
N ARG G 64 12.58 29.62 -29.74
CA ARG G 64 14.03 29.65 -29.48
C ARG G 64 14.31 29.52 -27.99
N THR G 65 15.48 28.96 -27.69
CA THR G 65 15.94 28.89 -26.28
C THR G 65 17.29 29.58 -26.19
N CYS G 66 17.48 30.34 -25.13
CA CYS G 66 18.73 31.12 -24.99
C CYS G 66 19.26 30.96 -23.56
N CYS G 67 20.57 30.82 -23.43
CA CYS G 67 21.18 30.66 -22.10
C CYS G 67 21.04 31.96 -21.32
N LEU G 68 20.61 31.87 -20.07
CA LEU G 68 20.39 33.09 -19.27
C LEU G 68 21.73 33.69 -18.82
N GLU G 69 22.75 32.86 -18.69
CA GLU G 69 24.08 33.36 -18.28
C GLU G 69 25.14 32.35 -18.72
N GLY G 70 26.39 32.73 -18.55
CA GLY G 70 27.50 31.86 -18.99
C GLY G 70 28.26 32.46 -20.15
N ALA G 71 29.18 31.69 -20.70
CA ALA G 71 29.99 32.18 -21.83
C ALA G 71 29.10 32.45 -23.04
N PHE G 72 28.15 31.55 -23.30
CA PHE G 72 27.26 31.71 -24.47
C PHE G 72 25.99 32.48 -24.09
N ARG G 73 26.09 33.38 -23.12
CA ARG G 73 24.91 34.15 -22.69
C ARG G 73 24.37 34.96 -23.86
N GLY G 74 23.06 34.90 -24.06
CA GLY G 74 22.45 35.66 -25.16
C GLY G 74 22.47 34.93 -26.50
N VAL G 75 23.09 33.75 -26.55
CA VAL G 75 23.05 32.97 -27.81
C VAL G 75 21.76 32.16 -27.81
N CYS G 76 20.97 32.31 -28.88
CA CYS G 76 19.66 31.62 -28.96
C CYS G 76 19.73 30.52 -30.01
N LYS G 77 19.35 29.32 -29.60
CA LYS G 77 19.32 28.18 -30.55
C LYS G 77 17.86 27.81 -30.80
N LYS G 78 17.54 27.55 -32.05
CA LYS G 78 16.15 27.17 -32.40
C LYS G 78 15.78 25.88 -31.69
N ILE G 79 14.58 25.85 -31.13
CA ILE G 79 14.14 24.62 -30.42
C ILE G 79 13.99 23.49 -31.43
N ASP G 80 14.65 22.38 -31.15
CA ASP G 80 14.56 21.20 -32.05
C ASP G 80 13.49 20.31 -31.42
N HIS G 81 12.27 20.45 -31.90
CA HIS G 81 11.15 19.71 -31.27
C HIS G 81 11.24 18.22 -31.56
N PHE G 82 11.57 17.86 -32.80
CA PHE G 82 11.56 16.43 -33.17
C PHE G 82 12.77 15.69 -32.60
N PRO G 83 12.70 14.37 -32.42
CA PRO G 83 13.78 13.61 -31.80
C PRO G 83 14.66 12.89 -32.82
N ASP G 91 3.72 5.41 -32.53
CA ASP G 91 3.31 6.44 -31.56
C ASP G 91 2.64 7.59 -32.29
N THR G 92 1.43 7.36 -32.77
CA THR G 92 0.73 8.42 -33.55
C THR G 92 0.40 9.60 -32.64
N ALA G 93 -0.04 9.32 -31.42
CA ALA G 93 -0.37 10.42 -30.49
C ALA G 93 0.87 11.25 -30.18
N GLU G 94 2.00 10.59 -29.98
CA GLU G 94 3.25 11.33 -29.68
C GLU G 94 3.63 12.17 -30.91
N TYR G 95 3.49 11.63 -32.10
CA TYR G 95 3.81 12.40 -33.31
C TYR G 95 2.86 13.58 -33.45
N LEU G 96 1.56 13.34 -33.19
CA LEU G 96 0.58 14.44 -33.33
C LEU G 96 0.84 15.50 -32.25
N LEU G 97 1.24 15.07 -31.07
CA LEU G 97 1.50 16.04 -29.98
C LEU G 97 2.67 16.94 -30.37
N ARG G 98 3.72 16.36 -30.95
CA ARG G 98 4.86 17.20 -31.38
C ARG G 98 4.47 18.05 -32.59
N ALA G 99 3.65 17.51 -33.48
CA ALA G 99 3.29 18.27 -34.70
C ALA G 99 2.57 19.56 -34.33
N VAL G 100 1.63 19.50 -33.40
CA VAL G 100 0.88 20.72 -33.04
C VAL G 100 1.77 21.61 -32.16
N ARG G 101 2.64 21.00 -31.37
CA ARG G 101 3.50 21.81 -30.48
C ARG G 101 4.58 22.51 -31.31
N ALA G 102 5.23 21.79 -32.22
CA ALA G 102 6.30 22.41 -33.02
C ALA G 102 5.73 23.54 -33.89
N SER G 103 4.59 23.31 -34.50
CA SER G 103 3.99 24.34 -35.37
C SER G 103 3.33 25.43 -34.55
N SER G 104 2.94 25.13 -33.31
CA SER G 104 2.22 26.10 -32.46
C SER G 104 0.97 26.59 -33.20
N VAL G 105 0.23 25.66 -33.78
CA VAL G 105 -0.95 26.06 -34.59
C VAL G 105 -2.01 26.66 -33.68
N PHE G 106 -2.14 26.17 -32.46
CA PHE G 106 -3.22 26.67 -31.59
C PHE G 106 -2.89 28.06 -31.05
N PRO G 107 -1.70 28.32 -30.48
CA PRO G 107 -1.41 29.68 -30.05
C PRO G 107 -1.45 30.69 -31.20
N ILE G 108 -1.04 30.27 -32.40
CA ILE G 108 -1.11 31.18 -33.56
C ILE G 108 -2.57 31.39 -33.96
N LEU G 109 -3.37 30.33 -33.89
CA LEU G 109 -4.79 30.46 -34.28
C LEU G 109 -5.49 31.47 -33.36
N SER G 110 -5.16 31.45 -32.08
CA SER G 110 -5.80 32.39 -31.14
C SER G 110 -5.45 33.84 -31.50
N VAL G 111 -4.26 34.06 -32.06
CA VAL G 111 -3.90 35.42 -32.49
C VAL G 111 -4.79 35.84 -33.66
N THR G 112 -5.04 34.93 -34.59
CA THR G 112 -5.84 35.32 -35.78
C THR G 112 -7.28 35.63 -35.37
N LEU G 113 -7.84 34.82 -34.48
CA LEU G 113 -9.22 35.09 -34.03
C LEU G 113 -9.27 36.42 -33.29
N LEU G 114 -8.28 36.72 -32.45
CA LEU G 114 -8.27 38.02 -31.75
C LEU G 114 -8.13 39.15 -32.77
N PHE G 115 -7.31 38.96 -33.79
CA PHE G 115 -7.21 39.99 -34.84
C PHE G 115 -8.54 40.13 -35.58
N PHE G 116 -9.19 39.00 -35.89
CA PHE G 116 -10.51 39.07 -36.55
C PHE G 116 -11.54 39.68 -35.61
N GLY G 117 -11.46 39.34 -34.32
CA GLY G 117 -12.41 39.93 -33.36
C GLY G 117 -12.25 41.43 -33.27
N GLY G 118 -11.02 41.91 -33.31
CA GLY G 118 -10.80 43.37 -33.28
C GLY G 118 -11.35 44.05 -34.51
N LEU G 119 -11.21 43.40 -35.67
CA LEU G 119 -11.73 44.01 -36.92
C LEU G 119 -13.25 44.16 -36.83
N CYS G 120 -13.94 43.14 -36.35
CA CYS G 120 -15.42 43.21 -36.31
C CYS G 120 -15.87 44.31 -35.35
N VAL G 121 -15.15 44.51 -34.27
CA VAL G 121 -15.52 45.61 -33.35
C VAL G 121 -15.36 46.96 -34.06
N ALA G 122 -14.26 47.13 -34.79
CA ALA G 122 -14.07 48.40 -35.52
C ALA G 122 -15.12 48.54 -36.61
N ALA G 123 -15.42 47.45 -37.30
CA ALA G 123 -16.39 47.51 -38.41
C ALA G 123 -17.81 47.77 -37.90
N SER G 124 -18.05 47.56 -36.61
CA SER G 124 -19.39 47.85 -36.05
C SER G 124 -19.69 49.34 -36.15
N GLU G 125 -18.71 50.19 -35.82
CA GLU G 125 -18.98 51.64 -35.83
C GLU G 125 -19.22 52.14 -37.26
N PHE G 126 -18.40 51.68 -38.20
CA PHE G 126 -18.56 52.16 -39.59
C PHE G 126 -19.86 51.61 -40.19
N HIS G 127 -20.20 50.36 -39.87
CA HIS G 127 -21.44 49.75 -40.39
C HIS G 127 -22.36 49.50 -39.20
N ARG G 128 -23.13 50.52 -38.85
CA ARG G 128 -24.09 50.36 -37.73
C ARG G 128 -25.41 49.77 -38.22
N SER G 129 -25.53 49.55 -39.53
CA SER G 129 -26.77 48.94 -40.06
C SER G 129 -26.94 47.51 -39.54
N ARG G 130 -25.84 46.76 -39.47
CA ARG G 130 -25.96 45.33 -39.10
C ARG G 130 -25.69 45.14 -37.61
N HIS G 131 -26.58 44.43 -36.94
CA HIS G 131 -26.37 44.13 -35.50
C HIS G 131 -25.52 42.87 -35.34
N SER G 132 -25.54 41.97 -36.32
CA SER G 132 -24.82 40.69 -36.21
C SER G 132 -23.30 40.89 -36.25
N VAL G 133 -22.84 42.07 -36.63
CA VAL G 133 -21.38 42.31 -36.71
C VAL G 133 -20.78 42.21 -35.30
N ILE G 134 -21.45 42.80 -34.33
CA ILE G 134 -20.88 42.79 -32.95
C ILE G 134 -21.02 41.40 -32.34
N LEU G 135 -21.97 40.60 -32.80
CA LEU G 135 -22.07 39.22 -32.29
C LEU G 135 -20.87 38.40 -32.78
N SER G 136 -20.45 38.64 -34.01
CA SER G 136 -19.29 37.88 -34.56
C SER G 136 -18.04 38.20 -33.76
N ALA G 137 -17.87 39.47 -33.38
CA ALA G 137 -16.69 39.84 -32.58
C ALA G 137 -16.71 39.10 -31.24
N GLY G 138 -17.86 39.03 -30.60
CA GLY G 138 -17.94 38.29 -29.33
C GLY G 138 -17.61 36.83 -29.50
N ILE G 139 -18.10 36.22 -30.59
CA ILE G 139 -17.82 34.79 -30.81
C ILE G 139 -16.32 34.61 -31.08
N PHE G 140 -15.73 35.52 -31.85
CA PHE G 140 -14.29 35.40 -32.15
C PHE G 140 -13.46 35.54 -30.87
N PHE G 141 -13.83 36.48 -29.99
CA PHE G 141 -13.09 36.63 -28.74
C PHE G 141 -13.30 35.42 -27.83
N VAL G 142 -14.52 34.90 -27.79
CA VAL G 142 -14.75 33.67 -26.99
C VAL G 142 -14.01 32.49 -27.63
N SER G 143 -14.06 32.39 -28.95
CA SER G 143 -13.35 31.29 -29.64
C SER G 143 -11.84 31.40 -29.45
N ALA G 144 -11.32 32.61 -29.41
CA ALA G 144 -9.87 32.80 -29.26
C ALA G 144 -9.41 32.26 -27.91
N GLY G 145 -10.20 32.45 -26.88
CA GLY G 145 -9.80 31.96 -25.56
C GLY G 145 -9.72 30.45 -25.53
N LEU G 146 -10.62 29.78 -26.24
CA LEU G 146 -10.57 28.31 -26.28
C LEU G 146 -9.29 27.83 -26.98
N SER G 147 -8.90 28.50 -28.06
CA SER G 147 -7.64 28.14 -28.74
C SER G 147 -6.45 28.41 -27.82
N ASN G 148 -6.54 29.43 -27.00
CA ASN G 148 -5.46 29.69 -26.02
C ASN G 148 -5.39 28.56 -25.01
N ILE G 149 -6.53 28.01 -24.63
CA ILE G 149 -6.55 26.95 -23.59
C ILE G 149 -5.82 25.72 -24.12
N ILE G 150 -6.10 25.35 -25.37
CA ILE G 150 -5.46 24.13 -25.92
C ILE G 150 -3.96 24.37 -26.06
N GLY G 151 -3.58 25.55 -26.53
CA GLY G 151 -2.15 25.84 -26.68
C GLY G 151 -1.41 25.75 -25.36
N ILE G 152 -2.03 26.22 -24.29
CA ILE G 152 -1.38 26.12 -22.96
C ILE G 152 -1.31 24.65 -22.55
N ILE G 153 -2.37 23.89 -22.78
CA ILE G 153 -2.35 22.47 -22.38
C ILE G 153 -1.36 21.71 -23.26
N VAL G 154 -1.35 22.00 -24.55
CA VAL G 154 -0.41 21.28 -25.45
C VAL G 154 1.02 21.67 -25.12
N TYR G 155 1.28 22.95 -24.88
CA TYR G 155 2.65 23.38 -24.59
C TYR G 155 3.15 22.75 -23.29
N ILE G 156 2.31 22.73 -22.27
CA ILE G 156 2.73 22.16 -20.96
C ILE G 156 2.91 20.65 -21.11
N SER G 157 2.05 20.00 -21.88
CA SER G 157 2.13 18.55 -22.03
C SER G 157 3.44 18.17 -22.74
N ALA G 158 3.84 18.97 -23.73
CA ALA G 158 5.06 18.64 -24.49
C ALA G 158 6.29 18.77 -23.60
N ASN G 159 6.30 19.73 -22.69
CA ASN G 159 7.49 19.91 -21.83
C ASN G 159 7.69 18.70 -20.93
N ALA G 160 6.60 18.12 -20.43
CA ALA G 160 6.73 16.94 -19.55
C ALA G 160 7.32 15.77 -20.34
N GLY G 161 6.88 15.60 -21.59
CA GLY G 161 7.39 14.49 -22.41
C GLY G 161 8.82 14.72 -22.88
N SER G 171 14.05 21.00 -12.05
CA SER G 171 13.09 22.09 -11.72
C SER G 171 12.89 23.01 -12.92
N TYR G 172 11.80 23.75 -12.91
CA TYR G 172 11.47 24.64 -14.04
C TYR G 172 10.46 25.69 -13.56
N SER G 173 10.34 26.74 -14.35
CA SER G 173 9.37 27.81 -14.02
C SER G 173 8.97 28.52 -15.30
N TYR G 174 7.87 29.25 -15.23
CA TYR G 174 7.36 29.96 -16.42
C TYR G 174 7.68 31.45 -16.30
N GLY G 175 8.05 32.03 -17.43
CA GLY G 175 8.42 33.45 -17.43
C GLY G 175 7.23 34.37 -17.60
N TRP G 176 7.52 35.62 -17.95
CA TRP G 176 6.43 36.60 -18.05
C TRP G 176 5.63 36.40 -19.32
N SER G 177 6.25 35.92 -20.39
CA SER G 177 5.52 35.77 -21.65
C SER G 177 4.45 34.70 -21.53
N PHE G 178 4.70 33.66 -20.75
CA PHE G 178 3.63 32.65 -20.55
C PHE G 178 2.46 33.28 -19.82
N TYR G 179 2.74 34.12 -18.82
CA TYR G 179 1.63 34.83 -18.13
C TYR G 179 1.03 35.89 -19.05
N PHE G 180 1.78 36.37 -20.04
CA PHE G 180 1.18 37.27 -21.04
C PHE G 180 0.10 36.52 -21.81
N GLY G 181 0.36 35.27 -22.18
CA GLY G 181 -0.68 34.48 -22.84
C GLY G 181 -1.83 34.15 -21.90
N ALA G 182 -1.50 33.86 -20.65
CA ALA G 182 -2.57 33.53 -19.67
C ALA G 182 -3.45 34.76 -19.43
N PHE G 183 -2.84 35.93 -19.26
CA PHE G 183 -3.65 37.13 -19.00
C PHE G 183 -4.41 37.55 -20.26
N SER G 184 -3.88 37.22 -21.43
CA SER G 184 -4.62 37.52 -22.68
C SER G 184 -5.89 36.69 -22.75
N PHE G 185 -5.85 35.46 -22.26
CA PHE G 185 -7.05 34.61 -22.28
C PHE G 185 -8.15 35.21 -21.41
N ILE G 186 -7.80 35.67 -20.22
CA ILE G 186 -8.82 36.22 -19.29
C ILE G 186 -9.43 37.49 -19.89
N ILE G 187 -8.60 38.33 -20.49
CA ILE G 187 -9.13 39.58 -21.08
C ILE G 187 -10.02 39.24 -22.27
N ALA G 188 -9.62 38.27 -23.07
CA ALA G 188 -10.40 37.93 -24.28
C ALA G 188 -11.80 37.45 -23.91
N GLU G 189 -11.90 36.62 -22.88
CA GLU G 189 -13.23 36.15 -22.45
C GLU G 189 -14.06 37.31 -21.91
N ILE G 190 -13.44 38.19 -21.14
CA ILE G 190 -14.20 39.33 -20.55
C ILE G 190 -14.71 40.23 -21.67
N VAL G 191 -13.89 40.49 -22.67
CA VAL G 191 -14.36 41.30 -23.82
C VAL G 191 -15.45 40.54 -24.57
N GLY G 192 -15.30 39.24 -24.73
CA GLY G 192 -16.34 38.46 -25.42
C GLY G 192 -17.66 38.47 -24.69
N VAL G 193 -17.62 38.48 -23.36
CA VAL G 193 -18.87 38.53 -22.58
C VAL G 193 -19.55 39.89 -22.80
N VAL G 194 -18.77 40.96 -22.76
CA VAL G 194 -19.36 42.30 -22.91
C VAL G 194 -19.86 42.49 -24.35
N ALA G 195 -19.12 41.97 -25.32
CA ALA G 195 -19.52 42.14 -26.73
C ALA G 195 -20.87 41.49 -26.97
N VAL G 196 -21.09 40.29 -26.43
CA VAL G 196 -22.41 39.66 -26.56
C VAL G 196 -23.44 40.46 -25.76
N HIS G 197 -23.03 41.00 -24.62
CA HIS G 197 -23.97 41.79 -23.80
C HIS G 197 -24.47 43.00 -24.60
N ILE G 198 -23.66 43.52 -25.52
CA ILE G 198 -24.15 44.61 -26.38
C ILE G 198 -25.24 44.06 -27.30
N TYR G 199 -25.01 42.90 -27.88
CA TYR G 199 -25.97 42.35 -28.87
C TYR G 199 -27.32 42.08 -28.20
N ILE G 200 -27.30 41.51 -27.00
CA ILE G 200 -28.58 41.16 -26.35
C ILE G 200 -29.32 42.44 -25.97
N GLU G 201 -28.58 43.48 -25.59
CA GLU G 201 -29.25 44.74 -25.19
C GLU G 201 -29.72 45.49 -26.44
N LYS G 202 -28.94 45.42 -27.51
CA LYS G 202 -29.31 46.17 -28.73
C LYS G 202 -30.60 45.59 -29.32
N HIS G 203 -30.72 44.27 -29.38
CA HIS G 203 -31.96 43.68 -29.94
C HIS G 203 -33.11 43.85 -28.96
N GLN G 204 -32.84 43.82 -27.67
CA GLN G 204 -33.93 43.90 -26.68
C GLN G 204 -34.69 45.22 -26.81
N GLN G 205 -33.98 46.31 -27.04
CA GLN G 205 -34.67 47.62 -27.16
C GLN G 205 -35.32 47.74 -28.54
N LEU G 206 -34.73 47.09 -29.55
CA LEU G 206 -35.28 47.24 -30.92
C LEU G 206 -36.62 46.50 -31.03
N ARG G 207 -36.68 45.26 -30.55
CA ARG G 207 -37.98 44.54 -30.58
C ARG G 207 -38.97 45.20 -29.63
N ALA G 208 -38.50 45.63 -28.45
CA ALA G 208 -39.41 46.25 -27.46
C ALA G 208 -38.74 47.48 -26.85
N ASP H 4 -44.51 15.13 -39.88
CA ASP H 4 -43.46 14.08 -40.01
C ASP H 4 -44.07 12.71 -39.75
N ARG H 5 -45.37 12.59 -39.94
CA ARG H 5 -46.04 11.29 -39.71
C ARG H 5 -45.56 10.25 -40.71
N GLY H 6 -45.38 10.65 -41.97
CA GLY H 6 -44.98 9.68 -42.99
C GLY H 6 -43.56 9.20 -42.77
N ILE H 7 -42.65 10.12 -42.45
CA ILE H 7 -41.23 9.72 -42.30
C ILE H 7 -41.06 8.84 -41.06
N GLN H 8 -41.83 9.10 -40.01
CA GLN H 8 -41.68 8.30 -38.77
C GLN H 8 -42.03 6.84 -39.04
N MET H 9 -43.11 6.61 -39.76
CA MET H 9 -43.49 5.21 -40.08
C MET H 9 -42.46 4.57 -40.99
N LEU H 10 -41.95 5.32 -41.96
CA LEU H 10 -40.90 4.77 -42.85
C LEU H 10 -39.63 4.48 -42.04
N ILE H 11 -39.29 5.36 -41.10
CA ILE H 11 -38.09 5.13 -40.27
C ILE H 11 -38.27 3.87 -39.44
N THR H 12 -39.45 3.70 -38.86
CA THR H 12 -39.70 2.52 -38.01
C THR H 12 -39.63 1.24 -38.85
N THR H 13 -40.26 1.26 -40.02
CA THR H 13 -40.25 0.06 -40.86
C THR H 13 -38.84 -0.25 -41.37
N VAL H 14 -38.12 0.78 -41.78
CA VAL H 14 -36.74 0.56 -42.28
C VAL H 14 -35.84 0.17 -41.10
N GLY H 15 -36.00 0.84 -39.97
CA GLY H 15 -35.12 0.54 -38.83
C GLY H 15 -35.33 -0.87 -38.32
N ALA H 16 -36.57 -1.34 -38.29
CA ALA H 16 -36.84 -2.70 -37.79
C ALA H 16 -36.14 -3.74 -38.67
N PHE H 17 -36.18 -3.53 -39.99
CA PHE H 17 -35.52 -4.48 -40.90
C PHE H 17 -34.00 -4.44 -40.70
N ALA H 18 -33.45 -3.26 -40.51
CA ALA H 18 -32.00 -3.14 -40.30
C ALA H 18 -31.60 -3.77 -38.98
N ALA H 19 -32.39 -3.56 -37.93
CA ALA H 19 -32.05 -4.14 -36.62
C ALA H 19 -32.14 -5.67 -36.67
N PHE H 20 -33.16 -6.20 -37.34
CA PHE H 20 -33.32 -7.67 -37.40
C PHE H 20 -32.23 -8.28 -38.27
N SER H 21 -31.96 -7.68 -39.43
CA SER H 21 -30.96 -8.26 -40.35
C SER H 21 -29.58 -8.26 -39.70
N LEU H 22 -29.25 -7.20 -38.98
CA LEU H 22 -27.94 -7.16 -38.30
C LEU H 22 -27.88 -8.23 -37.21
N MET H 23 -29.01 -8.52 -36.58
CA MET H 23 -29.01 -9.49 -35.46
C MET H 23 -28.77 -10.90 -35.99
N THR H 24 -29.50 -11.31 -37.02
CA THR H 24 -29.33 -12.69 -37.53
C THR H 24 -27.94 -12.89 -38.11
N ILE H 25 -27.39 -11.87 -38.75
CA ILE H 25 -26.00 -11.99 -39.26
C ILE H 25 -25.04 -12.10 -38.08
N ALA H 26 -25.24 -11.31 -37.05
CA ALA H 26 -24.33 -11.35 -35.89
C ALA H 26 -24.36 -12.73 -35.23
N VAL H 27 -25.54 -13.32 -35.11
CA VAL H 27 -25.64 -14.65 -34.50
C VAL H 27 -25.09 -15.70 -35.46
N GLY H 28 -25.46 -15.60 -36.73
CA GLY H 28 -25.04 -16.65 -37.68
C GLY H 28 -23.55 -16.67 -37.92
N THR H 29 -22.95 -15.49 -38.10
CA THR H 29 -21.52 -15.46 -38.43
C THR H 29 -20.66 -15.74 -37.22
N ASP H 30 -19.39 -16.05 -37.47
CA ASP H 30 -18.48 -16.49 -36.39
C ASP H 30 -17.24 -15.61 -36.37
N TYR H 31 -17.44 -14.30 -36.39
CA TYR H 31 -16.30 -13.35 -36.27
C TYR H 31 -16.47 -12.49 -35.01
N TRP H 32 -16.95 -13.09 -33.94
CA TRP H 32 -17.20 -12.32 -32.70
C TRP H 32 -15.89 -11.93 -32.03
N LEU H 33 -14.98 -12.87 -31.88
CA LEU H 33 -13.73 -12.61 -31.13
C LEU H 33 -12.52 -13.14 -31.88
N TYR H 34 -11.45 -12.38 -31.84
CA TYR H 34 -10.17 -12.81 -32.41
C TYR H 34 -9.25 -13.21 -31.26
N SER H 35 -8.82 -14.47 -31.26
CA SER H 35 -8.03 -14.96 -30.13
C SER H 35 -7.04 -16.01 -30.61
N ARG H 36 -6.08 -16.33 -29.74
CA ARG H 36 -5.07 -17.35 -30.07
C ARG H 36 -5.58 -18.70 -29.58
N GLY H 37 -5.69 -19.65 -30.51
CA GLY H 37 -6.24 -20.94 -30.09
C GLY H 37 -6.06 -22.03 -31.13
N VAL H 38 -6.81 -23.11 -30.96
CA VAL H 38 -6.68 -24.28 -31.86
C VAL H 38 -8.02 -24.56 -32.54
N CYS H 39 -7.97 -24.94 -33.81
CA CYS H 39 -9.22 -25.33 -34.52
C CYS H 39 -9.17 -26.81 -34.90
N ARG H 40 -8.27 -27.58 -34.29
CA ARG H 40 -8.13 -29.00 -34.66
C ARG H 40 -9.29 -29.78 -34.03
N GLU H 54 0.04 -27.24 -31.66
CA GLU H 54 0.32 -25.80 -31.42
C GLU H 54 -0.94 -24.97 -31.70
N GLU H 55 -0.94 -23.72 -31.24
CA GLU H 55 -2.13 -22.86 -31.41
C GLU H 55 -1.78 -21.62 -32.23
N VAL H 56 -2.79 -21.07 -32.91
CA VAL H 56 -2.56 -19.93 -33.83
C VAL H 56 -3.68 -18.92 -33.67
N MET H 57 -3.62 -17.85 -34.45
CA MET H 57 -4.69 -16.85 -34.46
C MET H 57 -5.99 -17.48 -34.94
N THR H 58 -7.07 -17.23 -34.21
CA THR H 58 -8.38 -17.76 -34.58
C THR H 58 -9.45 -16.69 -34.47
N HIS H 59 -10.52 -16.87 -35.22
CA HIS H 59 -11.70 -15.98 -35.08
C HIS H 59 -12.83 -16.84 -34.50
N SER H 60 -13.40 -16.38 -33.40
CA SER H 60 -14.41 -17.18 -32.67
C SER H 60 -15.79 -16.57 -32.81
N GLY H 61 -16.80 -17.43 -32.85
CA GLY H 61 -18.18 -16.94 -32.90
C GLY H 61 -18.98 -17.44 -31.72
N LEU H 62 -20.30 -17.46 -31.87
CA LEU H 62 -21.14 -17.96 -30.75
C LEU H 62 -21.12 -19.49 -30.70
N TRP H 63 -20.88 -20.15 -31.83
CA TRP H 63 -20.95 -21.63 -31.87
C TRP H 63 -19.66 -22.24 -32.39
N ARG H 64 -18.93 -21.54 -33.25
CA ARG H 64 -17.72 -22.13 -33.86
C ARG H 64 -16.53 -21.18 -33.74
N THR H 65 -15.37 -21.75 -33.47
CA THR H 65 -14.12 -20.96 -33.51
C THR H 65 -13.27 -21.54 -34.65
N CYS H 66 -12.67 -20.65 -35.45
CA CYS H 66 -11.91 -21.13 -36.62
C CYS H 66 -10.63 -20.31 -36.77
N CYS H 67 -9.55 -21.00 -37.13
CA CYS H 67 -8.26 -20.31 -37.34
C CYS H 67 -8.27 -19.56 -38.67
N LEU H 68 -7.59 -18.42 -38.70
CA LEU H 68 -7.51 -17.63 -39.95
C LEU H 68 -6.07 -17.54 -40.46
N GLU H 69 -5.11 -18.16 -39.78
CA GLU H 69 -3.75 -18.25 -40.35
C GLU H 69 -3.18 -19.62 -40.00
N GLY H 70 -2.23 -20.07 -40.80
CA GLY H 70 -1.68 -21.42 -40.61
C GLY H 70 -2.17 -22.40 -41.65
N ALA H 71 -1.74 -23.66 -41.50
CA ALA H 71 -2.11 -24.68 -42.51
C ALA H 71 -3.60 -25.04 -42.40
N PHE H 72 -4.25 -24.68 -41.30
CA PHE H 72 -5.67 -25.05 -41.10
C PHE H 72 -6.58 -23.86 -41.43
N ARG H 73 -6.24 -23.13 -42.49
CA ARG H 73 -7.02 -21.95 -42.89
C ARG H 73 -8.49 -22.31 -43.14
N GLY H 74 -9.38 -21.76 -42.32
CA GLY H 74 -10.82 -21.92 -42.60
C GLY H 74 -11.46 -23.17 -42.03
N VAL H 75 -10.66 -24.20 -41.75
CA VAL H 75 -11.25 -25.48 -41.27
C VAL H 75 -11.39 -25.39 -39.76
N CYS H 76 -12.53 -25.83 -39.24
CA CYS H 76 -12.75 -25.65 -37.80
C CYS H 76 -13.89 -26.53 -37.28
N LYS H 77 -14.03 -26.59 -35.96
CA LYS H 77 -15.04 -27.48 -35.36
C LYS H 77 -15.92 -26.68 -34.39
N LYS H 78 -16.88 -27.36 -33.80
CA LYS H 78 -17.79 -26.69 -32.85
C LYS H 78 -17.03 -26.24 -31.59
N ILE H 79 -17.55 -25.21 -30.96
CA ILE H 79 -16.93 -24.75 -29.70
C ILE H 79 -17.50 -25.59 -28.57
N ASP H 80 -16.62 -26.19 -27.78
CA ASP H 80 -17.09 -26.90 -26.58
C ASP H 80 -17.23 -25.85 -25.48
N HIS H 81 -18.20 -26.05 -24.60
CA HIS H 81 -18.42 -25.04 -23.54
C HIS H 81 -18.12 -25.63 -22.16
N PHE H 82 -18.59 -26.85 -21.93
CA PHE H 82 -18.36 -27.49 -20.62
C PHE H 82 -17.00 -28.17 -20.63
N PRO H 83 -16.07 -27.76 -19.75
CA PRO H 83 -14.72 -28.33 -19.74
C PRO H 83 -14.60 -29.58 -18.85
N ASP H 91 -19.86 -25.05 -7.77
CA ASP H 91 -19.72 -23.95 -8.75
C ASP H 91 -21.08 -23.68 -9.40
N THR H 92 -22.09 -23.45 -8.58
CA THR H 92 -23.45 -23.26 -9.13
C THR H 92 -23.51 -21.96 -9.94
N ALA H 93 -22.91 -20.89 -9.45
CA ALA H 93 -22.96 -19.61 -10.17
C ALA H 93 -22.25 -19.74 -11.52
N GLU H 94 -21.11 -20.42 -11.53
CA GLU H 94 -20.35 -20.59 -12.80
C GLU H 94 -21.17 -21.49 -13.73
N TYR H 95 -21.82 -22.50 -13.18
CA TYR H 95 -22.62 -23.42 -14.03
C TYR H 95 -23.78 -22.66 -14.68
N LEU H 96 -24.44 -21.79 -13.92
CA LEU H 96 -25.56 -21.02 -14.51
C LEU H 96 -25.05 -20.10 -15.61
N LEU H 97 -23.91 -19.44 -15.38
CA LEU H 97 -23.37 -18.55 -16.44
C LEU H 97 -22.98 -19.37 -17.67
N ARG H 98 -22.36 -20.53 -17.44
CA ARG H 98 -21.93 -21.35 -18.58
C ARG H 98 -23.15 -21.91 -19.31
N ALA H 99 -24.17 -22.32 -18.56
CA ALA H 99 -25.39 -22.86 -19.20
C ALA H 99 -26.06 -21.79 -20.05
N VAL H 100 -26.18 -20.58 -19.54
CA VAL H 100 -26.79 -19.49 -20.34
C VAL H 100 -25.89 -19.18 -21.54
N ARG H 101 -24.59 -19.14 -21.32
CA ARG H 101 -23.65 -18.82 -22.42
C ARG H 101 -23.69 -19.94 -23.47
N ALA H 102 -23.69 -21.20 -23.02
CA ALA H 102 -23.71 -22.32 -23.98
C ALA H 102 -24.99 -22.28 -24.80
N SER H 103 -26.11 -22.04 -24.14
CA SER H 103 -27.40 -21.97 -24.86
C SER H 103 -27.47 -20.67 -25.66
N SER H 104 -26.87 -19.60 -25.16
CA SER H 104 -26.92 -18.28 -25.81
C SER H 104 -28.37 -17.89 -26.06
N VAL H 105 -29.21 -18.08 -25.05
CA VAL H 105 -30.66 -17.82 -25.24
C VAL H 105 -30.89 -16.32 -25.40
N PHE H 106 -30.10 -15.49 -24.73
CA PHE H 106 -30.38 -14.04 -24.78
C PHE H 106 -30.15 -13.47 -26.18
N PRO H 107 -29.04 -13.73 -26.87
CA PRO H 107 -28.93 -13.24 -28.24
C PRO H 107 -30.01 -13.84 -29.16
N ILE H 108 -30.37 -15.09 -28.94
CA ILE H 108 -31.45 -15.70 -29.76
C ILE H 108 -32.80 -15.11 -29.37
N LEU H 109 -33.00 -14.87 -28.08
CA LEU H 109 -34.28 -14.24 -27.65
C LEU H 109 -34.42 -12.87 -28.31
N SER H 110 -33.31 -12.16 -28.48
CA SER H 110 -33.37 -10.84 -29.15
C SER H 110 -33.76 -11.01 -30.62
N VAL H 111 -33.42 -12.14 -31.22
CA VAL H 111 -33.83 -12.37 -32.63
C VAL H 111 -35.35 -12.53 -32.69
N THR H 112 -35.92 -13.29 -31.76
CA THR H 112 -37.39 -13.52 -31.79
C THR H 112 -38.12 -12.22 -31.52
N LEU H 113 -37.65 -11.45 -30.55
CA LEU H 113 -38.36 -10.20 -30.19
C LEU H 113 -38.33 -9.21 -31.36
N LEU H 114 -37.23 -9.16 -32.09
CA LEU H 114 -37.23 -8.32 -33.31
C LEU H 114 -38.25 -8.91 -34.30
N PHE H 115 -38.28 -10.23 -34.43
CA PHE H 115 -39.23 -10.85 -35.38
C PHE H 115 -40.67 -10.55 -34.97
N PHE H 116 -40.97 -10.64 -33.69
CA PHE H 116 -42.33 -10.32 -33.22
C PHE H 116 -42.59 -8.82 -33.36
N GLY H 117 -41.59 -8.00 -33.08
CA GLY H 117 -41.75 -6.55 -33.24
C GLY H 117 -41.94 -6.15 -34.69
N GLY H 118 -41.23 -6.81 -35.59
CA GLY H 118 -41.39 -6.50 -37.02
C GLY H 118 -42.78 -6.83 -37.50
N LEU H 119 -43.33 -7.95 -37.05
CA LEU H 119 -44.67 -8.36 -37.50
C LEU H 119 -45.70 -7.33 -37.03
N CYS H 120 -45.55 -6.82 -35.82
CA CYS H 120 -46.52 -5.84 -35.30
C CYS H 120 -46.49 -4.57 -36.15
N VAL H 121 -45.28 -4.14 -36.53
CA VAL H 121 -45.17 -2.94 -37.40
C VAL H 121 -45.81 -3.23 -38.76
N ALA H 122 -45.57 -4.41 -39.31
CA ALA H 122 -46.20 -4.78 -40.59
C ALA H 122 -47.72 -4.82 -40.45
N ALA H 123 -48.20 -5.39 -39.36
CA ALA H 123 -49.66 -5.47 -39.14
C ALA H 123 -50.21 -4.12 -38.66
N SER H 124 -49.33 -3.19 -38.29
CA SER H 124 -49.80 -1.88 -37.81
C SER H 124 -50.53 -1.13 -38.91
N GLU H 125 -50.02 -1.20 -40.14
CA GLU H 125 -50.66 -0.45 -41.24
C GLU H 125 -51.97 -1.11 -41.68
N PHE H 126 -52.27 -2.31 -41.19
CA PHE H 126 -53.58 -2.93 -41.49
C PHE H 126 -54.65 -2.45 -40.51
N HIS H 127 -54.46 -2.73 -39.21
CA HIS H 127 -55.49 -2.38 -38.21
C HIS H 127 -55.22 -0.97 -37.68
N ARG H 128 -55.73 0.01 -38.40
CA ARG H 128 -55.60 1.41 -37.91
C ARG H 128 -56.52 1.63 -36.71
N SER H 129 -57.61 0.86 -36.63
CA SER H 129 -58.58 1.05 -35.54
C SER H 129 -57.93 0.71 -34.19
N ARG H 130 -57.15 -0.36 -34.14
CA ARG H 130 -56.50 -0.76 -32.87
C ARG H 130 -55.16 -0.05 -32.76
N HIS H 131 -55.03 0.81 -31.76
CA HIS H 131 -53.78 1.59 -31.59
C HIS H 131 -52.78 0.89 -30.69
N SER H 132 -53.15 -0.26 -30.13
CA SER H 132 -52.23 -0.98 -29.22
C SER H 132 -51.21 -1.81 -30.01
N VAL H 133 -51.44 -2.05 -31.30
CA VAL H 133 -50.51 -2.94 -32.04
C VAL H 133 -49.18 -2.20 -32.27
N ILE H 134 -49.24 -0.89 -32.50
CA ILE H 134 -47.99 -0.13 -32.71
C ILE H 134 -47.25 0.03 -31.38
N LEU H 135 -47.99 0.23 -30.30
CA LEU H 135 -47.33 0.32 -28.97
C LEU H 135 -46.69 -1.01 -28.61
N SER H 136 -47.35 -2.12 -28.94
CA SER H 136 -46.77 -3.45 -28.66
C SER H 136 -45.44 -3.60 -29.40
N ALA H 137 -45.36 -3.07 -30.62
CA ALA H 137 -44.08 -3.12 -31.34
C ALA H 137 -43.02 -2.32 -30.59
N GLY H 138 -43.39 -1.17 -30.04
CA GLY H 138 -42.43 -0.37 -29.29
C GLY H 138 -41.91 -1.10 -28.08
N ILE H 139 -42.79 -1.81 -27.39
CA ILE H 139 -42.35 -2.57 -26.19
C ILE H 139 -41.42 -3.69 -26.65
N PHE H 140 -41.73 -4.32 -27.77
CA PHE H 140 -40.90 -5.45 -28.23
C PHE H 140 -39.48 -4.98 -28.57
N PHE H 141 -39.37 -3.84 -29.23
CA PHE H 141 -38.03 -3.32 -29.57
C PHE H 141 -37.27 -2.91 -28.32
N VAL H 142 -37.95 -2.24 -27.39
CA VAL H 142 -37.27 -1.82 -26.14
C VAL H 142 -36.85 -3.05 -25.35
N SER H 143 -37.73 -4.04 -25.26
CA SER H 143 -37.42 -5.25 -24.47
C SER H 143 -36.28 -6.01 -25.13
N ALA H 144 -36.27 -6.08 -26.46
CA ALA H 144 -35.22 -6.82 -27.17
C ALA H 144 -33.86 -6.20 -26.90
N GLY H 145 -33.78 -4.88 -26.91
CA GLY H 145 -32.50 -4.22 -26.61
C GLY H 145 -32.00 -4.57 -25.22
N LEU H 146 -32.90 -4.74 -24.26
CA LEU H 146 -32.47 -5.16 -22.91
C LEU H 146 -31.94 -6.59 -22.97
N SER H 147 -32.49 -7.41 -23.86
CA SER H 147 -31.99 -8.79 -24.00
C SER H 147 -30.61 -8.80 -24.65
N ASN H 148 -30.30 -7.81 -25.48
CA ASN H 148 -28.97 -7.76 -26.11
C ASN H 148 -27.91 -7.38 -25.08
N ILE H 149 -28.15 -6.32 -24.31
CA ILE H 149 -27.08 -5.86 -23.38
C ILE H 149 -26.85 -6.96 -22.35
N ILE H 150 -27.90 -7.64 -21.93
CA ILE H 150 -27.69 -8.76 -20.97
C ILE H 150 -27.02 -9.92 -21.70
N GLY H 151 -27.25 -10.05 -22.99
CA GLY H 151 -26.56 -11.11 -23.75
C GLY H 151 -25.08 -10.80 -23.91
N ILE H 152 -24.75 -9.54 -24.13
CA ILE H 152 -23.34 -9.14 -24.29
C ILE H 152 -22.60 -9.35 -22.97
N ILE H 153 -23.22 -8.98 -21.86
CA ILE H 153 -22.53 -9.11 -20.55
C ILE H 153 -22.26 -10.59 -20.28
N VAL H 154 -23.22 -11.44 -20.58
CA VAL H 154 -23.02 -12.90 -20.36
C VAL H 154 -21.89 -13.39 -21.26
N TYR H 155 -21.88 -12.93 -22.51
CA TYR H 155 -20.84 -13.40 -23.45
C TYR H 155 -19.46 -12.92 -23.00
N ILE H 156 -19.37 -11.67 -22.57
CA ILE H 156 -18.04 -11.13 -22.17
C ILE H 156 -17.59 -11.81 -20.89
N SER H 157 -18.48 -11.97 -19.92
CA SER H 157 -18.07 -12.55 -18.62
C SER H 157 -17.60 -13.99 -18.81
N ALA H 158 -18.30 -14.75 -19.63
CA ALA H 158 -17.92 -16.15 -19.85
C ALA H 158 -16.62 -16.22 -20.66
N ASN H 159 -16.43 -15.29 -21.58
CA ASN H 159 -15.19 -15.27 -22.38
C ASN H 159 -13.99 -15.08 -21.46
N ALA H 160 -14.05 -14.10 -20.58
CA ALA H 160 -12.92 -13.84 -19.66
C ALA H 160 -12.75 -15.03 -18.70
N GLY H 161 -13.85 -15.59 -18.22
CA GLY H 161 -13.76 -16.71 -17.28
C GLY H 161 -13.84 -18.06 -17.97
N SER H 171 -4.33 -12.01 -25.12
CA SER H 171 -4.84 -10.81 -25.83
C SER H 171 -6.00 -11.20 -26.74
N TYR H 172 -6.89 -10.24 -27.00
CA TYR H 172 -8.02 -10.54 -27.90
C TYR H 172 -8.53 -9.26 -28.55
N SER H 173 -9.42 -9.43 -29.51
CA SER H 173 -10.04 -8.28 -30.19
C SER H 173 -11.41 -8.73 -30.68
N TYR H 174 -12.29 -7.76 -30.93
CA TYR H 174 -13.67 -8.08 -31.34
C TYR H 174 -13.84 -7.82 -32.82
N GLY H 175 -14.44 -8.77 -33.51
CA GLY H 175 -14.68 -8.60 -34.94
C GLY H 175 -15.95 -7.85 -35.23
N TRP H 176 -16.30 -7.79 -36.50
CA TRP H 176 -17.49 -7.03 -36.90
C TRP H 176 -18.77 -7.72 -36.42
N SER H 177 -18.71 -9.03 -36.18
CA SER H 177 -19.91 -9.75 -35.70
C SER H 177 -20.32 -9.22 -34.32
N PHE H 178 -19.37 -9.00 -33.44
CA PHE H 178 -19.72 -8.44 -32.12
C PHE H 178 -20.28 -7.04 -32.27
N TYR H 179 -19.66 -6.23 -33.13
CA TYR H 179 -20.15 -4.84 -33.30
C TYR H 179 -21.50 -4.81 -34.01
N PHE H 180 -21.80 -5.83 -34.79
CA PHE H 180 -23.16 -5.90 -35.40
C PHE H 180 -24.20 -6.03 -34.29
N GLY H 181 -23.92 -6.86 -33.29
CA GLY H 181 -24.85 -6.95 -32.16
C GLY H 181 -24.91 -5.66 -31.38
N ALA H 182 -23.78 -4.97 -31.27
CA ALA H 182 -23.79 -3.66 -30.57
C ALA H 182 -24.62 -2.65 -31.36
N PHE H 183 -24.50 -2.64 -32.67
CA PHE H 183 -25.27 -1.67 -33.49
C PHE H 183 -26.73 -2.11 -33.63
N SER H 184 -27.02 -3.39 -33.44
CA SER H 184 -28.43 -3.83 -33.48
C SER H 184 -29.15 -3.36 -32.21
N PHE H 185 -28.43 -3.18 -31.12
CA PHE H 185 -29.06 -2.70 -29.87
C PHE H 185 -29.42 -1.23 -30.01
N ILE H 186 -28.50 -0.42 -30.52
CA ILE H 186 -28.76 1.03 -30.63
C ILE H 186 -29.93 1.27 -31.58
N ILE H 187 -29.96 0.56 -32.70
CA ILE H 187 -31.05 0.76 -33.68
C ILE H 187 -32.37 0.32 -33.04
N ALA H 188 -32.37 -0.77 -32.29
CA ALA H 188 -33.62 -1.28 -31.70
C ALA H 188 -34.18 -0.26 -30.72
N GLU H 189 -33.33 0.36 -29.91
CA GLU H 189 -33.82 1.39 -28.96
C GLU H 189 -34.36 2.60 -29.72
N ILE H 190 -33.68 3.00 -30.79
CA ILE H 190 -34.13 4.21 -31.52
C ILE H 190 -35.48 3.95 -32.17
N VAL H 191 -35.65 2.77 -32.75
CA VAL H 191 -36.94 2.44 -33.39
C VAL H 191 -38.02 2.34 -32.31
N GLY H 192 -37.69 1.78 -31.16
CA GLY H 192 -38.67 1.69 -30.09
C GLY H 192 -39.14 3.05 -29.62
N VAL H 193 -38.23 4.00 -29.50
CA VAL H 193 -38.62 5.36 -29.09
C VAL H 193 -39.53 5.99 -30.14
N VAL H 194 -39.18 5.80 -31.41
CA VAL H 194 -40.01 6.36 -32.50
C VAL H 194 -41.37 5.66 -32.52
N ALA H 195 -41.38 4.36 -32.31
CA ALA H 195 -42.66 3.61 -32.31
C ALA H 195 -43.56 4.10 -31.17
N VAL H 196 -42.99 4.37 -30.01
CA VAL H 196 -43.81 4.88 -28.89
C VAL H 196 -44.28 6.30 -29.21
N HIS H 197 -43.44 7.09 -29.86
CA HIS H 197 -43.85 8.46 -30.22
C HIS H 197 -45.04 8.43 -31.16
N ILE H 198 -45.04 7.47 -32.10
CA ILE H 198 -46.16 7.40 -33.07
C ILE H 198 -47.45 7.06 -32.33
N TYR H 199 -47.38 6.13 -31.39
CA TYR H 199 -48.60 5.74 -30.65
C TYR H 199 -49.07 6.89 -29.77
N ILE H 200 -48.14 7.60 -29.15
CA ILE H 200 -48.54 8.68 -28.21
C ILE H 200 -49.25 9.79 -28.97
N GLU H 201 -48.72 10.16 -30.13
CA GLU H 201 -49.34 11.28 -30.87
C GLU H 201 -50.70 10.86 -31.41
N LYS H 202 -50.88 9.58 -31.69
CA LYS H 202 -52.19 9.11 -32.17
C LYS H 202 -53.24 9.26 -31.06
N HIS H 203 -52.88 8.90 -29.84
CA HIS H 203 -53.84 9.10 -28.73
C HIS H 203 -54.02 10.57 -28.42
N GLN H 204 -53.00 11.37 -28.68
CA GLN H 204 -53.15 12.84 -28.50
C GLN H 204 -54.15 13.36 -29.53
N GLN H 205 -54.04 12.89 -30.77
CA GLN H 205 -54.98 13.33 -31.81
C GLN H 205 -56.39 12.80 -31.52
N LEU H 206 -56.49 11.57 -31.04
CA LEU H 206 -57.83 11.04 -30.66
C LEU H 206 -58.42 11.87 -29.51
N ARG H 207 -57.59 12.25 -28.54
CA ARG H 207 -58.08 13.07 -27.42
C ARG H 207 -58.45 14.49 -27.90
N ALA H 208 -57.93 14.92 -29.04
CA ALA H 208 -58.23 16.28 -29.54
C ALA H 208 -59.51 16.27 -30.39
#